data_2WHN
# 
_entry.id   2WHN 
# 
_audit_conform.dict_name       mmcif_pdbx.dic 
_audit_conform.dict_version    5.391 
_audit_conform.dict_location   http://mmcif.pdb.org/dictionaries/ascii/mmcif_pdbx.dic 
# 
loop_
_database_2.database_id 
_database_2.database_code 
_database_2.pdbx_database_accession 
_database_2.pdbx_DOI 
PDB   2WHN         pdb_00002whn 10.2210/pdb2whn/pdb 
PDBE  EBI-39708    ?            ?                   
WWPDB D_1290039708 ?            ?                   
# 
loop_
_pdbx_audit_revision_history.ordinal 
_pdbx_audit_revision_history.data_content_type 
_pdbx_audit_revision_history.major_revision 
_pdbx_audit_revision_history.minor_revision 
_pdbx_audit_revision_history.revision_date 
1 'Structure model' 1 0 2010-05-19 
2 'Structure model' 1 1 2011-07-13 
3 'Structure model' 1 2 2019-04-03 
4 'Structure model' 1 3 2019-04-10 
5 'Structure model' 1 4 2024-05-08 
# 
_pdbx_audit_revision_details.ordinal             1 
_pdbx_audit_revision_details.revision_ordinal    1 
_pdbx_audit_revision_details.data_content_type   'Structure model' 
_pdbx_audit_revision_details.provider            repository 
_pdbx_audit_revision_details.type                'Initial release' 
_pdbx_audit_revision_details.description         ? 
_pdbx_audit_revision_details.details             ? 
# 
loop_
_pdbx_audit_revision_group.ordinal 
_pdbx_audit_revision_group.revision_ordinal 
_pdbx_audit_revision_group.data_content_type 
_pdbx_audit_revision_group.group 
1 2 'Structure model' Advisory                    
2 2 'Structure model' 'Version format compliance' 
3 3 'Structure model' 'Data collection'           
4 3 'Structure model' Other                       
5 4 'Structure model' 'Data collection'           
6 4 'Structure model' 'Source and taxonomy'       
7 5 'Structure model' 'Data collection'           
8 5 'Structure model' 'Database references'       
9 5 'Structure model' Other                       
# 
loop_
_pdbx_audit_revision_category.ordinal 
_pdbx_audit_revision_category.revision_ordinal 
_pdbx_audit_revision_category.data_content_type 
_pdbx_audit_revision_category.category 
1  3 'Structure model' pdbx_database_proc      
2  3 'Structure model' pdbx_database_status    
3  4 'Structure model' database_PDB_rev        
4  4 'Structure model' database_PDB_rev_record 
5  4 'Structure model' entity_src_gen          
6  4 'Structure model' struct_biol             
7  5 'Structure model' chem_comp_atom          
8  5 'Structure model' chem_comp_bond          
9  5 'Structure model' database_2              
10 5 'Structure model' pdbx_database_status    
# 
loop_
_pdbx_audit_revision_item.ordinal 
_pdbx_audit_revision_item.revision_ordinal 
_pdbx_audit_revision_item.data_content_type 
_pdbx_audit_revision_item.item 
1 3 'Structure model' '_pdbx_database_status.recvd_author_approval' 
2 4 'Structure model' '_entity_src_gen.pdbx_host_org_cell_line'     
3 4 'Structure model' '_entity_src_gen.pdbx_host_org_variant'       
4 5 'Structure model' '_database_2.pdbx_DOI'                        
5 5 'Structure model' '_database_2.pdbx_database_accession'         
6 5 'Structure model' '_pdbx_database_status.status_code_sf'        
# 
_pdbx_database_status.status_code                     REL 
_pdbx_database_status.entry_id                        2WHN 
_pdbx_database_status.deposit_site                    PDBE 
_pdbx_database_status.process_site                    PDBE 
_pdbx_database_status.SG_entry                        . 
_pdbx_database_status.recvd_initial_deposition_date   2009-05-05 
_pdbx_database_status.pdb_format_compatible           Y 
_pdbx_database_status.status_code_sf                  REL 
_pdbx_database_status.status_code_mr                  ? 
_pdbx_database_status.status_code_cs                  ? 
_pdbx_database_status.methods_development_category    ? 
_pdbx_database_status.status_code_nmr_data            ? 
# 
loop_
_audit_author.name 
_audit_author.pdbx_ordinal 
'Karuppiah, V.' 1 
'Hassan, D.'    2 
'Saleem, M.'    3 
'Derrick, J.P.' 4 
# 
_citation.id                        primary 
_citation.title                     
'Structure and Oligomerization of the Pilc Type Iv Pilus Biogenesis Protein from Thermus Thermophilus.' 
_citation.journal_abbrev            Proteins 
_citation.journal_volume            78 
_citation.page_first                2049 
_citation.page_last                 ? 
_citation.year                      2010 
_citation.journal_id_ASTM           PSFGEY 
_citation.country                   US 
_citation.journal_id_ISSN           0887-3585 
_citation.journal_id_CSD            0867 
_citation.book_publisher            ? 
_citation.pdbx_database_id_PubMed   20455262 
_citation.pdbx_database_id_DOI      10.1002/PROT.22720 
# 
loop_
_citation_author.citation_id 
_citation_author.name 
_citation_author.ordinal 
_citation_author.identifier_ORCID 
primary 'Karuppiah, V.' 1 ? 
primary 'Hassan, D.'    2 ? 
primary 'Saleem, M.'    3 ? 
primary 'Derrick, J.P.' 4 ? 
# 
loop_
_entity.id 
_entity.type 
_entity.src_method 
_entity.pdbx_description 
_entity.formula_weight 
_entity.pdbx_number_of_molecules 
_entity.pdbx_ec 
_entity.pdbx_mutation 
_entity.pdbx_fragment 
_entity.details 
1 polymer man 'PILUS ASSEMBLY PROTEIN PILC' 12926.129 2  ? ? 'N-TERMINAL DOMAIN, RESIDUES 53-168' ? 
2 water   nat water                         18.015    91 ? ? ?                                    ? 
# 
_entity_name_com.entity_id   1 
_entity_name_com.name        PILC 
# 
_entity_poly.entity_id                      1 
_entity_poly.type                           'polypeptide(L)' 
_entity_poly.nstd_linkage                   no 
_entity_poly.nstd_monomer                   no 
_entity_poly.pdbx_seq_one_letter_code       
;VRIPALERGPGLKDLAIFSRQLATMLGAGLTLLQALAILERQTENRKFREILKQVRTDVEGGMAFSEALSKHKIFSRLYV
NLVRAGETSGGLDLILDRLASFLEKELELRGKIRSA
;
_entity_poly.pdbx_seq_one_letter_code_can   
;VRIPALERGPGLKDLAIFSRQLATMLGAGLTLLQALAILERQTENRKFREILKQVRTDVEGGMAFSEALSKHKIFSRLYV
NLVRAGETSGGLDLILDRLASFLEKELELRGKIRSA
;
_entity_poly.pdbx_strand_id                 A,B 
_entity_poly.pdbx_target_identifier         ? 
# 
_pdbx_entity_nonpoly.entity_id   2 
_pdbx_entity_nonpoly.name        water 
_pdbx_entity_nonpoly.comp_id     HOH 
# 
loop_
_entity_poly_seq.entity_id 
_entity_poly_seq.num 
_entity_poly_seq.mon_id 
_entity_poly_seq.hetero 
1 1   VAL n 
1 2   ARG n 
1 3   ILE n 
1 4   PRO n 
1 5   ALA n 
1 6   LEU n 
1 7   GLU n 
1 8   ARG n 
1 9   GLY n 
1 10  PRO n 
1 11  GLY n 
1 12  LEU n 
1 13  LYS n 
1 14  ASP n 
1 15  LEU n 
1 16  ALA n 
1 17  ILE n 
1 18  PHE n 
1 19  SER n 
1 20  ARG n 
1 21  GLN n 
1 22  LEU n 
1 23  ALA n 
1 24  THR n 
1 25  MET n 
1 26  LEU n 
1 27  GLY n 
1 28  ALA n 
1 29  GLY n 
1 30  LEU n 
1 31  THR n 
1 32  LEU n 
1 33  LEU n 
1 34  GLN n 
1 35  ALA n 
1 36  LEU n 
1 37  ALA n 
1 38  ILE n 
1 39  LEU n 
1 40  GLU n 
1 41  ARG n 
1 42  GLN n 
1 43  THR n 
1 44  GLU n 
1 45  ASN n 
1 46  ARG n 
1 47  LYS n 
1 48  PHE n 
1 49  ARG n 
1 50  GLU n 
1 51  ILE n 
1 52  LEU n 
1 53  LYS n 
1 54  GLN n 
1 55  VAL n 
1 56  ARG n 
1 57  THR n 
1 58  ASP n 
1 59  VAL n 
1 60  GLU n 
1 61  GLY n 
1 62  GLY n 
1 63  MET n 
1 64  ALA n 
1 65  PHE n 
1 66  SER n 
1 67  GLU n 
1 68  ALA n 
1 69  LEU n 
1 70  SER n 
1 71  LYS n 
1 72  HIS n 
1 73  LYS n 
1 74  ILE n 
1 75  PHE n 
1 76  SER n 
1 77  ARG n 
1 78  LEU n 
1 79  TYR n 
1 80  VAL n 
1 81  ASN n 
1 82  LEU n 
1 83  VAL n 
1 84  ARG n 
1 85  ALA n 
1 86  GLY n 
1 87  GLU n 
1 88  THR n 
1 89  SER n 
1 90  GLY n 
1 91  GLY n 
1 92  LEU n 
1 93  ASP n 
1 94  LEU n 
1 95  ILE n 
1 96  LEU n 
1 97  ASP n 
1 98  ARG n 
1 99  LEU n 
1 100 ALA n 
1 101 SER n 
1 102 PHE n 
1 103 LEU n 
1 104 GLU n 
1 105 LYS n 
1 106 GLU n 
1 107 LEU n 
1 108 GLU n 
1 109 LEU n 
1 110 ARG n 
1 111 GLY n 
1 112 LYS n 
1 113 ILE n 
1 114 ARG n 
1 115 SER n 
1 116 ALA n 
# 
_entity_src_gen.entity_id                          1 
_entity_src_gen.pdbx_src_id                        1 
_entity_src_gen.pdbx_alt_source_flag               sample 
_entity_src_gen.pdbx_seq_type                      ? 
_entity_src_gen.pdbx_beg_seq_num                   ? 
_entity_src_gen.pdbx_end_seq_num                   ? 
_entity_src_gen.gene_src_common_name               ? 
_entity_src_gen.gene_src_genus                     ? 
_entity_src_gen.pdbx_gene_src_gene                 ? 
_entity_src_gen.gene_src_species                   ? 
_entity_src_gen.gene_src_strain                    HB8 
_entity_src_gen.gene_src_tissue                    ? 
_entity_src_gen.gene_src_tissue_fraction           ? 
_entity_src_gen.gene_src_details                   ? 
_entity_src_gen.pdbx_gene_src_fragment             ? 
_entity_src_gen.pdbx_gene_src_scientific_name      'THERMUS THERMOPHILUS' 
_entity_src_gen.pdbx_gene_src_ncbi_taxonomy_id     300852 
_entity_src_gen.pdbx_gene_src_variant              ? 
_entity_src_gen.pdbx_gene_src_cell_line            ? 
_entity_src_gen.pdbx_gene_src_atcc                 ? 
_entity_src_gen.pdbx_gene_src_organ                ? 
_entity_src_gen.pdbx_gene_src_organelle            ? 
_entity_src_gen.pdbx_gene_src_cell                 ? 
_entity_src_gen.pdbx_gene_src_cellular_location    ? 
_entity_src_gen.host_org_common_name               ? 
_entity_src_gen.pdbx_host_org_scientific_name      'ESCHERICHIA COLI' 
_entity_src_gen.pdbx_host_org_ncbi_taxonomy_id     562 
_entity_src_gen.host_org_genus                     ? 
_entity_src_gen.pdbx_host_org_gene                 ? 
_entity_src_gen.pdbx_host_org_organ                ? 
_entity_src_gen.host_org_species                   ? 
_entity_src_gen.pdbx_host_org_tissue               ? 
_entity_src_gen.pdbx_host_org_tissue_fraction      ? 
_entity_src_gen.pdbx_host_org_strain               ? 
_entity_src_gen.pdbx_host_org_variant              'T7 EXPRESS' 
_entity_src_gen.pdbx_host_org_cell_line            ? 
_entity_src_gen.pdbx_host_org_atcc                 ? 
_entity_src_gen.pdbx_host_org_culture_collection   ? 
_entity_src_gen.pdbx_host_org_cell                 ? 
_entity_src_gen.pdbx_host_org_organelle            ? 
_entity_src_gen.pdbx_host_org_cellular_location    ? 
_entity_src_gen.pdbx_host_org_vector_type          ? 
_entity_src_gen.pdbx_host_org_vector               PET28A 
_entity_src_gen.host_org_details                   ? 
_entity_src_gen.expression_system_id               ? 
_entity_src_gen.plasmid_name                       ? 
_entity_src_gen.plasmid_details                    ? 
_entity_src_gen.pdbx_description                   ? 
# 
loop_
_chem_comp.id 
_chem_comp.type 
_chem_comp.mon_nstd_flag 
_chem_comp.name 
_chem_comp.pdbx_synonyms 
_chem_comp.formula 
_chem_comp.formula_weight 
ALA 'L-peptide linking' y ALANINE         ? 'C3 H7 N O2'     89.093  
ARG 'L-peptide linking' y ARGININE        ? 'C6 H15 N4 O2 1' 175.209 
ASN 'L-peptide linking' y ASPARAGINE      ? 'C4 H8 N2 O3'    132.118 
ASP 'L-peptide linking' y 'ASPARTIC ACID' ? 'C4 H7 N O4'     133.103 
GLN 'L-peptide linking' y GLUTAMINE       ? 'C5 H10 N2 O3'   146.144 
GLU 'L-peptide linking' y 'GLUTAMIC ACID' ? 'C5 H9 N O4'     147.129 
GLY 'peptide linking'   y GLYCINE         ? 'C2 H5 N O2'     75.067  
HIS 'L-peptide linking' y HISTIDINE       ? 'C6 H10 N3 O2 1' 156.162 
HOH non-polymer         . WATER           ? 'H2 O'           18.015  
ILE 'L-peptide linking' y ISOLEUCINE      ? 'C6 H13 N O2'    131.173 
LEU 'L-peptide linking' y LEUCINE         ? 'C6 H13 N O2'    131.173 
LYS 'L-peptide linking' y LYSINE          ? 'C6 H15 N2 O2 1' 147.195 
MET 'L-peptide linking' y METHIONINE      ? 'C5 H11 N O2 S'  149.211 
PHE 'L-peptide linking' y PHENYLALANINE   ? 'C9 H11 N O2'    165.189 
PRO 'L-peptide linking' y PROLINE         ? 'C5 H9 N O2'     115.130 
SER 'L-peptide linking' y SERINE          ? 'C3 H7 N O3'     105.093 
THR 'L-peptide linking' y THREONINE       ? 'C4 H9 N O3'     119.119 
TYR 'L-peptide linking' y TYROSINE        ? 'C9 H11 N O3'    181.189 
VAL 'L-peptide linking' y VALINE          ? 'C5 H11 N O2'    117.146 
# 
loop_
_pdbx_poly_seq_scheme.asym_id 
_pdbx_poly_seq_scheme.entity_id 
_pdbx_poly_seq_scheme.seq_id 
_pdbx_poly_seq_scheme.mon_id 
_pdbx_poly_seq_scheme.ndb_seq_num 
_pdbx_poly_seq_scheme.pdb_seq_num 
_pdbx_poly_seq_scheme.auth_seq_num 
_pdbx_poly_seq_scheme.pdb_mon_id 
_pdbx_poly_seq_scheme.auth_mon_id 
_pdbx_poly_seq_scheme.pdb_strand_id 
_pdbx_poly_seq_scheme.pdb_ins_code 
_pdbx_poly_seq_scheme.hetero 
A 1 1   VAL 1   53  53  VAL VAL A . n 
A 1 2   ARG 2   54  54  ARG ARG A . n 
A 1 3   ILE 3   55  55  ILE ILE A . n 
A 1 4   PRO 4   56  56  PRO PRO A . n 
A 1 5   ALA 5   57  57  ALA ALA A . n 
A 1 6   LEU 6   58  58  LEU LEU A . n 
A 1 7   GLU 7   59  59  GLU GLU A . n 
A 1 8   ARG 8   60  60  ARG ARG A . n 
A 1 9   GLY 9   61  61  GLY GLY A . n 
A 1 10  PRO 10  62  62  PRO PRO A . n 
A 1 11  GLY 11  63  63  GLY GLY A . n 
A 1 12  LEU 12  64  64  LEU LEU A . n 
A 1 13  LYS 13  65  65  LYS LYS A . n 
A 1 14  ASP 14  66  66  ASP ASP A . n 
A 1 15  LEU 15  67  67  LEU LEU A . n 
A 1 16  ALA 16  68  68  ALA ALA A . n 
A 1 17  ILE 17  69  69  ILE ILE A . n 
A 1 18  PHE 18  70  70  PHE PHE A . n 
A 1 19  SER 19  71  71  SER SER A . n 
A 1 20  ARG 20  72  72  ARG ARG A . n 
A 1 21  GLN 21  73  73  GLN GLN A . n 
A 1 22  LEU 22  74  74  LEU LEU A . n 
A 1 23  ALA 23  75  75  ALA ALA A . n 
A 1 24  THR 24  76  76  THR THR A . n 
A 1 25  MET 25  77  77  MET MET A . n 
A 1 26  LEU 26  78  78  LEU LEU A . n 
A 1 27  GLY 27  79  79  GLY GLY A . n 
A 1 28  ALA 28  80  80  ALA ALA A . n 
A 1 29  GLY 29  81  81  GLY GLY A . n 
A 1 30  LEU 30  82  82  LEU LEU A . n 
A 1 31  THR 31  83  83  THR THR A . n 
A 1 32  LEU 32  84  84  LEU LEU A . n 
A 1 33  LEU 33  85  85  LEU LEU A . n 
A 1 34  GLN 34  86  86  GLN GLN A . n 
A 1 35  ALA 35  87  87  ALA ALA A . n 
A 1 36  LEU 36  88  88  LEU LEU A . n 
A 1 37  ALA 37  89  89  ALA ALA A . n 
A 1 38  ILE 38  90  90  ILE ILE A . n 
A 1 39  LEU 39  91  91  LEU LEU A . n 
A 1 40  GLU 40  92  92  GLU GLU A . n 
A 1 41  ARG 41  93  93  ARG ARG A . n 
A 1 42  GLN 42  94  94  GLN GLN A . n 
A 1 43  THR 43  95  95  THR THR A . n 
A 1 44  GLU 44  96  96  GLU GLU A . n 
A 1 45  ASN 45  97  97  ASN ASN A . n 
A 1 46  ARG 46  98  98  ARG ARG A . n 
A 1 47  LYS 47  99  99  LYS LYS A . n 
A 1 48  PHE 48  100 100 PHE PHE A . n 
A 1 49  ARG 49  101 101 ARG ARG A . n 
A 1 50  GLU 50  102 102 GLU GLU A . n 
A 1 51  ILE 51  103 103 ILE ILE A . n 
A 1 52  LEU 52  104 104 LEU LEU A . n 
A 1 53  LYS 53  105 105 LYS LYS A . n 
A 1 54  GLN 54  106 106 GLN GLN A . n 
A 1 55  VAL 55  107 107 VAL VAL A . n 
A 1 56  ARG 56  108 108 ARG ARG A . n 
A 1 57  THR 57  109 109 THR THR A . n 
A 1 58  ASP 58  110 110 ASP ASP A . n 
A 1 59  VAL 59  111 111 VAL VAL A . n 
A 1 60  GLU 60  112 112 GLU GLU A . n 
A 1 61  GLY 61  113 113 GLY GLY A . n 
A 1 62  GLY 62  114 114 GLY GLY A . n 
A 1 63  MET 63  115 115 MET MET A . n 
A 1 64  ALA 64  116 116 ALA ALA A . n 
A 1 65  PHE 65  117 117 PHE PHE A . n 
A 1 66  SER 66  118 118 SER SER A . n 
A 1 67  GLU 67  119 119 GLU GLU A . n 
A 1 68  ALA 68  120 120 ALA ALA A . n 
A 1 69  LEU 69  121 121 LEU LEU A . n 
A 1 70  SER 70  122 122 SER SER A . n 
A 1 71  LYS 71  123 123 LYS LYS A . n 
A 1 72  HIS 72  124 124 HIS HIS A . n 
A 1 73  LYS 73  125 125 LYS LYS A . n 
A 1 74  ILE 74  126 126 ILE ILE A . n 
A 1 75  PHE 75  127 127 PHE PHE A . n 
A 1 76  SER 76  128 128 SER SER A . n 
A 1 77  ARG 77  129 129 ARG ARG A . n 
A 1 78  LEU 78  130 130 LEU LEU A . n 
A 1 79  TYR 79  131 131 TYR TYR A . n 
A 1 80  VAL 80  132 132 VAL VAL A . n 
A 1 81  ASN 81  133 133 ASN ASN A . n 
A 1 82  LEU 82  134 134 LEU LEU A . n 
A 1 83  VAL 83  135 135 VAL VAL A . n 
A 1 84  ARG 84  136 136 ARG ARG A . n 
A 1 85  ALA 85  137 137 ALA ALA A . n 
A 1 86  GLY 86  138 138 GLY GLY A . n 
A 1 87  GLU 87  139 139 GLU GLU A . n 
A 1 88  THR 88  140 140 THR THR A . n 
A 1 89  SER 89  141 141 SER SER A . n 
A 1 90  GLY 90  142 142 GLY GLY A . n 
A 1 91  GLY 91  143 143 GLY GLY A . n 
A 1 92  LEU 92  144 144 LEU LEU A . n 
A 1 93  ASP 93  145 145 ASP ASP A . n 
A 1 94  LEU 94  146 146 LEU LEU A . n 
A 1 95  ILE 95  147 147 ILE ILE A . n 
A 1 96  LEU 96  148 148 LEU LEU A . n 
A 1 97  ASP 97  149 149 ASP ASP A . n 
A 1 98  ARG 98  150 150 ARG ARG A . n 
A 1 99  LEU 99  151 151 LEU LEU A . n 
A 1 100 ALA 100 152 152 ALA ALA A . n 
A 1 101 SER 101 153 153 SER SER A . n 
A 1 102 PHE 102 154 154 PHE PHE A . n 
A 1 103 LEU 103 155 155 LEU LEU A . n 
A 1 104 GLU 104 156 156 GLU GLU A . n 
A 1 105 LYS 105 157 157 LYS LYS A . n 
A 1 106 GLU 106 158 158 GLU GLU A . n 
A 1 107 LEU 107 159 159 LEU LEU A . n 
A 1 108 GLU 108 160 160 GLU GLU A . n 
A 1 109 LEU 109 161 161 LEU LEU A . n 
A 1 110 ARG 110 162 162 ARG ARG A . n 
A 1 111 GLY 111 163 ?   ?   ?   A . n 
A 1 112 LYS 112 164 ?   ?   ?   A . n 
A 1 113 ILE 113 165 ?   ?   ?   A . n 
A 1 114 ARG 114 166 ?   ?   ?   A . n 
A 1 115 SER 115 167 ?   ?   ?   A . n 
A 1 116 ALA 116 168 ?   ?   ?   A . n 
B 1 1   VAL 1   53  ?   ?   ?   B . n 
B 1 2   ARG 2   54  ?   ?   ?   B . n 
B 1 3   ILE 3   55  ?   ?   ?   B . n 
B 1 4   PRO 4   56  ?   ?   ?   B . n 
B 1 5   ALA 5   57  ?   ?   ?   B . n 
B 1 6   LEU 6   58  ?   ?   ?   B . n 
B 1 7   GLU 7   59  ?   ?   ?   B . n 
B 1 8   ARG 8   60  60  ARG ARG B . n 
B 1 9   GLY 9   61  61  GLY GLY B . n 
B 1 10  PRO 10  62  62  PRO PRO B . n 
B 1 11  GLY 11  63  63  GLY GLY B . n 
B 1 12  LEU 12  64  64  LEU LEU B . n 
B 1 13  LYS 13  65  65  LYS LYS B . n 
B 1 14  ASP 14  66  66  ASP ASP B . n 
B 1 15  LEU 15  67  67  LEU LEU B . n 
B 1 16  ALA 16  68  68  ALA ALA B . n 
B 1 17  ILE 17  69  69  ILE ILE B . n 
B 1 18  PHE 18  70  70  PHE PHE B . n 
B 1 19  SER 19  71  71  SER SER B . n 
B 1 20  ARG 20  72  72  ARG ARG B . n 
B 1 21  GLN 21  73  73  GLN GLN B . n 
B 1 22  LEU 22  74  74  LEU LEU B . n 
B 1 23  ALA 23  75  75  ALA ALA B . n 
B 1 24  THR 24  76  76  THR THR B . n 
B 1 25  MET 25  77  77  MET MET B . n 
B 1 26  LEU 26  78  78  LEU LEU B . n 
B 1 27  GLY 27  79  79  GLY GLY B . n 
B 1 28  ALA 28  80  80  ALA ALA B . n 
B 1 29  GLY 29  81  81  GLY GLY B . n 
B 1 30  LEU 30  82  82  LEU LEU B . n 
B 1 31  THR 31  83  83  THR THR B . n 
B 1 32  LEU 32  84  84  LEU LEU B . n 
B 1 33  LEU 33  85  85  LEU LEU B . n 
B 1 34  GLN 34  86  86  GLN GLN B . n 
B 1 35  ALA 35  87  87  ALA ALA B . n 
B 1 36  LEU 36  88  88  LEU LEU B . n 
B 1 37  ALA 37  89  89  ALA ALA B . n 
B 1 38  ILE 38  90  90  ILE ILE B . n 
B 1 39  LEU 39  91  91  LEU LEU B . n 
B 1 40  GLU 40  92  92  GLU GLU B . n 
B 1 41  ARG 41  93  93  ARG ARG B . n 
B 1 42  GLN 42  94  94  GLN GLN B . n 
B 1 43  THR 43  95  95  THR THR B . n 
B 1 44  GLU 44  96  96  GLU GLU B . n 
B 1 45  ASN 45  97  97  ASN ASN B . n 
B 1 46  ARG 46  98  98  ARG ARG B . n 
B 1 47  LYS 47  99  99  LYS LYS B . n 
B 1 48  PHE 48  100 100 PHE PHE B . n 
B 1 49  ARG 49  101 101 ARG ARG B . n 
B 1 50  GLU 50  102 102 GLU GLU B . n 
B 1 51  ILE 51  103 103 ILE ILE B . n 
B 1 52  LEU 52  104 104 LEU LEU B . n 
B 1 53  LYS 53  105 105 LYS LYS B . n 
B 1 54  GLN 54  106 106 GLN GLN B . n 
B 1 55  VAL 55  107 107 VAL VAL B . n 
B 1 56  ARG 56  108 108 ARG ARG B . n 
B 1 57  THR 57  109 109 THR THR B . n 
B 1 58  ASP 58  110 110 ASP ASP B . n 
B 1 59  VAL 59  111 111 VAL VAL B . n 
B 1 60  GLU 60  112 112 GLU GLU B . n 
B 1 61  GLY 61  113 113 GLY GLY B . n 
B 1 62  GLY 62  114 114 GLY GLY B . n 
B 1 63  MET 63  115 115 MET MET B . n 
B 1 64  ALA 64  116 116 ALA ALA B . n 
B 1 65  PHE 65  117 117 PHE PHE B . n 
B 1 66  SER 66  118 118 SER SER B . n 
B 1 67  GLU 67  119 119 GLU GLU B . n 
B 1 68  ALA 68  120 120 ALA ALA B . n 
B 1 69  LEU 69  121 121 LEU LEU B . n 
B 1 70  SER 70  122 122 SER SER B . n 
B 1 71  LYS 71  123 123 LYS LYS B . n 
B 1 72  HIS 72  124 124 HIS HIS B . n 
B 1 73  LYS 73  125 125 LYS LYS B . n 
B 1 74  ILE 74  126 126 ILE ILE B . n 
B 1 75  PHE 75  127 127 PHE PHE B . n 
B 1 76  SER 76  128 128 SER SER B . n 
B 1 77  ARG 77  129 129 ARG ARG B . n 
B 1 78  LEU 78  130 130 LEU LEU B . n 
B 1 79  TYR 79  131 131 TYR TYR B . n 
B 1 80  VAL 80  132 132 VAL VAL B . n 
B 1 81  ASN 81  133 133 ASN ASN B . n 
B 1 82  LEU 82  134 134 LEU LEU B . n 
B 1 83  VAL 83  135 135 VAL VAL B . n 
B 1 84  ARG 84  136 136 ARG ARG B . n 
B 1 85  ALA 85  137 137 ALA ALA B . n 
B 1 86  GLY 86  138 138 GLY GLY B . n 
B 1 87  GLU 87  139 139 GLU GLU B . n 
B 1 88  THR 88  140 140 THR THR B . n 
B 1 89  SER 89  141 141 SER SER B . n 
B 1 90  GLY 90  142 142 GLY GLY B . n 
B 1 91  GLY 91  143 143 GLY GLY B . n 
B 1 92  LEU 92  144 144 LEU LEU B . n 
B 1 93  ASP 93  145 145 ASP ASP B . n 
B 1 94  LEU 94  146 146 LEU LEU B . n 
B 1 95  ILE 95  147 147 ILE ILE B . n 
B 1 96  LEU 96  148 148 LEU LEU B . n 
B 1 97  ASP 97  149 149 ASP ASP B . n 
B 1 98  ARG 98  150 150 ARG ARG B . n 
B 1 99  LEU 99  151 151 LEU LEU B . n 
B 1 100 ALA 100 152 152 ALA ALA B . n 
B 1 101 SER 101 153 153 SER SER B . n 
B 1 102 PHE 102 154 154 PHE PHE B . n 
B 1 103 LEU 103 155 155 LEU LEU B . n 
B 1 104 GLU 104 156 156 GLU GLU B . n 
B 1 105 LYS 105 157 157 LYS LYS B . n 
B 1 106 GLU 106 158 158 GLU GLU B . n 
B 1 107 LEU 107 159 159 LEU LEU B . n 
B 1 108 GLU 108 160 160 GLU GLU B . n 
B 1 109 LEU 109 161 161 LEU LEU B . n 
B 1 110 ARG 110 162 162 ARG ARG B . n 
B 1 111 GLY 111 163 ?   ?   ?   B . n 
B 1 112 LYS 112 164 ?   ?   ?   B . n 
B 1 113 ILE 113 165 ?   ?   ?   B . n 
B 1 114 ARG 114 166 ?   ?   ?   B . n 
B 1 115 SER 115 167 ?   ?   ?   B . n 
B 1 116 ALA 116 168 ?   ?   ?   B . n 
# 
loop_
_pdbx_nonpoly_scheme.asym_id 
_pdbx_nonpoly_scheme.entity_id 
_pdbx_nonpoly_scheme.mon_id 
_pdbx_nonpoly_scheme.ndb_seq_num 
_pdbx_nonpoly_scheme.pdb_seq_num 
_pdbx_nonpoly_scheme.auth_seq_num 
_pdbx_nonpoly_scheme.pdb_mon_id 
_pdbx_nonpoly_scheme.auth_mon_id 
_pdbx_nonpoly_scheme.pdb_strand_id 
_pdbx_nonpoly_scheme.pdb_ins_code 
C 2 HOH 1  2001 2001 HOH HOH A . 
C 2 HOH 2  2002 2002 HOH HOH A . 
C 2 HOH 3  2003 2003 HOH HOH A . 
C 2 HOH 4  2004 2004 HOH HOH A . 
C 2 HOH 5  2005 2005 HOH HOH A . 
C 2 HOH 6  2006 2006 HOH HOH A . 
C 2 HOH 7  2007 2007 HOH HOH A . 
C 2 HOH 8  2008 2008 HOH HOH A . 
C 2 HOH 9  2009 2009 HOH HOH A . 
C 2 HOH 10 2010 2010 HOH HOH A . 
C 2 HOH 11 2011 2011 HOH HOH A . 
C 2 HOH 12 2012 2012 HOH HOH A . 
C 2 HOH 13 2013 2013 HOH HOH A . 
C 2 HOH 14 2014 2014 HOH HOH A . 
C 2 HOH 15 2015 2015 HOH HOH A . 
C 2 HOH 16 2016 2016 HOH HOH A . 
C 2 HOH 17 2017 2017 HOH HOH A . 
C 2 HOH 18 2018 2018 HOH HOH A . 
C 2 HOH 19 2019 2019 HOH HOH A . 
C 2 HOH 20 2020 2020 HOH HOH A . 
C 2 HOH 21 2021 2021 HOH HOH A . 
C 2 HOH 22 2022 2022 HOH HOH A . 
C 2 HOH 23 2023 2023 HOH HOH A . 
C 2 HOH 24 2024 2024 HOH HOH A . 
C 2 HOH 25 2025 2025 HOH HOH A . 
C 2 HOH 26 2026 2026 HOH HOH A . 
C 2 HOH 27 2027 2027 HOH HOH A . 
C 2 HOH 28 2028 2028 HOH HOH A . 
C 2 HOH 29 2029 2029 HOH HOH A . 
C 2 HOH 30 2030 2030 HOH HOH A . 
C 2 HOH 31 2031 2031 HOH HOH A . 
C 2 HOH 32 2032 2032 HOH HOH A . 
C 2 HOH 33 2033 2033 HOH HOH A . 
C 2 HOH 34 2034 2034 HOH HOH A . 
C 2 HOH 35 2035 2035 HOH HOH A . 
C 2 HOH 36 2036 2036 HOH HOH A . 
C 2 HOH 37 2037 2037 HOH HOH A . 
C 2 HOH 38 2038 2038 HOH HOH A . 
C 2 HOH 39 2039 2039 HOH HOH A . 
C 2 HOH 40 2040 2040 HOH HOH A . 
C 2 HOH 41 2041 2041 HOH HOH A . 
C 2 HOH 42 2042 2042 HOH HOH A . 
C 2 HOH 43 2043 2043 HOH HOH A . 
C 2 HOH 44 2044 2044 HOH HOH A . 
C 2 HOH 45 2045 2045 HOH HOH A . 
C 2 HOH 46 2046 2046 HOH HOH A . 
C 2 HOH 47 2047 2047 HOH HOH A . 
C 2 HOH 48 2048 2048 HOH HOH A . 
C 2 HOH 49 2049 2049 HOH HOH A . 
C 2 HOH 50 2050 2050 HOH HOH A . 
C 2 HOH 51 2051 2051 HOH HOH A . 
C 2 HOH 52 2052 2052 HOH HOH A . 
C 2 HOH 53 2053 2053 HOH HOH A . 
D 2 HOH 1  2001 2001 HOH HOH B . 
D 2 HOH 2  2002 2002 HOH HOH B . 
D 2 HOH 3  2003 2003 HOH HOH B . 
D 2 HOH 4  2004 2004 HOH HOH B . 
D 2 HOH 5  2005 2005 HOH HOH B . 
D 2 HOH 6  2006 2006 HOH HOH B . 
D 2 HOH 7  2007 2007 HOH HOH B . 
D 2 HOH 8  2008 2008 HOH HOH B . 
D 2 HOH 9  2009 2009 HOH HOH B . 
D 2 HOH 10 2010 2010 HOH HOH B . 
D 2 HOH 11 2011 2011 HOH HOH B . 
D 2 HOH 12 2012 2012 HOH HOH B . 
D 2 HOH 13 2013 2013 HOH HOH B . 
D 2 HOH 14 2014 2014 HOH HOH B . 
D 2 HOH 15 2015 2015 HOH HOH B . 
D 2 HOH 16 2016 2016 HOH HOH B . 
D 2 HOH 17 2017 2017 HOH HOH B . 
D 2 HOH 18 2018 2018 HOH HOH B . 
D 2 HOH 19 2019 2019 HOH HOH B . 
D 2 HOH 20 2020 2020 HOH HOH B . 
D 2 HOH 21 2021 2021 HOH HOH B . 
D 2 HOH 22 2022 2022 HOH HOH B . 
D 2 HOH 23 2023 2023 HOH HOH B . 
D 2 HOH 24 2024 2024 HOH HOH B . 
D 2 HOH 25 2025 2025 HOH HOH B . 
D 2 HOH 26 2026 2026 HOH HOH B . 
D 2 HOH 27 2027 2027 HOH HOH B . 
D 2 HOH 28 2028 2028 HOH HOH B . 
D 2 HOH 29 2029 2029 HOH HOH B . 
D 2 HOH 30 2030 2030 HOH HOH B . 
D 2 HOH 31 2031 2031 HOH HOH B . 
D 2 HOH 32 2032 2032 HOH HOH B . 
D 2 HOH 33 2033 2033 HOH HOH B . 
D 2 HOH 34 2034 2034 HOH HOH B . 
D 2 HOH 35 2035 2035 HOH HOH B . 
D 2 HOH 36 2036 2036 HOH HOH B . 
D 2 HOH 37 2037 2037 HOH HOH B . 
D 2 HOH 38 2038 2038 HOH HOH B . 
# 
loop_
_pdbx_unobs_or_zero_occ_atoms.id 
_pdbx_unobs_or_zero_occ_atoms.PDB_model_num 
_pdbx_unobs_or_zero_occ_atoms.polymer_flag 
_pdbx_unobs_or_zero_occ_atoms.occupancy_flag 
_pdbx_unobs_or_zero_occ_atoms.auth_asym_id 
_pdbx_unobs_or_zero_occ_atoms.auth_comp_id 
_pdbx_unobs_or_zero_occ_atoms.auth_seq_id 
_pdbx_unobs_or_zero_occ_atoms.PDB_ins_code 
_pdbx_unobs_or_zero_occ_atoms.auth_atom_id 
_pdbx_unobs_or_zero_occ_atoms.label_alt_id 
_pdbx_unobs_or_zero_occ_atoms.label_asym_id 
_pdbx_unobs_or_zero_occ_atoms.label_comp_id 
_pdbx_unobs_or_zero_occ_atoms.label_seq_id 
_pdbx_unobs_or_zero_occ_atoms.label_atom_id 
1  1 Y 1 A ARG 162 ? CG  ? A ARG 110 CG  
2  1 Y 1 A ARG 162 ? CD  ? A ARG 110 CD  
3  1 Y 1 A ARG 162 ? NE  ? A ARG 110 NE  
4  1 Y 1 A ARG 162 ? CZ  ? A ARG 110 CZ  
5  1 Y 1 A ARG 162 ? NH1 ? A ARG 110 NH1 
6  1 Y 1 A ARG 162 ? NH2 ? A ARG 110 NH2 
7  1 Y 1 B ARG 60  ? CG  ? B ARG 8   CG  
8  1 Y 1 B ARG 60  ? CD  ? B ARG 8   CD  
9  1 Y 1 B ARG 60  ? NE  ? B ARG 8   NE  
10 1 Y 1 B ARG 60  ? CZ  ? B ARG 8   CZ  
11 1 Y 1 B ARG 60  ? NH1 ? B ARG 8   NH1 
12 1 Y 1 B ARG 60  ? NH2 ? B ARG 8   NH2 
13 1 Y 1 B GLU 102 ? CG  ? B GLU 50  CG  
14 1 Y 1 B GLU 102 ? CD  ? B GLU 50  CD  
15 1 Y 1 B GLU 102 ? OE1 ? B GLU 50  OE1 
16 1 Y 1 B GLU 102 ? OE2 ? B GLU 50  OE2 
17 1 Y 1 B ARG 162 ? CG  ? B ARG 110 CG  
18 1 Y 1 B ARG 162 ? CD  ? B ARG 110 CD  
19 1 Y 1 B ARG 162 ? NE  ? B ARG 110 NE  
20 1 Y 1 B ARG 162 ? CZ  ? B ARG 110 CZ  
21 1 Y 1 B ARG 162 ? NH1 ? B ARG 110 NH1 
22 1 Y 1 B ARG 162 ? NH2 ? B ARG 110 NH2 
# 
loop_
_software.name 
_software.classification 
_software.version 
_software.citation_id 
_software.pdbx_ordinal 
REFMAC  refinement       5.5.0066 ? 1 
MOSFLM  'data reduction' .        ? 2 
SCALA   'data scaling'   .        ? 3 
MLPHARE phasing          .        ? 4 
# 
_cell.entry_id           2WHN 
_cell.length_a           55.168 
_cell.length_b           55.168 
_cell.length_c           152.078 
_cell.angle_alpha        90.00 
_cell.angle_beta         90.00 
_cell.angle_gamma        90.00 
_cell.Z_PDB              16 
_cell.pdbx_unique_axis   ? 
# 
_symmetry.entry_id                         2WHN 
_symmetry.space_group_name_H-M             'P 43 21 2' 
_symmetry.pdbx_full_space_group_name_H-M   ? 
_symmetry.cell_setting                     ? 
_symmetry.Int_Tables_number                96 
# 
_exptl.entry_id          2WHN 
_exptl.method            'X-RAY DIFFRACTION' 
_exptl.crystals_number   1 
# 
_exptl_crystal.id                    1 
_exptl_crystal.density_meas          ? 
_exptl_crystal.density_Matthews      2.29 
_exptl_crystal.density_percent_sol   46.25 
_exptl_crystal.description           NONE 
# 
_diffrn.id                     1 
_diffrn.ambient_temp           100 
_diffrn.ambient_temp_details   ? 
_diffrn.crystal_id             1 
# 
_diffrn_detector.diffrn_id              1 
_diffrn_detector.detector               CCD 
_diffrn_detector.type                   'ADSC CCD' 
_diffrn_detector.pdbx_collection_date   2009-01-25 
_diffrn_detector.details                ? 
# 
_diffrn_radiation.diffrn_id                        1 
_diffrn_radiation.wavelength_id                    1 
_diffrn_radiation.pdbx_monochromatic_or_laue_m_l   M 
_diffrn_radiation.monochromator                    ? 
_diffrn_radiation.pdbx_diffrn_protocol             'SINGLE WAVELENGTH' 
_diffrn_radiation.pdbx_scattering_type             x-ray 
# 
_diffrn_radiation_wavelength.id           1 
_diffrn_radiation_wavelength.wavelength   0.9497 
_diffrn_radiation_wavelength.wt           1.0 
# 
_diffrn_source.diffrn_id                   1 
_diffrn_source.source                      SYNCHROTRON 
_diffrn_source.type                        'DIAMOND BEAMLINE I04' 
_diffrn_source.pdbx_synchrotron_site       Diamond 
_diffrn_source.pdbx_synchrotron_beamline   I04 
_diffrn_source.pdbx_wavelength             0.9497 
_diffrn_source.pdbx_wavelength_list        ? 
# 
_reflns.pdbx_diffrn_id               1 
_reflns.pdbx_ordinal                 1 
_reflns.entry_id                     2WHN 
_reflns.observed_criterion_sigma_I   3.0 
_reflns.observed_criterion_sigma_F   ? 
_reflns.d_resolution_low             76.00 
_reflns.d_resolution_high            2.05 
_reflns.number_obs                   14807 
_reflns.number_all                   ? 
_reflns.percent_possible_obs         95.4 
_reflns.pdbx_Rmerge_I_obs            0.07 
_reflns.pdbx_Rsym_value              ? 
_reflns.pdbx_netI_over_sigmaI        18.70 
_reflns.B_iso_Wilson_estimate        ? 
_reflns.pdbx_redundancy              11.5 
# 
_reflns_shell.pdbx_diffrn_id         1 
_reflns_shell.pdbx_ordinal           1 
_reflns_shell.d_res_high             2.05 
_reflns_shell.d_res_low              2.16 
_reflns_shell.percent_possible_all   86.9 
_reflns_shell.Rmerge_I_obs           0.44 
_reflns_shell.pdbx_Rsym_value        ? 
_reflns_shell.meanI_over_sigI_obs    3.20 
_reflns_shell.pdbx_redundancy        5.4 
# 
_refine.pdbx_refine_id                           'X-RAY DIFFRACTION' 
_refine.entry_id                                 2WHN 
_refine.pdbx_diffrn_id                           1 
_refine.pdbx_TLS_residual_ADP_flag               'LIKELY RESIDUAL' 
_refine.ls_number_reflns_obs                     13962 
_refine.ls_number_reflns_all                     ? 
_refine.pdbx_ls_sigma_I                          ? 
_refine.pdbx_ls_sigma_F                          . 
_refine.pdbx_data_cutoff_high_absF               ? 
_refine.pdbx_data_cutoff_low_absF                ? 
_refine.pdbx_data_cutoff_high_rms_absF           ? 
_refine.ls_d_res_low                             15.00 
_refine.ls_d_res_high                            2.05 
_refine.ls_percent_reflns_obs                    95.12 
_refine.ls_R_factor_obs                          0.21899 
_refine.ls_R_factor_all                          ? 
_refine.ls_R_factor_R_work                       0.21638 
_refine.ls_R_factor_R_free                       0.26994 
_refine.ls_R_factor_R_free_error                 ? 
_refine.ls_R_factor_R_free_error_details         ? 
_refine.ls_percent_reflns_R_free                 5.0 
_refine.ls_number_reflns_R_free                  728 
_refine.ls_number_parameters                     ? 
_refine.ls_number_restraints                     ? 
_refine.occupancy_min                            ? 
_refine.occupancy_max                            ? 
_refine.correlation_coeff_Fo_to_Fc               0.946 
_refine.correlation_coeff_Fo_to_Fc_free          0.923 
_refine.B_iso_mean                               33.906 
_refine.aniso_B[1][1]                            0.99 
_refine.aniso_B[2][2]                            0.99 
_refine.aniso_B[3][3]                            -1.98 
_refine.aniso_B[1][2]                            0.00 
_refine.aniso_B[1][3]                            0.00 
_refine.aniso_B[2][3]                            0.00 
_refine.solvent_model_details                    MASK 
_refine.solvent_model_param_ksol                 ? 
_refine.solvent_model_param_bsol                 ? 
_refine.pdbx_solvent_vdw_probe_radii             1.40 
_refine.pdbx_solvent_ion_probe_radii             0.80 
_refine.pdbx_solvent_shrinkage_radii             0.80 
_refine.pdbx_ls_cross_valid_method               THROUGHOUT 
_refine.details                                  'HYDROGENS HAVE BEEN ADDED IN THE RIDING POSITIONS.' 
_refine.pdbx_starting_model                      NONE 
_refine.pdbx_method_to_determine_struct          MIRAS 
_refine.pdbx_isotropic_thermal_model             ? 
_refine.pdbx_stereochemistry_target_values       'MAXIMUM LIKELIHOOD' 
_refine.pdbx_stereochem_target_val_spec_case     ? 
_refine.pdbx_R_Free_selection_details            RANDOM 
_refine.pdbx_overall_ESU_R                       0.229 
_refine.pdbx_overall_ESU_R_Free                  0.202 
_refine.overall_SU_ML                            0.147 
_refine.pdbx_overall_phase_error                 ? 
_refine.overall_SU_B                             11.949 
_refine.overall_SU_R_Cruickshank_DPI             ? 
_refine.pdbx_overall_SU_R_free_Cruickshank_DPI   ? 
_refine.pdbx_overall_SU_R_Blow_DPI               ? 
_refine.pdbx_overall_SU_R_free_Blow_DPI          ? 
# 
_refine_hist.pdbx_refine_id                   'X-RAY DIFFRACTION' 
_refine_hist.cycle_id                         LAST 
_refine_hist.pdbx_number_atoms_protein        1651 
_refine_hist.pdbx_number_atoms_nucleic_acid   0 
_refine_hist.pdbx_number_atoms_ligand         0 
_refine_hist.number_atoms_solvent             91 
_refine_hist.number_atoms_total               1742 
_refine_hist.d_res_high                       2.05 
_refine_hist.d_res_low                        15.00 
# 
loop_
_refine_ls_restr.type 
_refine_ls_restr.dev_ideal 
_refine_ls_restr.dev_ideal_target 
_refine_ls_restr.weight 
_refine_ls_restr.number 
_refine_ls_restr.pdbx_refine_id 
_refine_ls_restr.pdbx_restraint_function 
r_bond_refined_d             0.004  0.022  ? 1666 'X-RAY DIFFRACTION' ? 
r_bond_other_d               ?      ?      ? ?    'X-RAY DIFFRACTION' ? 
r_angle_refined_deg          0.521  2.007  ? 2233 'X-RAY DIFFRACTION' ? 
r_angle_other_deg            ?      ?      ? ?    'X-RAY DIFFRACTION' ? 
r_dihedral_angle_1_deg       4.991  5.000  ? 211  'X-RAY DIFFRACTION' ? 
r_dihedral_angle_2_deg       37.207 22.857 ? 70   'X-RAY DIFFRACTION' ? 
r_dihedral_angle_3_deg       15.803 15.000 ? 327  'X-RAY DIFFRACTION' ? 
r_dihedral_angle_4_deg       20.994 15.000 ? 18   'X-RAY DIFFRACTION' ? 
r_chiral_restr               0.038  0.200  ? 266  'X-RAY DIFFRACTION' ? 
r_gen_planes_refined         0.006  0.020  ? 1196 'X-RAY DIFFRACTION' ? 
r_gen_planes_other           ?      ?      ? ?    'X-RAY DIFFRACTION' ? 
r_nbd_refined                ?      ?      ? ?    'X-RAY DIFFRACTION' ? 
r_nbd_other                  ?      ?      ? ?    'X-RAY DIFFRACTION' ? 
r_nbtor_refined              ?      ?      ? ?    'X-RAY DIFFRACTION' ? 
r_nbtor_other                ?      ?      ? ?    'X-RAY DIFFRACTION' ? 
r_xyhbond_nbd_refined        ?      ?      ? ?    'X-RAY DIFFRACTION' ? 
r_xyhbond_nbd_other          ?      ?      ? ?    'X-RAY DIFFRACTION' ? 
r_metal_ion_refined          ?      ?      ? ?    'X-RAY DIFFRACTION' ? 
r_metal_ion_other            ?      ?      ? ?    'X-RAY DIFFRACTION' ? 
r_symmetry_vdw_refined       ?      ?      ? ?    'X-RAY DIFFRACTION' ? 
r_symmetry_vdw_other         ?      ?      ? ?    'X-RAY DIFFRACTION' ? 
r_symmetry_hbond_refined     ?      ?      ? ?    'X-RAY DIFFRACTION' ? 
r_symmetry_hbond_other       ?      ?      ? ?    'X-RAY DIFFRACTION' ? 
r_symmetry_metal_ion_refined ?      ?      ? ?    'X-RAY DIFFRACTION' ? 
r_symmetry_metal_ion_other   ?      ?      ? ?    'X-RAY DIFFRACTION' ? 
r_mcbond_it                  0.589  1.500  ? 1048 'X-RAY DIFFRACTION' ? 
r_mcbond_other               ?      ?      ? ?    'X-RAY DIFFRACTION' ? 
r_mcangle_it                 1.082  2.000  ? 1660 'X-RAY DIFFRACTION' ? 
r_mcangle_other              ?      ?      ? ?    'X-RAY DIFFRACTION' ? 
r_scbond_it                  2.153  3.000  ? 618  'X-RAY DIFFRACTION' ? 
r_scbond_other               ?      ?      ? ?    'X-RAY DIFFRACTION' ? 
r_scangle_it                 3.460  4.500  ? 573  'X-RAY DIFFRACTION' ? 
r_scangle_other              ?      ?      ? ?    'X-RAY DIFFRACTION' ? 
r_long_range_B_refined       ?      ?      ? ?    'X-RAY DIFFRACTION' ? 
r_long_range_B_other         ?      ?      ? ?    'X-RAY DIFFRACTION' ? 
r_rigid_bond_restr           ?      ?      ? ?    'X-RAY DIFFRACTION' ? 
r_sphericity_free            ?      ?      ? ?    'X-RAY DIFFRACTION' ? 
r_sphericity_bonded          ?      ?      ? ?    'X-RAY DIFFRACTION' ? 
# 
_refine_ls_shell.pdbx_refine_id                   'X-RAY DIFFRACTION' 
_refine_ls_shell.pdbx_total_number_of_bins_used   20 
_refine_ls_shell.d_res_high                       2.050 
_refine_ls_shell.d_res_low                        2.102 
_refine_ls_shell.number_reflns_R_work             895 
_refine_ls_shell.R_factor_R_work                  0.251 
_refine_ls_shell.percent_reflns_obs               86.08 
_refine_ls_shell.R_factor_R_free                  0.292 
_refine_ls_shell.R_factor_R_free_error            ? 
_refine_ls_shell.percent_reflns_R_free            ? 
_refine_ls_shell.number_reflns_R_free             39 
_refine_ls_shell.number_reflns_all                ? 
_refine_ls_shell.R_factor_all                     ? 
# 
_struct.entry_id                  2WHN 
_struct.title                     'N-terminal domain from the PilC type IV pilus biogenesis protein' 
_struct.pdbx_model_details        ? 
_struct.pdbx_CASP_flag            ? 
_struct.pdbx_model_type_details   ? 
# 
_struct_keywords.entry_id        2WHN 
_struct_keywords.pdbx_keywords   'PROTEIN TRANSPORT' 
_struct_keywords.text            'TRANSPORT, TRANSMEMBRANE, PILUS BIOGENESIS, PROTEIN TRANSPORT' 
# 
loop_
_struct_asym.id 
_struct_asym.pdbx_blank_PDB_chainid_flag 
_struct_asym.pdbx_modified 
_struct_asym.entity_id 
_struct_asym.details 
A N N 1 ? 
B N N 1 ? 
C N N 2 ? 
D N N 2 ? 
# 
_struct_ref.id                         1 
_struct_ref.db_name                    UNP 
_struct_ref.db_code                    Q5SK58_THET8 
_struct_ref.entity_id                  1 
_struct_ref.pdbx_seq_one_letter_code   ? 
_struct_ref.pdbx_align_begin           ? 
_struct_ref.pdbx_db_accession          Q5SK58 
_struct_ref.pdbx_db_isoform            ? 
# 
loop_
_struct_ref_seq.align_id 
_struct_ref_seq.ref_id 
_struct_ref_seq.pdbx_PDB_id_code 
_struct_ref_seq.pdbx_strand_id 
_struct_ref_seq.seq_align_beg 
_struct_ref_seq.pdbx_seq_align_beg_ins_code 
_struct_ref_seq.seq_align_end 
_struct_ref_seq.pdbx_seq_align_end_ins_code 
_struct_ref_seq.pdbx_db_accession 
_struct_ref_seq.db_align_beg 
_struct_ref_seq.pdbx_db_align_beg_ins_code 
_struct_ref_seq.db_align_end 
_struct_ref_seq.pdbx_db_align_end_ins_code 
_struct_ref_seq.pdbx_auth_seq_align_beg 
_struct_ref_seq.pdbx_auth_seq_align_end 
1 1 2WHN A 1 ? 116 ? Q5SK58 53 ? 168 ? 53 168 
2 1 2WHN B 1 ? 116 ? Q5SK58 53 ? 168 ? 53 168 
# 
loop_
_pdbx_struct_assembly.id 
_pdbx_struct_assembly.details 
_pdbx_struct_assembly.method_details 
_pdbx_struct_assembly.oligomeric_details 
_pdbx_struct_assembly.oligomeric_count 
1 author_and_software_defined_assembly PQS monomeric 1 
2 author_and_software_defined_assembly PQS monomeric 1 
# 
loop_
_pdbx_struct_assembly_gen.assembly_id 
_pdbx_struct_assembly_gen.oper_expression 
_pdbx_struct_assembly_gen.asym_id_list 
1 1 A,C 
2 1 B,D 
# 
_pdbx_struct_oper_list.id                   1 
_pdbx_struct_oper_list.type                 'identity operation' 
_pdbx_struct_oper_list.name                 1_555 
_pdbx_struct_oper_list.symmetry_operation   x,y,z 
_pdbx_struct_oper_list.matrix[1][1]         1.0000000000 
_pdbx_struct_oper_list.matrix[1][2]         0.0000000000 
_pdbx_struct_oper_list.matrix[1][3]         0.0000000000 
_pdbx_struct_oper_list.vector[1]            0.0000000000 
_pdbx_struct_oper_list.matrix[2][1]         0.0000000000 
_pdbx_struct_oper_list.matrix[2][2]         1.0000000000 
_pdbx_struct_oper_list.matrix[2][3]         0.0000000000 
_pdbx_struct_oper_list.vector[2]            0.0000000000 
_pdbx_struct_oper_list.matrix[3][1]         0.0000000000 
_pdbx_struct_oper_list.matrix[3][2]         0.0000000000 
_pdbx_struct_oper_list.matrix[3][3]         1.0000000000 
_pdbx_struct_oper_list.vector[3]            0.0000000000 
# 
loop_
_struct_conf.conf_type_id 
_struct_conf.id 
_struct_conf.pdbx_PDB_helix_id 
_struct_conf.beg_label_comp_id 
_struct_conf.beg_label_asym_id 
_struct_conf.beg_label_seq_id 
_struct_conf.pdbx_beg_PDB_ins_code 
_struct_conf.end_label_comp_id 
_struct_conf.end_label_asym_id 
_struct_conf.end_label_seq_id 
_struct_conf.pdbx_end_PDB_ins_code 
_struct_conf.beg_auth_comp_id 
_struct_conf.beg_auth_asym_id 
_struct_conf.beg_auth_seq_id 
_struct_conf.end_auth_comp_id 
_struct_conf.end_auth_asym_id 
_struct_conf.end_auth_seq_id 
_struct_conf.pdbx_PDB_helix_class 
_struct_conf.details 
_struct_conf.pdbx_PDB_helix_length 
HELX_P HELX_P1  1  ARG A 2  ? GLU A 7   ? ARG A 54  GLU A 59  5 ? 6  
HELX_P HELX_P2  2  GLY A 11 ? GLY A 29  ? GLY A 63  GLY A 81  1 ? 19 
HELX_P HELX_P3  3  THR A 31 ? GLU A 40  ? THR A 83  GLU A 92  1 ? 10 
HELX_P HELX_P4  4  ASN A 45 ? GLY A 61  ? ASN A 97  GLY A 113 1 ? 17 
HELX_P HELX_P5  5  ALA A 64 ? LYS A 71  ? ALA A 116 LYS A 123 1 ? 8  
HELX_P HELX_P6  6  SER A 76 ? GLY A 90  ? SER A 128 GLY A 142 1 ? 15 
HELX_P HELX_P7  7  GLY A 91 ? ARG A 110 ? GLY A 143 ARG A 162 1 ? 20 
HELX_P HELX_P8  8  GLY B 11 ? GLY B 29  ? GLY B 63  GLY B 81  1 ? 19 
HELX_P HELX_P9  9  THR B 31 ? THR B 43  ? THR B 83  THR B 95  1 ? 13 
HELX_P HELX_P10 10 ASN B 45 ? GLY B 61  ? ASN B 97  GLY B 113 1 ? 17 
HELX_P HELX_P11 11 ALA B 64 ? SER B 70  ? ALA B 116 SER B 122 1 ? 7  
HELX_P HELX_P12 12 SER B 76 ? GLY B 90  ? SER B 128 GLY B 142 1 ? 15 
HELX_P HELX_P13 13 GLY B 91 ? ARG B 110 ? GLY B 143 ARG B 162 1 ? 20 
# 
_struct_conf_type.id          HELX_P 
_struct_conf_type.criteria    ? 
_struct_conf_type.reference   ? 
# 
loop_
_pdbx_validate_close_contact.id 
_pdbx_validate_close_contact.PDB_model_num 
_pdbx_validate_close_contact.auth_atom_id_1 
_pdbx_validate_close_contact.auth_asym_id_1 
_pdbx_validate_close_contact.auth_comp_id_1 
_pdbx_validate_close_contact.auth_seq_id_1 
_pdbx_validate_close_contact.PDB_ins_code_1 
_pdbx_validate_close_contact.label_alt_id_1 
_pdbx_validate_close_contact.auth_atom_id_2 
_pdbx_validate_close_contact.auth_asym_id_2 
_pdbx_validate_close_contact.auth_comp_id_2 
_pdbx_validate_close_contact.auth_seq_id_2 
_pdbx_validate_close_contact.PDB_ins_code_2 
_pdbx_validate_close_contact.label_alt_id_2 
_pdbx_validate_close_contact.dist 
1 1 CB  B ARG 98  ? ? O   B HOH 2018 ? ? 1.85 
2 1 N   B SER 118 ? ? OE2 B GLU 139  ? ? 2.03 
3 1 C   B ARG 98  ? ? O   B HOH 2018 ? ? 2.08 
4 1 OE2 B GLU 119 ? ? O   B HOH 2024 ? ? 2.12 
5 1 CG  B ARG 98  ? ? O   B HOH 2018 ? ? 2.16 
# 
loop_
_pdbx_refine_tls.pdbx_refine_id 
_pdbx_refine_tls.id 
_pdbx_refine_tls.details 
_pdbx_refine_tls.method 
_pdbx_refine_tls.origin_x 
_pdbx_refine_tls.origin_y 
_pdbx_refine_tls.origin_z 
_pdbx_refine_tls.T[1][1] 
_pdbx_refine_tls.T[2][2] 
_pdbx_refine_tls.T[3][3] 
_pdbx_refine_tls.T[1][2] 
_pdbx_refine_tls.T[1][3] 
_pdbx_refine_tls.T[2][3] 
_pdbx_refine_tls.L[1][1] 
_pdbx_refine_tls.L[2][2] 
_pdbx_refine_tls.L[3][3] 
_pdbx_refine_tls.L[1][2] 
_pdbx_refine_tls.L[1][3] 
_pdbx_refine_tls.L[2][3] 
_pdbx_refine_tls.S[1][1] 
_pdbx_refine_tls.S[1][2] 
_pdbx_refine_tls.S[1][3] 
_pdbx_refine_tls.S[2][1] 
_pdbx_refine_tls.S[2][2] 
_pdbx_refine_tls.S[2][3] 
_pdbx_refine_tls.S[3][1] 
_pdbx_refine_tls.S[3][2] 
_pdbx_refine_tls.S[3][3] 
'X-RAY DIFFRACTION' 1  ? refined 4.6488  15.0613  9.7415   0.1664 0.0410 0.0627 0.0044  0.0028  -0.0061 3.0134 5.2527  1.3867  -3.2714 -1.8600 2.6239  0.1572  -0.0649 0.1776  -0.3284 -0.0750 -0.0820 -0.2103 -0.0033 -0.0822 
'X-RAY DIFFRACTION' 2  ? refined 11.1784 8.6071   15.5550  0.2243 0.1941 0.1098 -0.0668 -0.0660 0.0191  4.7439 7.9227  1.6330  -3.5901 0.3302  0.1221  -0.1789 -0.6177 0.3178  0.5595  -0.0324 -0.6219 -0.3764 0.1880  0.2113  
'X-RAY DIFFRACTION' 3  ? refined 2.9281  9.7169   19.5120  0.1503 0.1048 0.0444 -0.0054 -0.0007 -0.0515 0.8827 11.3642 1.4047  0.8705  -0.0075 -3.8364 0.1665  -0.2735 0.1425  0.6200  -0.2340 -0.0196 -0.1977 -0.0227 0.0675  
'X-RAY DIFFRACTION' 4  ? refined -3.8674 6.0647   14.2301  0.0930 0.2554 0.1467 0.0388  0.0110  0.0166  1.2963 13.4194 4.5719  -1.6665 0.1555  -0.5533 0.0531  -0.2934 -0.0205 0.2679  -0.0208 0.8919  -0.3807 -0.7278 -0.0322 
'X-RAY DIFFRACTION' 5  ? refined -2.7067 1.6933   6.4104   0.0230 0.0718 0.0176 -0.0175 -0.0053 0.0162  7.1918 11.7546 6.0926  -0.8695 -0.6230 2.5953  0.1962  0.1216  -0.1065 0.2368  -0.0904 0.3156  0.2702  -0.5037 -0.1058 
'X-RAY DIFFRACTION' 6  ? refined 5.0116  7.7929   -1.5544  0.1386 0.0245 0.0248 0.0325  -0.0388 -0.0033 4.6861 12.2797 4.4464  -0.6155 0.0009  0.0333  -0.0167 0.1751  0.1481  -0.8510 0.0329  0.1814  -0.4208 -0.2213 -0.0160 
'X-RAY DIFFRACTION' 7  ? refined -8.6071 -5.3269  -11.8092 0.0665 0.0198 0.0519 0.0081  -0.0546 -0.0114 7.9424 5.7172  4.0738  2.9021  -2.5025 -2.0988 -0.2472 0.1292  0.3448  -0.1969 0.1033  0.1493  -0.2745 -0.0745 0.1439  
'X-RAY DIFFRACTION' 8  ? refined -9.4615 -13.0116 -16.8487 0.0289 0.0418 0.0400 -0.0031 -0.0220 -0.0243 4.8326 6.9280  9.9996  2.1823  -2.3350 -4.4577 -0.1200 0.4079  -0.1555 -0.4039 0.1661  0.2503  0.1044  -0.3219 -0.0460 
'X-RAY DIFFRACTION' 9  ? refined -1.2905 -15.8659 -18.1802 0.0613 0.0807 0.0242 -0.0054 0.0191  -0.0366 1.7068 10.4263 5.7432  -1.3599 0.9047  -6.0352 0.1248  0.2653  -0.1015 -0.7249 -0.1334 -0.1694 0.3079  0.3414  0.0086  
'X-RAY DIFFRACTION' 10 ? refined 4.4793  -13.9574 -10.8657 0.0148 0.0745 0.1792 0.0238  -0.0156 -0.0232 1.3403 6.9972  9.6502  2.9388  -1.2127 -0.5808 -0.0522 0.0070  -0.1770 -0.0319 0.1893  -0.5446 0.3610  0.7168  -0.1372 
'X-RAY DIFFRACTION' 11 ? refined 1.8003  -10.0012 -3.3729  0.0540 0.0154 0.0515 0.0147  -0.0371 -0.0194 5.8777 8.7220  10.2430 1.0636  -2.0684 -1.4774 0.0050  -0.2085 0.0036  0.3158  -0.0058 -0.0846 0.3839  0.1118  0.0008  
'X-RAY DIFFRACTION' 12 ? refined -5.3527 0.2243   -5.0744  0.0188 0.0273 0.0379 0.0108  -0.0210 -0.0293 3.3972 9.1195  3.8548  2.9103  -1.3844 -3.6249 -0.0279 -0.1713 0.1477  0.0037  -0.1830 0.0918  -0.1745 -0.0837 0.2108  
# 
loop_
_pdbx_refine_tls_group.pdbx_refine_id 
_pdbx_refine_tls_group.id 
_pdbx_refine_tls_group.refine_tls_id 
_pdbx_refine_tls_group.beg_auth_asym_id 
_pdbx_refine_tls_group.beg_auth_seq_id 
_pdbx_refine_tls_group.beg_label_asym_id 
_pdbx_refine_tls_group.beg_label_seq_id 
_pdbx_refine_tls_group.end_auth_asym_id 
_pdbx_refine_tls_group.end_auth_seq_id 
_pdbx_refine_tls_group.end_label_asym_id 
_pdbx_refine_tls_group.end_label_seq_id 
_pdbx_refine_tls_group.selection 
_pdbx_refine_tls_group.selection_details 
'X-RAY DIFFRACTION' 1  1  A 53  ? ? A 82  ? ? ? ? 
'X-RAY DIFFRACTION' 2  2  A 83  ? ? A 97  ? ? ? ? 
'X-RAY DIFFRACTION' 3  3  A 98  ? ? A 115 ? ? ? ? 
'X-RAY DIFFRACTION' 4  4  A 116 ? ? A 125 ? ? ? ? 
'X-RAY DIFFRACTION' 5  5  A 126 ? ? A 142 ? ? ? ? 
'X-RAY DIFFRACTION' 6  6  A 143 ? ? A 162 ? ? ? ? 
'X-RAY DIFFRACTION' 7  7  B 62  ? ? B 82  ? ? ? ? 
'X-RAY DIFFRACTION' 8  8  B 83  ? ? B 97  ? ? ? ? 
'X-RAY DIFFRACTION' 9  9  B 98  ? ? B 115 ? ? ? ? 
'X-RAY DIFFRACTION' 10 10 B 116 ? ? B 125 ? ? ? ? 
'X-RAY DIFFRACTION' 11 11 B 126 ? ? B 142 ? ? ? ? 
'X-RAY DIFFRACTION' 12 12 B 143 ? ? B 162 ? ? ? ? 
# 
loop_
_pdbx_unobs_or_zero_occ_residues.id 
_pdbx_unobs_or_zero_occ_residues.PDB_model_num 
_pdbx_unobs_or_zero_occ_residues.polymer_flag 
_pdbx_unobs_or_zero_occ_residues.occupancy_flag 
_pdbx_unobs_or_zero_occ_residues.auth_asym_id 
_pdbx_unobs_or_zero_occ_residues.auth_comp_id 
_pdbx_unobs_or_zero_occ_residues.auth_seq_id 
_pdbx_unobs_or_zero_occ_residues.PDB_ins_code 
_pdbx_unobs_or_zero_occ_residues.label_asym_id 
_pdbx_unobs_or_zero_occ_residues.label_comp_id 
_pdbx_unobs_or_zero_occ_residues.label_seq_id 
1  1 Y 1 A GLY 163 ? A GLY 111 
2  1 Y 1 A LYS 164 ? A LYS 112 
3  1 Y 1 A ILE 165 ? A ILE 113 
4  1 Y 1 A ARG 166 ? A ARG 114 
5  1 Y 1 A SER 167 ? A SER 115 
6  1 Y 1 A ALA 168 ? A ALA 116 
7  1 Y 1 B VAL 53  ? B VAL 1   
8  1 Y 1 B ARG 54  ? B ARG 2   
9  1 Y 1 B ILE 55  ? B ILE 3   
10 1 Y 1 B PRO 56  ? B PRO 4   
11 1 Y 1 B ALA 57  ? B ALA 5   
12 1 Y 1 B LEU 58  ? B LEU 6   
13 1 Y 1 B GLU 59  ? B GLU 7   
14 1 Y 1 B GLY 163 ? B GLY 111 
15 1 Y 1 B LYS 164 ? B LYS 112 
16 1 Y 1 B ILE 165 ? B ILE 113 
17 1 Y 1 B ARG 166 ? B ARG 114 
18 1 Y 1 B SER 167 ? B SER 115 
19 1 Y 1 B ALA 168 ? B ALA 116 
# 
loop_
_chem_comp_atom.comp_id 
_chem_comp_atom.atom_id 
_chem_comp_atom.type_symbol 
_chem_comp_atom.pdbx_aromatic_flag 
_chem_comp_atom.pdbx_stereo_config 
_chem_comp_atom.pdbx_ordinal 
ALA N    N N N 1   
ALA CA   C N S 2   
ALA C    C N N 3   
ALA O    O N N 4   
ALA CB   C N N 5   
ALA OXT  O N N 6   
ALA H    H N N 7   
ALA H2   H N N 8   
ALA HA   H N N 9   
ALA HB1  H N N 10  
ALA HB2  H N N 11  
ALA HB3  H N N 12  
ALA HXT  H N N 13  
ARG N    N N N 14  
ARG CA   C N S 15  
ARG C    C N N 16  
ARG O    O N N 17  
ARG CB   C N N 18  
ARG CG   C N N 19  
ARG CD   C N N 20  
ARG NE   N N N 21  
ARG CZ   C N N 22  
ARG NH1  N N N 23  
ARG NH2  N N N 24  
ARG OXT  O N N 25  
ARG H    H N N 26  
ARG H2   H N N 27  
ARG HA   H N N 28  
ARG HB2  H N N 29  
ARG HB3  H N N 30  
ARG HG2  H N N 31  
ARG HG3  H N N 32  
ARG HD2  H N N 33  
ARG HD3  H N N 34  
ARG HE   H N N 35  
ARG HH11 H N N 36  
ARG HH12 H N N 37  
ARG HH21 H N N 38  
ARG HH22 H N N 39  
ARG HXT  H N N 40  
ASN N    N N N 41  
ASN CA   C N S 42  
ASN C    C N N 43  
ASN O    O N N 44  
ASN CB   C N N 45  
ASN CG   C N N 46  
ASN OD1  O N N 47  
ASN ND2  N N N 48  
ASN OXT  O N N 49  
ASN H    H N N 50  
ASN H2   H N N 51  
ASN HA   H N N 52  
ASN HB2  H N N 53  
ASN HB3  H N N 54  
ASN HD21 H N N 55  
ASN HD22 H N N 56  
ASN HXT  H N N 57  
ASP N    N N N 58  
ASP CA   C N S 59  
ASP C    C N N 60  
ASP O    O N N 61  
ASP CB   C N N 62  
ASP CG   C N N 63  
ASP OD1  O N N 64  
ASP OD2  O N N 65  
ASP OXT  O N N 66  
ASP H    H N N 67  
ASP H2   H N N 68  
ASP HA   H N N 69  
ASP HB2  H N N 70  
ASP HB3  H N N 71  
ASP HD2  H N N 72  
ASP HXT  H N N 73  
GLN N    N N N 74  
GLN CA   C N S 75  
GLN C    C N N 76  
GLN O    O N N 77  
GLN CB   C N N 78  
GLN CG   C N N 79  
GLN CD   C N N 80  
GLN OE1  O N N 81  
GLN NE2  N N N 82  
GLN OXT  O N N 83  
GLN H    H N N 84  
GLN H2   H N N 85  
GLN HA   H N N 86  
GLN HB2  H N N 87  
GLN HB3  H N N 88  
GLN HG2  H N N 89  
GLN HG3  H N N 90  
GLN HE21 H N N 91  
GLN HE22 H N N 92  
GLN HXT  H N N 93  
GLU N    N N N 94  
GLU CA   C N S 95  
GLU C    C N N 96  
GLU O    O N N 97  
GLU CB   C N N 98  
GLU CG   C N N 99  
GLU CD   C N N 100 
GLU OE1  O N N 101 
GLU OE2  O N N 102 
GLU OXT  O N N 103 
GLU H    H N N 104 
GLU H2   H N N 105 
GLU HA   H N N 106 
GLU HB2  H N N 107 
GLU HB3  H N N 108 
GLU HG2  H N N 109 
GLU HG3  H N N 110 
GLU HE2  H N N 111 
GLU HXT  H N N 112 
GLY N    N N N 113 
GLY CA   C N N 114 
GLY C    C N N 115 
GLY O    O N N 116 
GLY OXT  O N N 117 
GLY H    H N N 118 
GLY H2   H N N 119 
GLY HA2  H N N 120 
GLY HA3  H N N 121 
GLY HXT  H N N 122 
HIS N    N N N 123 
HIS CA   C N S 124 
HIS C    C N N 125 
HIS O    O N N 126 
HIS CB   C N N 127 
HIS CG   C Y N 128 
HIS ND1  N Y N 129 
HIS CD2  C Y N 130 
HIS CE1  C Y N 131 
HIS NE2  N Y N 132 
HIS OXT  O N N 133 
HIS H    H N N 134 
HIS H2   H N N 135 
HIS HA   H N N 136 
HIS HB2  H N N 137 
HIS HB3  H N N 138 
HIS HD1  H N N 139 
HIS HD2  H N N 140 
HIS HE1  H N N 141 
HIS HE2  H N N 142 
HIS HXT  H N N 143 
HOH O    O N N 144 
HOH H1   H N N 145 
HOH H2   H N N 146 
ILE N    N N N 147 
ILE CA   C N S 148 
ILE C    C N N 149 
ILE O    O N N 150 
ILE CB   C N S 151 
ILE CG1  C N N 152 
ILE CG2  C N N 153 
ILE CD1  C N N 154 
ILE OXT  O N N 155 
ILE H    H N N 156 
ILE H2   H N N 157 
ILE HA   H N N 158 
ILE HB   H N N 159 
ILE HG12 H N N 160 
ILE HG13 H N N 161 
ILE HG21 H N N 162 
ILE HG22 H N N 163 
ILE HG23 H N N 164 
ILE HD11 H N N 165 
ILE HD12 H N N 166 
ILE HD13 H N N 167 
ILE HXT  H N N 168 
LEU N    N N N 169 
LEU CA   C N S 170 
LEU C    C N N 171 
LEU O    O N N 172 
LEU CB   C N N 173 
LEU CG   C N N 174 
LEU CD1  C N N 175 
LEU CD2  C N N 176 
LEU OXT  O N N 177 
LEU H    H N N 178 
LEU H2   H N N 179 
LEU HA   H N N 180 
LEU HB2  H N N 181 
LEU HB3  H N N 182 
LEU HG   H N N 183 
LEU HD11 H N N 184 
LEU HD12 H N N 185 
LEU HD13 H N N 186 
LEU HD21 H N N 187 
LEU HD22 H N N 188 
LEU HD23 H N N 189 
LEU HXT  H N N 190 
LYS N    N N N 191 
LYS CA   C N S 192 
LYS C    C N N 193 
LYS O    O N N 194 
LYS CB   C N N 195 
LYS CG   C N N 196 
LYS CD   C N N 197 
LYS CE   C N N 198 
LYS NZ   N N N 199 
LYS OXT  O N N 200 
LYS H    H N N 201 
LYS H2   H N N 202 
LYS HA   H N N 203 
LYS HB2  H N N 204 
LYS HB3  H N N 205 
LYS HG2  H N N 206 
LYS HG3  H N N 207 
LYS HD2  H N N 208 
LYS HD3  H N N 209 
LYS HE2  H N N 210 
LYS HE3  H N N 211 
LYS HZ1  H N N 212 
LYS HZ2  H N N 213 
LYS HZ3  H N N 214 
LYS HXT  H N N 215 
MET N    N N N 216 
MET CA   C N S 217 
MET C    C N N 218 
MET O    O N N 219 
MET CB   C N N 220 
MET CG   C N N 221 
MET SD   S N N 222 
MET CE   C N N 223 
MET OXT  O N N 224 
MET H    H N N 225 
MET H2   H N N 226 
MET HA   H N N 227 
MET HB2  H N N 228 
MET HB3  H N N 229 
MET HG2  H N N 230 
MET HG3  H N N 231 
MET HE1  H N N 232 
MET HE2  H N N 233 
MET HE3  H N N 234 
MET HXT  H N N 235 
PHE N    N N N 236 
PHE CA   C N S 237 
PHE C    C N N 238 
PHE O    O N N 239 
PHE CB   C N N 240 
PHE CG   C Y N 241 
PHE CD1  C Y N 242 
PHE CD2  C Y N 243 
PHE CE1  C Y N 244 
PHE CE2  C Y N 245 
PHE CZ   C Y N 246 
PHE OXT  O N N 247 
PHE H    H N N 248 
PHE H2   H N N 249 
PHE HA   H N N 250 
PHE HB2  H N N 251 
PHE HB3  H N N 252 
PHE HD1  H N N 253 
PHE HD2  H N N 254 
PHE HE1  H N N 255 
PHE HE2  H N N 256 
PHE HZ   H N N 257 
PHE HXT  H N N 258 
PRO N    N N N 259 
PRO CA   C N S 260 
PRO C    C N N 261 
PRO O    O N N 262 
PRO CB   C N N 263 
PRO CG   C N N 264 
PRO CD   C N N 265 
PRO OXT  O N N 266 
PRO H    H N N 267 
PRO HA   H N N 268 
PRO HB2  H N N 269 
PRO HB3  H N N 270 
PRO HG2  H N N 271 
PRO HG3  H N N 272 
PRO HD2  H N N 273 
PRO HD3  H N N 274 
PRO HXT  H N N 275 
SER N    N N N 276 
SER CA   C N S 277 
SER C    C N N 278 
SER O    O N N 279 
SER CB   C N N 280 
SER OG   O N N 281 
SER OXT  O N N 282 
SER H    H N N 283 
SER H2   H N N 284 
SER HA   H N N 285 
SER HB2  H N N 286 
SER HB3  H N N 287 
SER HG   H N N 288 
SER HXT  H N N 289 
THR N    N N N 290 
THR CA   C N S 291 
THR C    C N N 292 
THR O    O N N 293 
THR CB   C N R 294 
THR OG1  O N N 295 
THR CG2  C N N 296 
THR OXT  O N N 297 
THR H    H N N 298 
THR H2   H N N 299 
THR HA   H N N 300 
THR HB   H N N 301 
THR HG1  H N N 302 
THR HG21 H N N 303 
THR HG22 H N N 304 
THR HG23 H N N 305 
THR HXT  H N N 306 
TYR N    N N N 307 
TYR CA   C N S 308 
TYR C    C N N 309 
TYR O    O N N 310 
TYR CB   C N N 311 
TYR CG   C Y N 312 
TYR CD1  C Y N 313 
TYR CD2  C Y N 314 
TYR CE1  C Y N 315 
TYR CE2  C Y N 316 
TYR CZ   C Y N 317 
TYR OH   O N N 318 
TYR OXT  O N N 319 
TYR H    H N N 320 
TYR H2   H N N 321 
TYR HA   H N N 322 
TYR HB2  H N N 323 
TYR HB3  H N N 324 
TYR HD1  H N N 325 
TYR HD2  H N N 326 
TYR HE1  H N N 327 
TYR HE2  H N N 328 
TYR HH   H N N 329 
TYR HXT  H N N 330 
VAL N    N N N 331 
VAL CA   C N S 332 
VAL C    C N N 333 
VAL O    O N N 334 
VAL CB   C N N 335 
VAL CG1  C N N 336 
VAL CG2  C N N 337 
VAL OXT  O N N 338 
VAL H    H N N 339 
VAL H2   H N N 340 
VAL HA   H N N 341 
VAL HB   H N N 342 
VAL HG11 H N N 343 
VAL HG12 H N N 344 
VAL HG13 H N N 345 
VAL HG21 H N N 346 
VAL HG22 H N N 347 
VAL HG23 H N N 348 
VAL HXT  H N N 349 
# 
loop_
_chem_comp_bond.comp_id 
_chem_comp_bond.atom_id_1 
_chem_comp_bond.atom_id_2 
_chem_comp_bond.value_order 
_chem_comp_bond.pdbx_aromatic_flag 
_chem_comp_bond.pdbx_stereo_config 
_chem_comp_bond.pdbx_ordinal 
ALA N   CA   sing N N 1   
ALA N   H    sing N N 2   
ALA N   H2   sing N N 3   
ALA CA  C    sing N N 4   
ALA CA  CB   sing N N 5   
ALA CA  HA   sing N N 6   
ALA C   O    doub N N 7   
ALA C   OXT  sing N N 8   
ALA CB  HB1  sing N N 9   
ALA CB  HB2  sing N N 10  
ALA CB  HB3  sing N N 11  
ALA OXT HXT  sing N N 12  
ARG N   CA   sing N N 13  
ARG N   H    sing N N 14  
ARG N   H2   sing N N 15  
ARG CA  C    sing N N 16  
ARG CA  CB   sing N N 17  
ARG CA  HA   sing N N 18  
ARG C   O    doub N N 19  
ARG C   OXT  sing N N 20  
ARG CB  CG   sing N N 21  
ARG CB  HB2  sing N N 22  
ARG CB  HB3  sing N N 23  
ARG CG  CD   sing N N 24  
ARG CG  HG2  sing N N 25  
ARG CG  HG3  sing N N 26  
ARG CD  NE   sing N N 27  
ARG CD  HD2  sing N N 28  
ARG CD  HD3  sing N N 29  
ARG NE  CZ   sing N N 30  
ARG NE  HE   sing N N 31  
ARG CZ  NH1  sing N N 32  
ARG CZ  NH2  doub N N 33  
ARG NH1 HH11 sing N N 34  
ARG NH1 HH12 sing N N 35  
ARG NH2 HH21 sing N N 36  
ARG NH2 HH22 sing N N 37  
ARG OXT HXT  sing N N 38  
ASN N   CA   sing N N 39  
ASN N   H    sing N N 40  
ASN N   H2   sing N N 41  
ASN CA  C    sing N N 42  
ASN CA  CB   sing N N 43  
ASN CA  HA   sing N N 44  
ASN C   O    doub N N 45  
ASN C   OXT  sing N N 46  
ASN CB  CG   sing N N 47  
ASN CB  HB2  sing N N 48  
ASN CB  HB3  sing N N 49  
ASN CG  OD1  doub N N 50  
ASN CG  ND2  sing N N 51  
ASN ND2 HD21 sing N N 52  
ASN ND2 HD22 sing N N 53  
ASN OXT HXT  sing N N 54  
ASP N   CA   sing N N 55  
ASP N   H    sing N N 56  
ASP N   H2   sing N N 57  
ASP CA  C    sing N N 58  
ASP CA  CB   sing N N 59  
ASP CA  HA   sing N N 60  
ASP C   O    doub N N 61  
ASP C   OXT  sing N N 62  
ASP CB  CG   sing N N 63  
ASP CB  HB2  sing N N 64  
ASP CB  HB3  sing N N 65  
ASP CG  OD1  doub N N 66  
ASP CG  OD2  sing N N 67  
ASP OD2 HD2  sing N N 68  
ASP OXT HXT  sing N N 69  
GLN N   CA   sing N N 70  
GLN N   H    sing N N 71  
GLN N   H2   sing N N 72  
GLN CA  C    sing N N 73  
GLN CA  CB   sing N N 74  
GLN CA  HA   sing N N 75  
GLN C   O    doub N N 76  
GLN C   OXT  sing N N 77  
GLN CB  CG   sing N N 78  
GLN CB  HB2  sing N N 79  
GLN CB  HB3  sing N N 80  
GLN CG  CD   sing N N 81  
GLN CG  HG2  sing N N 82  
GLN CG  HG3  sing N N 83  
GLN CD  OE1  doub N N 84  
GLN CD  NE2  sing N N 85  
GLN NE2 HE21 sing N N 86  
GLN NE2 HE22 sing N N 87  
GLN OXT HXT  sing N N 88  
GLU N   CA   sing N N 89  
GLU N   H    sing N N 90  
GLU N   H2   sing N N 91  
GLU CA  C    sing N N 92  
GLU CA  CB   sing N N 93  
GLU CA  HA   sing N N 94  
GLU C   O    doub N N 95  
GLU C   OXT  sing N N 96  
GLU CB  CG   sing N N 97  
GLU CB  HB2  sing N N 98  
GLU CB  HB3  sing N N 99  
GLU CG  CD   sing N N 100 
GLU CG  HG2  sing N N 101 
GLU CG  HG3  sing N N 102 
GLU CD  OE1  doub N N 103 
GLU CD  OE2  sing N N 104 
GLU OE2 HE2  sing N N 105 
GLU OXT HXT  sing N N 106 
GLY N   CA   sing N N 107 
GLY N   H    sing N N 108 
GLY N   H2   sing N N 109 
GLY CA  C    sing N N 110 
GLY CA  HA2  sing N N 111 
GLY CA  HA3  sing N N 112 
GLY C   O    doub N N 113 
GLY C   OXT  sing N N 114 
GLY OXT HXT  sing N N 115 
HIS N   CA   sing N N 116 
HIS N   H    sing N N 117 
HIS N   H2   sing N N 118 
HIS CA  C    sing N N 119 
HIS CA  CB   sing N N 120 
HIS CA  HA   sing N N 121 
HIS C   O    doub N N 122 
HIS C   OXT  sing N N 123 
HIS CB  CG   sing N N 124 
HIS CB  HB2  sing N N 125 
HIS CB  HB3  sing N N 126 
HIS CG  ND1  sing Y N 127 
HIS CG  CD2  doub Y N 128 
HIS ND1 CE1  doub Y N 129 
HIS ND1 HD1  sing N N 130 
HIS CD2 NE2  sing Y N 131 
HIS CD2 HD2  sing N N 132 
HIS CE1 NE2  sing Y N 133 
HIS CE1 HE1  sing N N 134 
HIS NE2 HE2  sing N N 135 
HIS OXT HXT  sing N N 136 
HOH O   H1   sing N N 137 
HOH O   H2   sing N N 138 
ILE N   CA   sing N N 139 
ILE N   H    sing N N 140 
ILE N   H2   sing N N 141 
ILE CA  C    sing N N 142 
ILE CA  CB   sing N N 143 
ILE CA  HA   sing N N 144 
ILE C   O    doub N N 145 
ILE C   OXT  sing N N 146 
ILE CB  CG1  sing N N 147 
ILE CB  CG2  sing N N 148 
ILE CB  HB   sing N N 149 
ILE CG1 CD1  sing N N 150 
ILE CG1 HG12 sing N N 151 
ILE CG1 HG13 sing N N 152 
ILE CG2 HG21 sing N N 153 
ILE CG2 HG22 sing N N 154 
ILE CG2 HG23 sing N N 155 
ILE CD1 HD11 sing N N 156 
ILE CD1 HD12 sing N N 157 
ILE CD1 HD13 sing N N 158 
ILE OXT HXT  sing N N 159 
LEU N   CA   sing N N 160 
LEU N   H    sing N N 161 
LEU N   H2   sing N N 162 
LEU CA  C    sing N N 163 
LEU CA  CB   sing N N 164 
LEU CA  HA   sing N N 165 
LEU C   O    doub N N 166 
LEU C   OXT  sing N N 167 
LEU CB  CG   sing N N 168 
LEU CB  HB2  sing N N 169 
LEU CB  HB3  sing N N 170 
LEU CG  CD1  sing N N 171 
LEU CG  CD2  sing N N 172 
LEU CG  HG   sing N N 173 
LEU CD1 HD11 sing N N 174 
LEU CD1 HD12 sing N N 175 
LEU CD1 HD13 sing N N 176 
LEU CD2 HD21 sing N N 177 
LEU CD2 HD22 sing N N 178 
LEU CD2 HD23 sing N N 179 
LEU OXT HXT  sing N N 180 
LYS N   CA   sing N N 181 
LYS N   H    sing N N 182 
LYS N   H2   sing N N 183 
LYS CA  C    sing N N 184 
LYS CA  CB   sing N N 185 
LYS CA  HA   sing N N 186 
LYS C   O    doub N N 187 
LYS C   OXT  sing N N 188 
LYS CB  CG   sing N N 189 
LYS CB  HB2  sing N N 190 
LYS CB  HB3  sing N N 191 
LYS CG  CD   sing N N 192 
LYS CG  HG2  sing N N 193 
LYS CG  HG3  sing N N 194 
LYS CD  CE   sing N N 195 
LYS CD  HD2  sing N N 196 
LYS CD  HD3  sing N N 197 
LYS CE  NZ   sing N N 198 
LYS CE  HE2  sing N N 199 
LYS CE  HE3  sing N N 200 
LYS NZ  HZ1  sing N N 201 
LYS NZ  HZ2  sing N N 202 
LYS NZ  HZ3  sing N N 203 
LYS OXT HXT  sing N N 204 
MET N   CA   sing N N 205 
MET N   H    sing N N 206 
MET N   H2   sing N N 207 
MET CA  C    sing N N 208 
MET CA  CB   sing N N 209 
MET CA  HA   sing N N 210 
MET C   O    doub N N 211 
MET C   OXT  sing N N 212 
MET CB  CG   sing N N 213 
MET CB  HB2  sing N N 214 
MET CB  HB3  sing N N 215 
MET CG  SD   sing N N 216 
MET CG  HG2  sing N N 217 
MET CG  HG3  sing N N 218 
MET SD  CE   sing N N 219 
MET CE  HE1  sing N N 220 
MET CE  HE2  sing N N 221 
MET CE  HE3  sing N N 222 
MET OXT HXT  sing N N 223 
PHE N   CA   sing N N 224 
PHE N   H    sing N N 225 
PHE N   H2   sing N N 226 
PHE CA  C    sing N N 227 
PHE CA  CB   sing N N 228 
PHE CA  HA   sing N N 229 
PHE C   O    doub N N 230 
PHE C   OXT  sing N N 231 
PHE CB  CG   sing N N 232 
PHE CB  HB2  sing N N 233 
PHE CB  HB3  sing N N 234 
PHE CG  CD1  doub Y N 235 
PHE CG  CD2  sing Y N 236 
PHE CD1 CE1  sing Y N 237 
PHE CD1 HD1  sing N N 238 
PHE CD2 CE2  doub Y N 239 
PHE CD2 HD2  sing N N 240 
PHE CE1 CZ   doub Y N 241 
PHE CE1 HE1  sing N N 242 
PHE CE2 CZ   sing Y N 243 
PHE CE2 HE2  sing N N 244 
PHE CZ  HZ   sing N N 245 
PHE OXT HXT  sing N N 246 
PRO N   CA   sing N N 247 
PRO N   CD   sing N N 248 
PRO N   H    sing N N 249 
PRO CA  C    sing N N 250 
PRO CA  CB   sing N N 251 
PRO CA  HA   sing N N 252 
PRO C   O    doub N N 253 
PRO C   OXT  sing N N 254 
PRO CB  CG   sing N N 255 
PRO CB  HB2  sing N N 256 
PRO CB  HB3  sing N N 257 
PRO CG  CD   sing N N 258 
PRO CG  HG2  sing N N 259 
PRO CG  HG3  sing N N 260 
PRO CD  HD2  sing N N 261 
PRO CD  HD3  sing N N 262 
PRO OXT HXT  sing N N 263 
SER N   CA   sing N N 264 
SER N   H    sing N N 265 
SER N   H2   sing N N 266 
SER CA  C    sing N N 267 
SER CA  CB   sing N N 268 
SER CA  HA   sing N N 269 
SER C   O    doub N N 270 
SER C   OXT  sing N N 271 
SER CB  OG   sing N N 272 
SER CB  HB2  sing N N 273 
SER CB  HB3  sing N N 274 
SER OG  HG   sing N N 275 
SER OXT HXT  sing N N 276 
THR N   CA   sing N N 277 
THR N   H    sing N N 278 
THR N   H2   sing N N 279 
THR CA  C    sing N N 280 
THR CA  CB   sing N N 281 
THR CA  HA   sing N N 282 
THR C   O    doub N N 283 
THR C   OXT  sing N N 284 
THR CB  OG1  sing N N 285 
THR CB  CG2  sing N N 286 
THR CB  HB   sing N N 287 
THR OG1 HG1  sing N N 288 
THR CG2 HG21 sing N N 289 
THR CG2 HG22 sing N N 290 
THR CG2 HG23 sing N N 291 
THR OXT HXT  sing N N 292 
TYR N   CA   sing N N 293 
TYR N   H    sing N N 294 
TYR N   H2   sing N N 295 
TYR CA  C    sing N N 296 
TYR CA  CB   sing N N 297 
TYR CA  HA   sing N N 298 
TYR C   O    doub N N 299 
TYR C   OXT  sing N N 300 
TYR CB  CG   sing N N 301 
TYR CB  HB2  sing N N 302 
TYR CB  HB3  sing N N 303 
TYR CG  CD1  doub Y N 304 
TYR CG  CD2  sing Y N 305 
TYR CD1 CE1  sing Y N 306 
TYR CD1 HD1  sing N N 307 
TYR CD2 CE2  doub Y N 308 
TYR CD2 HD2  sing N N 309 
TYR CE1 CZ   doub Y N 310 
TYR CE1 HE1  sing N N 311 
TYR CE2 CZ   sing Y N 312 
TYR CE2 HE2  sing N N 313 
TYR CZ  OH   sing N N 314 
TYR OH  HH   sing N N 315 
TYR OXT HXT  sing N N 316 
VAL N   CA   sing N N 317 
VAL N   H    sing N N 318 
VAL N   H2   sing N N 319 
VAL CA  C    sing N N 320 
VAL CA  CB   sing N N 321 
VAL CA  HA   sing N N 322 
VAL C   O    doub N N 323 
VAL C   OXT  sing N N 324 
VAL CB  CG1  sing N N 325 
VAL CB  CG2  sing N N 326 
VAL CB  HB   sing N N 327 
VAL CG1 HG11 sing N N 328 
VAL CG1 HG12 sing N N 329 
VAL CG1 HG13 sing N N 330 
VAL CG2 HG21 sing N N 331 
VAL CG2 HG22 sing N N 332 
VAL CG2 HG23 sing N N 333 
VAL OXT HXT  sing N N 334 
# 
_atom_sites.entry_id                    2WHN 
_atom_sites.fract_transf_matrix[1][1]   -0.00646735 
_atom_sites.fract_transf_matrix[1][2]   0.00783258 
_atom_sites.fract_transf_matrix[1][3]   0.01501253 
_atom_sites.fract_transf_matrix[2][1]   0.00838515 
_atom_sites.fract_transf_matrix[2][2]   0.01544294 
_atom_sites.fract_transf_matrix[2][3]   -0.00444484 
_atom_sites.fract_transf_matrix[3][1]   -0.00533707 
_atom_sites.fract_transf_matrix[3][2]   0.00194419 
_atom_sites.fract_transf_matrix[3][3]   -0.00331355 
_atom_sites.fract_transf_vector[1]      -0.217379 
_atom_sites.fract_transf_vector[2]      -0.027027 
_atom_sites.fract_transf_vector[3]      0.169037 
# 
loop_
_atom_type.symbol 
C 
N 
O 
S 
# 
loop_
_atom_site.group_PDB 
_atom_site.id 
_atom_site.type_symbol 
_atom_site.label_atom_id 
_atom_site.label_alt_id 
_atom_site.label_comp_id 
_atom_site.label_asym_id 
_atom_site.label_entity_id 
_atom_site.label_seq_id 
_atom_site.pdbx_PDB_ins_code 
_atom_site.Cartn_x 
_atom_site.Cartn_y 
_atom_site.Cartn_z 
_atom_site.occupancy 
_atom_site.B_iso_or_equiv 
_atom_site.pdbx_formal_charge 
_atom_site.auth_seq_id 
_atom_site.auth_comp_id 
_atom_site.auth_asym_id 
_atom_site.auth_atom_id 
_atom_site.pdbx_PDB_model_num 
ATOM   1    N N   . VAL A 1 1   ? -12.144 32.513  21.930  1.00 34.30 ? 53   VAL A N   1 
ATOM   2    C CA  . VAL A 1 1   ? -11.247 32.054  20.834  1.00 33.17 ? 53   VAL A CA  1 
ATOM   3    C C   . VAL A 1 1   ? -10.671 30.687  21.166  1.00 33.43 ? 53   VAL A C   1 
ATOM   4    O O   . VAL A 1 1   ? -10.214 30.453  22.283  1.00 34.74 ? 53   VAL A O   1 
ATOM   5    C CB  . VAL A 1 1   ? -10.101 33.055  20.595  1.00 33.53 ? 53   VAL A CB  1 
ATOM   6    C CG1 . VAL A 1 1   ? -9.091  32.495  19.602  1.00 31.99 ? 53   VAL A CG1 1 
ATOM   7    C CG2 . VAL A 1 1   ? -10.656 34.384  20.112  1.00 32.87 ? 53   VAL A CG2 1 
ATOM   8    N N   . ARG A 1 2   ? -10.726 29.773  20.208  1.00 32.58 ? 54   ARG A N   1 
ATOM   9    C CA  . ARG A 1 2   ? -10.127 28.460  20.393  1.00 32.63 ? 54   ARG A CA  1 
ATOM   10   C C   . ARG A 1 2   ? -8.659  28.483  19.975  1.00 31.24 ? 54   ARG A C   1 
ATOM   11   O O   . ARG A 1 2   ? -8.333  28.381  18.795  1.00 31.03 ? 54   ARG A O   1 
ATOM   12   C CB  . ARG A 1 2   ? -10.907 27.397  19.611  1.00 33.09 ? 54   ARG A CB  1 
ATOM   13   C CG  . ARG A 1 2   ? -12.293 27.118  20.182  1.00 37.01 ? 54   ARG A CG  1 
ATOM   14   C CD  . ARG A 1 2   ? -13.290 26.728  19.094  1.00 42.15 ? 54   ARG A CD  1 
ATOM   15   N NE  . ARG A 1 2   ? -13.639 27.862  18.237  1.00 44.43 ? 54   ARG A NE  1 
ATOM   16   C CZ  . ARG A 1 2   ? -14.461 28.846  18.592  1.00 44.71 ? 54   ARG A CZ  1 
ATOM   17   N NH1 . ARG A 1 2   ? -15.041 28.833  19.783  1.00 46.03 ? 54   ARG A NH1 1 
ATOM   18   N NH2 . ARG A 1 2   ? -14.707 29.845  17.753  1.00 45.58 ? 54   ARG A NH2 1 
ATOM   19   N N   . ILE A 1 3   ? -7.778  28.639  20.957  1.00 30.35 ? 55   ILE A N   1 
ATOM   20   C CA  . ILE A 1 3   ? -6.369  28.890  20.702  1.00 28.96 ? 55   ILE A CA  1 
ATOM   21   C C   . ILE A 1 3   ? -5.712  27.756  19.911  1.00 29.74 ? 55   ILE A C   1 
ATOM   22   O O   . ILE A 1 3   ? -4.996  28.002  18.942  1.00 29.79 ? 55   ILE A O   1 
ATOM   23   C CB  . ILE A 1 3   ? -5.611  29.150  22.022  1.00 28.76 ? 55   ILE A CB  1 
ATOM   24   C CG1 . ILE A 1 3   ? -6.184  30.389  22.718  1.00 26.65 ? 55   ILE A CG1 1 
ATOM   25   C CG2 . ILE A 1 3   ? -4.124  29.324  21.764  1.00 27.67 ? 55   ILE A CG2 1 
ATOM   26   C CD1 . ILE A 1 3   ? -5.689  30.580  24.130  1.00 26.08 ? 55   ILE A CD1 1 
ATOM   27   N N   . PRO A 1 4   ? -6.002  26.502  20.287  1.00 30.13 ? 56   PRO A N   1 
ATOM   28   C CA  . PRO A 1 4   ? -5.442  25.344  19.587  1.00 29.89 ? 56   PRO A CA  1 
ATOM   29   C C   . PRO A 1 4   ? -5.790  25.318  18.093  1.00 29.81 ? 56   PRO A C   1 
ATOM   30   O O   . PRO A 1 4   ? -4.956  24.941  17.267  1.00 28.78 ? 56   PRO A O   1 
ATOM   31   C CB  . PRO A 1 4   ? -6.066  24.143  20.316  1.00 30.18 ? 56   PRO A CB  1 
ATOM   32   C CG  . PRO A 1 4   ? -7.205  24.705  21.133  1.00 31.39 ? 56   PRO A CG  1 
ATOM   33   C CD  . PRO A 1 4   ? -6.829  26.118  21.445  1.00 30.41 ? 56   PRO A CD  1 
ATOM   34   N N   . ALA A 1 5   ? -6.994  25.761  17.748  1.00 29.26 ? 57   ALA A N   1 
ATOM   35   C CA  . ALA A 1 5   ? -7.396  25.853  16.348  1.00 29.07 ? 57   ALA A CA  1 
ATOM   36   C C   . ALA A 1 5   ? -6.474  26.758  15.525  1.00 28.59 ? 57   ALA A C   1 
ATOM   37   O O   . ALA A 1 5   ? -6.403  26.633  14.302  1.00 28.85 ? 57   ALA A O   1 
ATOM   38   C CB  . ALA A 1 5   ? -8.841  26.321  16.242  1.00 29.18 ? 57   ALA A CB  1 
ATOM   39   N N   . LEU A 1 6   ? -5.758  27.656  16.199  1.00 27.24 ? 58   LEU A N   1 
ATOM   40   C CA  . LEU A 1 6   ? -4.909  28.631  15.520  1.00 26.47 ? 58   LEU A CA  1 
ATOM   41   C C   . LEU A 1 6   ? -3.490  28.118  15.262  1.00 27.20 ? 58   LEU A C   1 
ATOM   42   O O   . LEU A 1 6   ? -2.704  28.767  14.574  1.00 26.33 ? 58   LEU A O   1 
ATOM   43   C CB  . LEU A 1 6   ? -4.865  29.950  16.306  1.00 25.55 ? 58   LEU A CB  1 
ATOM   44   C CG  . LEU A 1 6   ? -6.163  30.765  16.362  1.00 23.86 ? 58   LEU A CG  1 
ATOM   45   C CD1 . LEU A 1 6   ? -6.046  31.922  17.343  1.00 23.97 ? 58   LEU A CD1 1 
ATOM   46   C CD2 . LEU A 1 6   ? -6.543  31.280  14.984  1.00 23.37 ? 58   LEU A CD2 1 
ATOM   47   N N   . GLU A 1 7   ? -3.163  26.956  15.818  1.00 28.31 ? 59   GLU A N   1 
ATOM   48   C CA  . GLU A 1 7   ? -1.800  26.435  15.753  1.00 30.69 ? 59   GLU A CA  1 
ATOM   49   C C   . GLU A 1 7   ? -1.561  25.688  14.439  1.00 31.52 ? 59   GLU A C   1 
ATOM   50   O O   . GLU A 1 7   ? -2.406  24.911  14.001  1.00 30.84 ? 59   GLU A O   1 
ATOM   51   C CB  . GLU A 1 7   ? -1.525  25.512  16.947  1.00 30.52 ? 59   GLU A CB  1 
ATOM   52   C CG  . GLU A 1 7   ? -0.052  25.182  17.141  1.00 34.79 ? 59   GLU A CG  1 
ATOM   53   C CD  . GLU A 1 7   ? 0.190   24.125  18.208  1.00 37.18 ? 59   GLU A CD  1 
ATOM   54   O OE1 . GLU A 1 7   ? -0.784  23.704  18.875  1.00 36.01 ? 59   GLU A OE1 1 
ATOM   55   O OE2 . GLU A 1 7   ? 1.362   23.729  18.384  1.00 38.34 ? 59   GLU A OE2 1 
ATOM   56   N N   . ARG A 1 8   ? -0.433  25.965  13.790  1.00 33.29 ? 60   ARG A N   1 
ATOM   57   C CA  . ARG A 1 8   ? -0.087  25.292  12.539  1.00 35.36 ? 60   ARG A CA  1 
ATOM   58   C C   . ARG A 1 8   ? 0.124   23.800  12.781  1.00 35.54 ? 60   ARG A C   1 
ATOM   59   O O   . ARG A 1 8   ? 1.067   23.406  13.468  1.00 35.83 ? 60   ARG A O   1 
ATOM   60   C CB  . ARG A 1 8   ? 1.187   25.891  11.935  1.00 35.92 ? 60   ARG A CB  1 
ATOM   61   C CG  . ARG A 1 8   ? 1.146   27.397  11.732  1.00 40.18 ? 60   ARG A CG  1 
ATOM   62   C CD  . ARG A 1 8   ? 2.449   27.889  11.118  1.00 45.21 ? 60   ARG A CD  1 
ATOM   63   N NE  . ARG A 1 8   ? 2.288   29.153  10.404  1.00 47.96 ? 60   ARG A NE  1 
ATOM   64   C CZ  . ARG A 1 8   ? 2.985   29.493  9.325   1.00 50.12 ? 60   ARG A CZ  1 
ATOM   65   N NH1 . ARG A 1 8   ? 3.881   28.653  8.824   1.00 51.24 ? 60   ARG A NH1 1 
ATOM   66   N NH2 . ARG A 1 8   ? 2.783   30.666  8.739   1.00 51.84 ? 60   ARG A NH2 1 
ATOM   67   N N   . GLY A 1 9   ? -0.768  22.979  12.233  1.00 35.78 ? 61   GLY A N   1 
ATOM   68   C CA  . GLY A 1 9   ? -0.638  21.525  12.332  1.00 35.53 ? 61   GLY A CA  1 
ATOM   69   C C   . GLY A 1 9   ? 0.146   20.937  11.175  1.00 35.10 ? 61   GLY A C   1 
ATOM   70   O O   . GLY A 1 9   ? 0.603   21.666  10.295  1.00 36.14 ? 61   GLY A O   1 
ATOM   71   N N   . PRO A 1 10  ? 0.298   19.605  11.162  1.00 34.73 ? 62   PRO A N   1 
ATOM   72   C CA  . PRO A 1 10  ? 1.079   18.935  10.124  1.00 34.26 ? 62   PRO A CA  1 
ATOM   73   C C   . PRO A 1 10  ? 0.563   19.260  8.723   1.00 33.58 ? 62   PRO A C   1 
ATOM   74   O O   . PRO A 1 10  ? -0.643  19.248  8.489   1.00 33.09 ? 62   PRO A O   1 
ATOM   75   C CB  . PRO A 1 10  ? 0.866   17.447  10.428  1.00 34.02 ? 62   PRO A CB  1 
ATOM   76   C CG  . PRO A 1 10  ? 0.450   17.396  11.864  1.00 34.83 ? 62   PRO A CG  1 
ATOM   77   C CD  . PRO A 1 10  ? -0.303  18.656  12.119  1.00 34.52 ? 62   PRO A CD  1 
ATOM   78   N N   . GLY A 1 11  ? 1.477   19.528  7.799   1.00 32.82 ? 63   GLY A N   1 
ATOM   79   C CA  . GLY A 1 11  ? 1.112   19.726  6.406   1.00 32.46 ? 63   GLY A CA  1 
ATOM   80   C C   . GLY A 1 11  ? 1.469   18.536  5.535   1.00 32.33 ? 63   GLY A C   1 
ATOM   81   O O   . GLY A 1 11  ? 1.907   17.493  6.029   1.00 32.15 ? 63   GLY A O   1 
ATOM   82   N N   . LEU A 1 12  ? 1.241   18.682  4.235   1.00 31.69 ? 64   LEU A N   1 
ATOM   83   C CA  . LEU A 1 12  ? 1.653   17.681  3.266   1.00 31.59 ? 64   LEU A CA  1 
ATOM   84   C C   . LEU A 1 12  ? 3.152   17.429  3.370   1.00 31.36 ? 64   LEU A C   1 
ATOM   85   O O   . LEU A 1 12  ? 3.599   16.283  3.326   1.00 31.45 ? 64   LEU A O   1 
ATOM   86   C CB  . LEU A 1 12  ? 1.298   18.134  1.845   1.00 31.26 ? 64   LEU A CB  1 
ATOM   87   C CG  . LEU A 1 12  ? 1.810   17.239  0.712   1.00 31.81 ? 64   LEU A CG  1 
ATOM   88   C CD1 . LEU A 1 12  ? 1.236   15.836  0.831   1.00 30.64 ? 64   LEU A CD1 1 
ATOM   89   C CD2 . LEU A 1 12  ? 1.486   17.840  -0.652  1.00 32.42 ? 64   LEU A CD2 1 
ATOM   90   N N   . LYS A 1 13  ? 3.927   18.504  3.475   1.00 31.18 ? 65   LYS A N   1 
ATOM   91   C CA  . LYS A 1 13  ? 5.372   18.379  3.596   1.00 31.53 ? 65   LYS A CA  1 
ATOM   92   C C   . LYS A 1 13  ? 5.737   17.543  4.817   1.00 30.99 ? 65   LYS A C   1 
ATOM   93   O O   . LYS A 1 13  ? 6.497   16.580  4.713   1.00 30.47 ? 65   LYS A O   1 
ATOM   94   C CB  . LYS A 1 13  ? 6.043   19.753  3.675   1.00 31.70 ? 65   LYS A CB  1 
ATOM   95   C CG  . LYS A 1 13  ? 7.518   19.725  3.295   1.00 33.66 ? 65   LYS A CG  1 
ATOM   96   C CD  . LYS A 1 13  ? 8.171   21.090  3.446   1.00 36.47 ? 65   LYS A CD  1 
ATOM   97   C CE  . LYS A 1 13  ? 8.074   21.590  4.880   1.00 40.67 ? 65   LYS A CE  1 
ATOM   98   N NZ  . LYS A 1 13  ? 8.351   20.510  5.870   1.00 40.41 ? 65   LYS A NZ  1 
ATOM   99   N N   . ASP A 1 14  ? 5.151   17.882  5.961   1.00 30.91 ? 66   ASP A N   1 
ATOM   100  C CA  . ASP A 1 14  ? 5.429   17.171  7.205   1.00 30.88 ? 66   ASP A CA  1 
ATOM   101  C C   . ASP A 1 14  ? 5.166   15.675  7.052   1.00 30.69 ? 66   ASP A C   1 
ATOM   102  O O   . ASP A 1 14  ? 5.963   14.846  7.493   1.00 29.88 ? 66   ASP A O   1 
ATOM   103  C CB  . ASP A 1 14  ? 4.586   17.736  8.345   1.00 31.21 ? 66   ASP A CB  1 
ATOM   104  C CG  . ASP A 1 14  ? 4.766   19.235  8.516   1.00 34.61 ? 66   ASP A CG  1 
ATOM   105  O OD1 . ASP A 1 14  ? 5.723   19.648  9.205   1.00 35.81 ? 66   ASP A OD1 1 
ATOM   106  O OD2 . ASP A 1 14  ? 3.948   20.000  7.961   1.00 37.28 ? 66   ASP A OD2 1 
ATOM   107  N N   . LEU A 1 15  ? 4.047   15.336  6.419   1.00 30.17 ? 67   LEU A N   1 
ATOM   108  C CA  . LEU A 1 15  ? 3.666   13.941  6.239   1.00 29.30 ? 67   LEU A CA  1 
ATOM   109  C C   . LEU A 1 15  ? 4.580   13.215  5.255   1.00 28.31 ? 67   LEU A C   1 
ATOM   110  O O   . LEU A 1 15  ? 4.931   12.052  5.465   1.00 29.21 ? 67   LEU A O   1 
ATOM   111  C CB  . LEU A 1 15  ? 2.203   13.826  5.796   1.00 29.23 ? 67   LEU A CB  1 
ATOM   112  C CG  . LEU A 1 15  ? 1.691   12.390  5.649   1.00 29.04 ? 67   LEU A CG  1 
ATOM   113  C CD1 . LEU A 1 15  ? 1.773   11.651  6.987   1.00 29.07 ? 67   LEU A CD1 1 
ATOM   114  C CD2 . LEU A 1 15  ? 0.270   12.376  5.120   1.00 32.36 ? 67   LEU A CD2 1 
ATOM   115  N N   . ALA A 1 16  ? 4.965   13.900  4.183   1.00 27.24 ? 68   ALA A N   1 
ATOM   116  C CA  . ALA A 1 16  ? 5.890   13.331  3.207   1.00 26.72 ? 68   ALA A CA  1 
ATOM   117  C C   . ALA A 1 16  ? 7.244   13.007  3.834   1.00 26.67 ? 68   ALA A C   1 
ATOM   118  O O   . ALA A 1 16  ? 7.804   11.936  3.606   1.00 26.03 ? 68   ALA A O   1 
ATOM   119  C CB  . ALA A 1 16  ? 6.062   14.268  2.021   1.00 26.12 ? 68   ALA A CB  1 
ATOM   120  N N   . ILE A 1 17  ? 7.775   13.949  4.610   1.00 26.71 ? 69   ILE A N   1 
ATOM   121  C CA  . ILE A 1 17  ? 9.051   13.754  5.293   1.00 26.94 ? 69   ILE A CA  1 
ATOM   122  C C   . ILE A 1 17  ? 8.980   12.582  6.269   1.00 27.17 ? 69   ILE A C   1 
ATOM   123  O O   . ILE A 1 17  ? 9.779   11.642  6.190   1.00 26.91 ? 69   ILE A O   1 
ATOM   124  C CB  . ILE A 1 17  ? 9.494   15.041  6.027   1.00 27.12 ? 69   ILE A CB  1 
ATOM   125  C CG1 . ILE A 1 17  ? 9.821   16.132  5.009   1.00 27.90 ? 69   ILE A CG1 1 
ATOM   126  C CG2 . ILE A 1 17  ? 10.699  14.772  6.920   1.00 26.88 ? 69   ILE A CG2 1 
ATOM   127  C CD1 . ILE A 1 17  ? 10.164  17.469  5.631   1.00 31.67 ? 69   ILE A CD1 1 
ATOM   128  N N   . PHE A 1 18  ? 7.976   12.602  7.142   1.00 26.66 ? 70   PHE A N   1 
ATOM   129  C CA  . PHE A 1 18  ? 7.741   11.487  8.057   1.00 25.72 ? 70   PHE A CA  1 
ATOM   130  C C   . PHE A 1 18  ? 7.730   10.144  7.333   1.00 25.73 ? 70   PHE A C   1 
ATOM   131  O O   . PHE A 1 18  ? 8.363   9.184   7.776   1.00 25.49 ? 70   PHE A O   1 
ATOM   132  C CB  . PHE A 1 18  ? 6.420   11.662  8.802   1.00 25.35 ? 70   PHE A CB  1 
ATOM   133  C CG  . PHE A 1 18  ? 5.935   10.400  9.470   1.00 25.79 ? 70   PHE A CG  1 
ATOM   134  C CD1 . PHE A 1 18  ? 6.510   9.961   10.647  1.00 26.65 ? 70   PHE A CD1 1 
ATOM   135  C CD2 . PHE A 1 18  ? 4.913   9.655   8.913   1.00 25.01 ? 70   PHE A CD2 1 
ATOM   136  C CE1 . PHE A 1 18  ? 6.074   8.799   11.260  1.00 29.40 ? 70   PHE A CE1 1 
ATOM   137  C CE2 . PHE A 1 18  ? 4.465   8.500   9.523   1.00 29.40 ? 70   PHE A CE2 1 
ATOM   138  C CZ  . PHE A 1 18  ? 5.050   8.064   10.694  1.00 27.56 ? 70   PHE A CZ  1 
ATOM   139  N N   . SER A 1 19  ? 6.951   10.065  6.256   1.00 25.63 ? 71   SER A N   1 
ATOM   140  C CA  . SER A 1 19  ? 6.754   8.817   5.523   1.00 24.54 ? 71   SER A CA  1 
ATOM   141  C C   . SER A 1 19  ? 8.056   8.327   4.889   1.00 24.30 ? 71   SER A C   1 
ATOM   142  O O   . SER A 1 19  ? 8.347   7.134   4.903   1.00 23.78 ? 71   SER A O   1 
ATOM   143  C CB  . SER A 1 19  ? 5.676   8.986   4.444   1.00 25.23 ? 71   SER A CB  1 
ATOM   144  O OG  . SER A 1 19  ? 4.421   9.331   5.011   1.00 26.79 ? 71   SER A OG  1 
ATOM   145  N N   . ARG A 1 20  ? 8.820   9.250   4.310   1.00 24.08 ? 72   ARG A N   1 
ATOM   146  C CA  . ARG A 1 20  ? 10.133  8.924   3.758   1.00 23.45 ? 72   ARG A CA  1 
ATOM   147  C C   . ARG A 1 20  ? 11.110  8.428   4.834   1.00 23.66 ? 72   ARG A C   1 
ATOM   148  O O   . ARG A 1 20  ? 11.791  7.414   4.654   1.00 22.79 ? 72   ARG A O   1 
ATOM   149  C CB  . ARG A 1 20  ? 10.718  10.131  3.021   1.00 23.25 ? 72   ARG A CB  1 
ATOM   150  C CG  . ARG A 1 20  ? 12.074  9.858   2.382   1.00 23.64 ? 72   ARG A CG  1 
ATOM   151  C CD  . ARG A 1 20  ? 12.035  8.563   1.576   1.00 23.79 ? 72   ARG A CD  1 
ATOM   152  N NE  . ARG A 1 20  ? 11.190  8.699   0.393   1.00 24.38 ? 72   ARG A NE  1 
ATOM   153  C CZ  . ARG A 1 20  ? 10.757  7.678   -0.343  1.00 25.42 ? 72   ARG A CZ  1 
ATOM   154  N NH1 . ARG A 1 20  ? 11.087  6.431   -0.021  1.00 18.22 ? 72   ARG A NH1 1 
ATOM   155  N NH2 . ARG A 1 20  ? 9.995   7.908   -1.406  1.00 23.23 ? 72   ARG A NH2 1 
ATOM   156  N N   . GLN A 1 21  ? 11.182  9.151   5.946   1.00 24.20 ? 73   GLN A N   1 
ATOM   157  C CA  . GLN A 1 21  ? 12.045  8.765   7.061   1.00 24.39 ? 73   GLN A CA  1 
ATOM   158  C C   . GLN A 1 21  ? 11.758  7.346   7.528   1.00 24.87 ? 73   GLN A C   1 
ATOM   159  O O   . GLN A 1 21  ? 12.676  6.543   7.715   1.00 23.28 ? 73   GLN A O   1 
ATOM   160  C CB  . GLN A 1 21  ? 11.869  9.731   8.231   1.00 24.91 ? 73   GLN A CB  1 
ATOM   161  C CG  . GLN A 1 21  ? 12.452  11.118  7.990   1.00 24.52 ? 73   GLN A CG  1 
ATOM   162  C CD  . GLN A 1 21  ? 12.039  12.106  9.060   1.00 28.45 ? 73   GLN A CD  1 
ATOM   163  O OE1 . GLN A 1 21  ? 10.998  11.947  9.701   1.00 28.79 ? 73   GLN A OE1 1 
ATOM   164  N NE2 . GLN A 1 21  ? 12.872  13.117  9.285   1.00 29.81 ? 73   GLN A NE2 1 
ATOM   165  N N   . LEU A 1 22  ? 10.482  7.057   7.759   1.00 24.25 ? 74   LEU A N   1 
ATOM   166  C CA  . LEU A 1 22  ? 10.080  5.747   8.235   1.00 24.56 ? 74   LEU A CA  1 
ATOM   167  C C   . LEU A 1 22  ? 10.371  4.683   7.180   1.00 23.97 ? 74   LEU A C   1 
ATOM   168  O O   . LEU A 1 22  ? 10.954  3.647   7.485   1.00 24.51 ? 74   LEU A O   1 
ATOM   169  C CB  . LEU A 1 22  ? 8.597   5.749   8.618   1.00 24.40 ? 74   LEU A CB  1 
ATOM   170  C CG  . LEU A 1 22  ? 8.039   4.456   9.220   1.00 25.57 ? 74   LEU A CG  1 
ATOM   171  C CD1 . LEU A 1 22  ? 8.854   4.019   10.442  1.00 22.68 ? 74   LEU A CD1 1 
ATOM   172  C CD2 . LEU A 1 22  ? 6.563   4.607   9.574   1.00 22.51 ? 74   LEU A CD2 1 
ATOM   173  N N   . ALA A 1 23  ? 10.001  4.967   5.931   1.00 23.76 ? 75   ALA A N   1 
ATOM   174  C CA  . ALA A 1 23  ? 10.346  4.108   4.798   1.00 23.46 ? 75   ALA A CA  1 
ATOM   175  C C   . ALA A 1 23  ? 11.826  3.744   4.808   1.00 22.42 ? 75   ALA A C   1 
ATOM   176  O O   . ALA A 1 23  ? 12.201  2.596   4.564   1.00 22.11 ? 75   ALA A O   1 
ATOM   177  C CB  . ALA A 1 23  ? 9.996   4.805   3.479   1.00 22.67 ? 75   ALA A CB  1 
ATOM   178  N N   . THR A 1 24  ? 12.662  4.760   4.969   1.00 22.40 ? 76   THR A N   1 
ATOM   179  C CA  . THR A 1 24  ? 14.106  4.597   4.897   1.00 23.43 ? 76   THR A CA  1 
ATOM   180  C C   . THR A 1 24  ? 14.603  3.698   6.027   1.00 23.77 ? 76   THR A C   1 
ATOM   181  O O   . THR A 1 24  ? 15.328  2.737   5.792   1.00 23.39 ? 76   THR A O   1 
ATOM   182  C CB  . THR A 1 24  ? 14.813  5.967   4.942   1.00 23.22 ? 76   THR A CB  1 
ATOM   183  O OG1 . THR A 1 24  ? 14.626  6.627   3.683   1.00 24.08 ? 76   THR A OG1 1 
ATOM   184  C CG2 . THR A 1 24  ? 16.310  5.812   5.214   1.00 22.61 ? 76   THR A CG2 1 
ATOM   185  N N   . MET A 1 25  ? 14.128  3.950   7.241   1.00 23.79 ? 77   MET A N   1 
ATOM   186  C CA  . MET A 1 25  ? 14.573  3.154   8.382   1.00 23.99 ? 77   MET A CA  1 
ATOM   187  C C   . MET A 1 25  ? 14.043  1.722   8.354   1.00 23.80 ? 77   MET A C   1 
ATOM   188  O O   . MET A 1 25  ? 14.774  0.780   8.641   1.00 23.87 ? 77   MET A O   1 
ATOM   189  C CB  . MET A 1 25  ? 14.244  3.852   9.698   1.00 22.97 ? 77   MET A CB  1 
ATOM   190  C CG  . MET A 1 25  ? 15.133  5.050   9.966   1.00 25.79 ? 77   MET A CG  1 
ATOM   191  S SD  . MET A 1 25  ? 14.799  5.870   11.530  1.00 27.39 ? 77   MET A SD  1 
ATOM   192  C CE  . MET A 1 25  ? 13.316  6.794   11.143  1.00 26.20 ? 77   MET A CE  1 
ATOM   193  N N   . LEU A 1 26  ? 12.788  1.547   7.958   1.00 23.88 ? 78   LEU A N   1 
ATOM   194  C CA  . LEU A 1 26  ? 12.245  0.198   7.844   1.00 23.56 ? 78   LEU A CA  1 
ATOM   195  C C   . LEU A 1 26  ? 12.950  -0.594  6.759   1.00 24.47 ? 78   LEU A C   1 
ATOM   196  O O   . LEU A 1 26  ? 13.197  -1.783  6.916   1.00 24.64 ? 78   LEU A O   1 
ATOM   197  C CB  . LEU A 1 26  ? 10.751  0.230   7.562   1.00 23.42 ? 78   LEU A CB  1 
ATOM   198  C CG  . LEU A 1 26  ? 9.888   0.726   8.712   1.00 22.08 ? 78   LEU A CG  1 
ATOM   199  C CD1 . LEU A 1 26  ? 8.424   0.724   8.281   1.00 23.78 ? 78   LEU A CD1 1 
ATOM   200  C CD2 . LEU A 1 26  ? 10.104  -0.156  9.922   1.00 19.09 ? 78   LEU A CD2 1 
ATOM   201  N N   . GLY A 1 27  ? 13.216  0.059   5.632   1.00 25.31 ? 79   GLY A N   1 
ATOM   202  C CA  . GLY A 1 27  ? 13.935  -0.579  4.540   1.00 26.34 ? 79   GLY A CA  1 
ATOM   203  C C   . GLY A 1 27  ? 15.333  -0.985  4.960   1.00 28.06 ? 79   GLY A C   1 
ATOM   204  O O   . GLY A 1 27  ? 15.843  -2.022  4.524   1.00 28.67 ? 79   GLY A O   1 
ATOM   205  N N   . ALA A 1 28  ? 15.963  -0.163  5.800   1.00 27.41 ? 80   ALA A N   1 
ATOM   206  C CA  . ALA A 1 28  ? 17.339  -0.418  6.220   1.00 27.98 ? 80   ALA A CA  1 
ATOM   207  C C   . ALA A 1 28  ? 17.391  -1.559  7.231   1.00 28.08 ? 80   ALA A C   1 
ATOM   208  O O   . ALA A 1 28  ? 18.457  -2.107  7.502   1.00 28.51 ? 80   ALA A O   1 
ATOM   209  C CB  . ALA A 1 28  ? 17.963  0.841   6.811   1.00 27.86 ? 80   ALA A CB  1 
ATOM   210  N N   . GLY A 1 29  ? 16.246  -1.864  7.833   1.00 27.94 ? 81   GLY A N   1 
ATOM   211  C CA  . GLY A 1 29  ? 16.130  -3.016  8.714   1.00 26.52 ? 81   GLY A CA  1 
ATOM   212  C C   . GLY A 1 29  ? 15.783  -2.704  10.157  1.00 26.15 ? 81   GLY A C   1 
ATOM   213  O O   . GLY A 1 29  ? 15.633  -3.618  10.962  1.00 26.16 ? 81   GLY A O   1 
ATOM   214  N N   . LEU A 1 30  ? 15.672  -1.421  10.502  1.00 25.71 ? 82   LEU A N   1 
ATOM   215  C CA  . LEU A 1 30  ? 15.243  -1.034  11.849  1.00 26.00 ? 82   LEU A CA  1 
ATOM   216  C C   . LEU A 1 30  ? 13.801  -1.480  12.088  1.00 25.39 ? 82   LEU A C   1 
ATOM   217  O O   . LEU A 1 30  ? 13.000  -1.492  11.158  1.00 25.36 ? 82   LEU A O   1 
ATOM   218  C CB  . LEU A 1 30  ? 15.337  0.484   12.035  1.00 25.71 ? 82   LEU A CB  1 
ATOM   219  C CG  . LEU A 1 30  ? 16.732  1.102   12.179  1.00 28.10 ? 82   LEU A CG  1 
ATOM   220  C CD1 . LEU A 1 30  ? 17.572  0.805   10.949  1.00 26.93 ? 82   LEU A CD1 1 
ATOM   221  C CD2 . LEU A 1 30  ? 16.629  2.607   12.395  1.00 25.44 ? 82   LEU A CD2 1 
ATOM   222  N N   . THR A 1 31  ? 13.467  -1.815  13.332  1.00 24.46 ? 83   THR A N   1 
ATOM   223  C CA  . THR A 1 31  ? 12.078  -2.119  13.689  1.00 24.07 ? 83   THR A CA  1 
ATOM   224  C C   . THR A 1 31  ? 11.209  -0.865  13.694  1.00 23.75 ? 83   THR A C   1 
ATOM   225  O O   . THR A 1 31  ? 11.710  0.260   13.793  1.00 23.42 ? 83   THR A O   1 
ATOM   226  C CB  . THR A 1 31  ? 11.956  -2.792  15.077  1.00 23.88 ? 83   THR A CB  1 
ATOM   227  O OG1 . THR A 1 31  ? 12.281  -1.847  16.103  1.00 23.67 ? 83   THR A OG1 1 
ATOM   228  C CG2 . THR A 1 31  ? 12.876  -3.999  15.182  1.00 24.42 ? 83   THR A CG2 1 
ATOM   229  N N   . LEU A 1 32  ? 9.900   -1.074  13.644  1.00 23.10 ? 84   LEU A N   1 
ATOM   230  C CA  . LEU A 1 32  ? 8.946   0.024   13.714  1.00 23.18 ? 84   LEU A CA  1 
ATOM   231  C C   . LEU A 1 32  ? 9.196   0.938   14.913  1.00 22.62 ? 84   LEU A C   1 
ATOM   232  O O   . LEU A 1 32  ? 9.218   2.160   14.772  1.00 23.87 ? 84   LEU A O   1 
ATOM   233  C CB  . LEU A 1 32  ? 7.516   -0.517  13.754  1.00 22.61 ? 84   LEU A CB  1 
ATOM   234  C CG  . LEU A 1 32  ? 6.425   0.543   13.894  1.00 21.63 ? 84   LEU A CG  1 
ATOM   235  C CD1 . LEU A 1 32  ? 6.463   1.488   12.704  1.00 21.01 ? 84   LEU A CD1 1 
ATOM   236  C CD2 . LEU A 1 32  ? 5.052   -0.108  14.035  1.00 20.59 ? 84   LEU A CD2 1 
ATOM   237  N N   . LEU A 1 33  ? 9.358   0.347   16.095  1.00 22.99 ? 85   LEU A N   1 
ATOM   238  C CA  . LEU A 1 33  ? 9.487   1.129   17.323  1.00 23.00 ? 85   LEU A CA  1 
ATOM   239  C C   . LEU A 1 33  ? 10.829  1.849   17.410  1.00 23.29 ? 85   LEU A C   1 
ATOM   240  O O   . LEU A 1 33  ? 10.910  2.972   17.909  1.00 23.35 ? 85   LEU A O   1 
ATOM   241  C CB  . LEU A 1 33  ? 9.278   0.254   18.566  1.00 22.67 ? 85   LEU A CB  1 
ATOM   242  C CG  . LEU A 1 33  ? 7.824   0.108   19.032  1.00 23.30 ? 85   LEU A CG  1 
ATOM   243  C CD1 . LEU A 1 33  ? 7.713   -0.810  20.249  1.00 19.51 ? 85   LEU A CD1 1 
ATOM   244  C CD2 . LEU A 1 33  ? 7.206   1.473   19.319  1.00 21.60 ? 85   LEU A CD2 1 
ATOM   245  N N   . GLN A 1 34  ? 11.891  1.189   16.961  1.00 22.90 ? 86   GLN A N   1 
ATOM   246  C CA  . GLN A 1 34  ? 13.174  1.868   16.808  1.00 23.50 ? 86   GLN A CA  1 
ATOM   247  C C   . GLN A 1 34  ? 13.040  3.101   15.915  1.00 22.93 ? 86   GLN A C   1 
ATOM   248  O O   . GLN A 1 34  ? 13.500  4.188   16.272  1.00 21.91 ? 86   GLN A O   1 
ATOM   249  C CB  . GLN A 1 34  ? 14.227  0.914   16.248  1.00 23.56 ? 86   GLN A CB  1 
ATOM   250  C CG  . GLN A 1 34  ? 14.771  -0.061  17.271  1.00 26.29 ? 86   GLN A CG  1 
ATOM   251  C CD  . GLN A 1 34  ? 15.447  -1.252  16.627  1.00 29.77 ? 86   GLN A CD  1 
ATOM   252  O OE1 . GLN A 1 34  ? 15.604  -1.309  15.407  1.00 30.57 ? 86   GLN A OE1 1 
ATOM   253  N NE2 . GLN A 1 34  ? 15.861  -2.208  17.446  1.00 30.55 ? 86   GLN A NE2 1 
ATOM   254  N N   . ALA A 1 35  ? 12.382  2.935   14.770  1.00 22.80 ? 87   ALA A N   1 
ATOM   255  C CA  . ALA A 1 35  ? 12.230  4.028   13.805  1.00 23.25 ? 87   ALA A CA  1 
ATOM   256  C C   . ALA A 1 35  ? 11.421  5.188   14.381  1.00 24.06 ? 87   ALA A C   1 
ATOM   257  O O   . ALA A 1 35  ? 11.785  6.357   14.214  1.00 24.00 ? 87   ALA A O   1 
ATOM   258  C CB  . ALA A 1 35  ? 11.584  3.522   12.520  1.00 23.15 ? 87   ALA A CB  1 
ATOM   259  N N   . LEU A 1 36  ? 10.338  4.862   15.079  1.00 24.31 ? 88   LEU A N   1 
ATOM   260  C CA  . LEU A 1 36  ? 9.464   5.886   15.635  1.00 25.73 ? 88   LEU A CA  1 
ATOM   261  C C   . LEU A 1 36  ? 10.168  6.724   16.702  1.00 26.53 ? 88   LEU A C   1 
ATOM   262  O O   . LEU A 1 36  ? 9.973   7.935   16.765  1.00 27.68 ? 88   LEU A O   1 
ATOM   263  C CB  . LEU A 1 36  ? 8.184   5.264   16.199  1.00 25.24 ? 88   LEU A CB  1 
ATOM   264  C CG  . LEU A 1 36  ? 7.238   4.643   15.166  1.00 26.85 ? 88   LEU A CG  1 
ATOM   265  C CD1 . LEU A 1 36  ? 6.127   3.864   15.845  1.00 27.25 ? 88   LEU A CD1 1 
ATOM   266  C CD2 . LEU A 1 36  ? 6.665   5.707   14.242  1.00 24.85 ? 88   LEU A CD2 1 
ATOM   267  N N   . ALA A 1 37  ? 10.988  6.082   17.529  1.00 26.64 ? 89   ALA A N   1 
ATOM   268  C CA  . ALA A 1 37  ? 11.726  6.789   18.571  1.00 27.60 ? 89   ALA A CA  1 
ATOM   269  C C   . ALA A 1 37  ? 12.718  7.792   17.986  1.00 28.41 ? 89   ALA A C   1 
ATOM   270  O O   . ALA A 1 37  ? 12.934  8.871   18.546  1.00 28.69 ? 89   ALA A O   1 
ATOM   271  C CB  . ALA A 1 37  ? 12.442  5.803   19.483  1.00 27.37 ? 89   ALA A CB  1 
ATOM   272  N N   . ILE A 1 38  ? 13.333  7.424   16.866  1.00 28.75 ? 90   ILE A N   1 
ATOM   273  C CA  . ILE A 1 38  ? 14.258  8.310   16.167  1.00 29.78 ? 90   ILE A CA  1 
ATOM   274  C C   . ILE A 1 38  ? 13.490  9.445   15.503  1.00 30.99 ? 90   ILE A C   1 
ATOM   275  O O   . ILE A 1 38  ? 13.901  10.607  15.572  1.00 31.30 ? 90   ILE A O   1 
ATOM   276  C CB  . ILE A 1 38  ? 15.055  7.548   15.089  1.00 29.46 ? 90   ILE A CB  1 
ATOM   277  C CG1 . ILE A 1 38  ? 16.097  6.635   15.736  1.00 28.71 ? 90   ILE A CG1 1 
ATOM   278  C CG2 . ILE A 1 38  ? 15.700  8.520   14.107  1.00 29.31 ? 90   ILE A CG2 1 
ATOM   279  C CD1 . ILE A 1 38  ? 16.295  5.323   14.998  1.00 27.77 ? 90   ILE A CD1 1 
ATOM   280  N N   . LEU A 1 39  ? 12.360  9.097   14.890  1.00 31.61 ? 91   LEU A N   1 
ATOM   281  C CA  . LEU A 1 39  ? 11.531  10.054  14.168  1.00 33.42 ? 91   LEU A CA  1 
ATOM   282  C C   . LEU A 1 39  ? 10.933  11.100  15.092  1.00 33.68 ? 91   LEU A C   1 
ATOM   283  O O   . LEU A 1 39  ? 10.810  12.267  14.721  1.00 33.88 ? 91   LEU A O   1 
ATOM   284  C CB  . LEU A 1 39  ? 10.399  9.335   13.427  1.00 33.48 ? 91   LEU A CB  1 
ATOM   285  C CG  . LEU A 1 39  ? 10.800  8.798   12.061  1.00 34.44 ? 91   LEU A CG  1 
ATOM   286  C CD1 . LEU A 1 39  ? 9.595   8.259   11.316  1.00 35.77 ? 91   LEU A CD1 1 
ATOM   287  C CD2 . LEU A 1 39  ? 11.505  9.891   11.268  1.00 36.19 ? 91   LEU A CD2 1 
ATOM   288  N N   . GLU A 1 40  ? 10.476  10.651  16.255  1.00 34.33 ? 92   GLU A N   1 
ATOM   289  C CA  . GLU A 1 40  ? 9.811   11.521  17.214  1.00 34.60 ? 92   GLU A CA  1 
ATOM   290  C C   . GLU A 1 40  ? 10.775  12.575  17.747  1.00 34.43 ? 92   GLU A C   1 
ATOM   291  O O   . GLU A 1 40  ? 10.363  13.528  18.405  1.00 35.42 ? 92   GLU A O   1 
ATOM   292  C CB  . GLU A 1 40  ? 9.235   10.705  18.375  1.00 34.86 ? 92   GLU A CB  1 
ATOM   293  C CG  . GLU A 1 40  ? 10.230  10.431  19.495  1.00 35.62 ? 92   GLU A CG  1 
ATOM   294  C CD  . GLU A 1 40  ? 9.629   9.629   20.637  1.00 37.56 ? 92   GLU A CD  1 
ATOM   295  O OE1 . GLU A 1 40  ? 8.387   9.511   20.701  1.00 37.22 ? 92   GLU A OE1 1 
ATOM   296  O OE2 . GLU A 1 40  ? 10.403  9.126   21.483  1.00 39.45 ? 92   GLU A OE2 1 
ATOM   297  N N   . ARG A 1 41  ? 12.061  12.392  17.469  1.00 34.02 ? 93   ARG A N   1 
ATOM   298  C CA  . ARG A 1 41  ? 13.071  13.358  17.884  1.00 33.49 ? 93   ARG A CA  1 
ATOM   299  C C   . ARG A 1 41  ? 13.491  14.259  16.728  1.00 32.44 ? 93   ARG A C   1 
ATOM   300  O O   . ARG A 1 41  ? 14.077  15.315  16.946  1.00 32.26 ? 93   ARG A O   1 
ATOM   301  C CB  . ARG A 1 41  ? 14.292  12.654  18.479  1.00 33.73 ? 93   ARG A CB  1 
ATOM   302  C CG  . ARG A 1 41  ? 14.129  12.258  19.937  1.00 35.95 ? 93   ARG A CG  1 
ATOM   303  C CD  . ARG A 1 41  ? 15.464  11.901  20.574  1.00 39.52 ? 93   ARG A CD  1 
ATOM   304  N NE  . ARG A 1 41  ? 16.111  10.785  19.889  1.00 42.35 ? 93   ARG A NE  1 
ATOM   305  C CZ  . ARG A 1 41  ? 15.717  9.520   19.988  1.00 43.63 ? 93   ARG A CZ  1 
ATOM   306  N NH1 . ARG A 1 41  ? 14.674  9.205   20.745  1.00 44.37 ? 93   ARG A NH1 1 
ATOM   307  N NH2 . ARG A 1 41  ? 16.363  8.567   19.328  1.00 44.07 ? 93   ARG A NH2 1 
ATOM   308  N N   . GLN A 1 42  ? 13.180  13.848  15.502  1.00 30.97 ? 94   GLN A N   1 
ATOM   309  C CA  . GLN A 1 42  ? 13.618  14.590  14.322  1.00 30.51 ? 94   GLN A CA  1 
ATOM   310  C C   . GLN A 1 42  ? 12.452  15.160  13.516  1.00 30.45 ? 94   GLN A C   1 
ATOM   311  O O   . GLN A 1 42  ? 12.595  15.464  12.332  1.00 31.55 ? 94   GLN A O   1 
ATOM   312  C CB  . GLN A 1 42  ? 14.510  13.721  13.430  1.00 30.04 ? 94   GLN A CB  1 
ATOM   313  C CG  . GLN A 1 42  ? 15.635  13.022  14.179  1.00 30.79 ? 94   GLN A CG  1 
ATOM   314  C CD  . GLN A 1 42  ? 16.723  12.495  13.259  1.00 32.21 ? 94   GLN A CD  1 
ATOM   315  O OE1 . GLN A 1 42  ? 16.891  12.976  12.139  1.00 33.76 ? 94   GLN A OE1 1 
ATOM   316  N NE2 . GLN A 1 42  ? 17.484  11.517  13.741  1.00 31.33 ? 94   GLN A NE2 1 
ATOM   317  N N   . THR A 1 43  ? 11.300  15.302  14.160  1.00 29.02 ? 95   THR A N   1 
ATOM   318  C CA  . THR A 1 43  ? 10.130  15.882  13.509  1.00 28.57 ? 95   THR A CA  1 
ATOM   319  C C   . THR A 1 43  ? 10.003  17.375  13.826  1.00 28.51 ? 95   THR A C   1 
ATOM   320  O O   . THR A 1 43  ? 10.055  17.775  14.989  1.00 27.55 ? 95   THR A O   1 
ATOM   321  C CB  . THR A 1 43  ? 8.849   15.147  13.925  1.00 28.40 ? 95   THR A CB  1 
ATOM   322  O OG1 . THR A 1 43  ? 8.943   13.772  13.531  1.00 28.99 ? 95   THR A OG1 1 
ATOM   323  C CG2 . THR A 1 43  ? 7.632   15.777  13.267  1.00 27.47 ? 95   THR A CG2 1 
ATOM   324  N N   . GLU A 1 44  ? 9.851   18.192  12.786  1.00 28.06 ? 96   GLU A N   1 
ATOM   325  C CA  . GLU A 1 44  ? 9.982   19.643  12.928  1.00 28.90 ? 96   GLU A CA  1 
ATOM   326  C C   . GLU A 1 44  ? 8.719   20.298  13.481  1.00 28.69 ? 96   GLU A C   1 
ATOM   327  O O   . GLU A 1 44  ? 8.793   21.198  14.317  1.00 28.24 ? 96   GLU A O   1 
ATOM   328  C CB  . GLU A 1 44  ? 10.359  20.287  11.590  1.00 28.89 ? 96   GLU A CB  1 
ATOM   329  C CG  . GLU A 1 44  ? 11.191  21.550  11.734  1.00 31.66 ? 96   GLU A CG  1 
ATOM   330  C CD  . GLU A 1 44  ? 10.771  22.650  10.774  1.00 34.27 ? 96   GLU A CD  1 
ATOM   331  O OE1 . GLU A 1 44  ? 10.284  22.325  9.669   1.00 33.83 ? 96   GLU A OE1 1 
ATOM   332  O OE2 . GLU A 1 44  ? 10.933  23.841  11.124  1.00 35.25 ? 96   GLU A OE2 1 
ATOM   333  N N   . ASN A 1 45  ? 7.565   19.874  12.977  1.00 28.90 ? 97   ASN A N   1 
ATOM   334  C CA  . ASN A 1 45  ? 6.286   20.426  13.412  1.00 29.64 ? 97   ASN A CA  1 
ATOM   335  C C   . ASN A 1 45  ? 5.895   19.942  14.808  1.00 30.26 ? 97   ASN A C   1 
ATOM   336  O O   . ASN A 1 45  ? 5.760   18.744  15.039  1.00 29.71 ? 97   ASN A O   1 
ATOM   337  C CB  . ASN A 1 45  ? 5.189   20.073  12.405  1.00 29.13 ? 97   ASN A CB  1 
ATOM   338  C CG  . ASN A 1 45  ? 3.840   20.650  12.786  1.00 29.81 ? 97   ASN A CG  1 
ATOM   339  O OD1 . ASN A 1 45  ? 3.521   21.788  12.440  1.00 32.17 ? 97   ASN A OD1 1 
ATOM   340  N ND2 . ASN A 1 45  ? 3.032   19.861  13.485  1.00 27.23 ? 97   ASN A ND2 1 
ATOM   341  N N   . ARG A 1 46  ? 5.698   20.880  15.730  1.00 31.85 ? 98   ARG A N   1 
ATOM   342  C CA  . ARG A 1 46  ? 5.469   20.544  17.136  1.00 33.03 ? 98   ARG A CA  1 
ATOM   343  C C   . ARG A 1 46  ? 4.227   19.688  17.334  1.00 33.64 ? 98   ARG A C   1 
ATOM   344  O O   . ARG A 1 46  ? 4.201   18.804  18.193  1.00 33.40 ? 98   ARG A O   1 
ATOM   345  C CB  . ARG A 1 46  ? 5.349   21.810  17.986  1.00 33.34 ? 98   ARG A CB  1 
ATOM   346  C CG  . ARG A 1 46  ? 5.191   21.529  19.474  1.00 34.43 ? 98   ARG A CG  1 
ATOM   347  C CD  . ARG A 1 46  ? 4.611   22.722  20.214  1.00 38.05 ? 98   ARG A CD  1 
ATOM   348  N NE  . ARG A 1 46  ? 3.152   22.762  20.141  1.00 39.84 ? 98   ARG A NE  1 
ATOM   349  C CZ  . ARG A 1 46  ? 2.343   22.073  20.940  1.00 40.20 ? 98   ARG A CZ  1 
ATOM   350  N NH1 . ARG A 1 46  ? 2.845   21.279  21.876  1.00 41.50 ? 98   ARG A NH1 1 
ATOM   351  N NH2 . ARG A 1 46  ? 1.029   22.175  20.803  1.00 39.12 ? 98   ARG A NH2 1 
ATOM   352  N N   . LYS A 1 47  ? 3.173   20.012  16.591  1.00 33.67 ? 99   LYS A N   1 
ATOM   353  C CA  . LYS A 1 47  ? 1.921   19.281  16.685  1.00 34.28 ? 99   LYS A CA  1 
ATOM   354  C C   . LYS A 1 47  ? 2.053   17.869  16.121  1.00 33.90 ? 99   LYS A C   1 
ATOM   355  O O   . LYS A 1 47  ? 1.482   16.917  16.662  1.00 33.62 ? 99   LYS A O   1 
ATOM   356  C CB  . LYS A 1 47  ? 0.803   20.040  15.971  1.00 34.87 ? 99   LYS A CB  1 
ATOM   357  C CG  . LYS A 1 47  ? -0.592  19.591  16.368  1.00 37.47 ? 99   LYS A CG  1 
ATOM   358  C CD  . LYS A 1 47  ? -1.529  20.784  16.539  1.00 39.48 ? 99   LYS A CD  1 
ATOM   359  C CE  . LYS A 1 47  ? -2.758  20.404  17.350  1.00 41.74 ? 99   LYS A CE  1 
ATOM   360  N NZ  . LYS A 1 47  ? -3.592  21.602  17.683  1.00 42.89 ? 99   LYS A NZ  1 
ATOM   361  N N   . PHE A 1 48  ? 2.820   17.728  15.044  1.00 33.52 ? 100  PHE A N   1 
ATOM   362  C CA  . PHE A 1 48  ? 3.104   16.405  14.501  1.00 33.58 ? 100  PHE A CA  1 
ATOM   363  C C   . PHE A 1 48  ? 3.972   15.603  15.461  1.00 33.88 ? 100  PHE A C   1 
ATOM   364  O O   . PHE A 1 48  ? 3.766   14.400  15.630  1.00 34.00 ? 100  PHE A O   1 
ATOM   365  C CB  . PHE A 1 48  ? 3.772   16.498  13.129  1.00 33.23 ? 100  PHE A CB  1 
ATOM   366  C CG  . PHE A 1 48  ? 3.599   15.259  12.289  1.00 31.92 ? 100  PHE A CG  1 
ATOM   367  C CD1 . PHE A 1 48  ? 2.582   14.355  12.563  1.00 29.67 ? 100  PHE A CD1 1 
ATOM   368  C CD2 . PHE A 1 48  ? 4.420   15.025  11.201  1.00 27.92 ? 100  PHE A CD2 1 
ATOM   369  C CE1 . PHE A 1 48  ? 2.416   13.217  11.786  1.00 31.11 ? 100  PHE A CE1 1 
ATOM   370  C CE2 . PHE A 1 48  ? 4.240   13.904  10.404  1.00 29.65 ? 100  PHE A CE2 1 
ATOM   371  C CZ  . PHE A 1 48  ? 3.245   12.998  10.697  1.00 29.10 ? 100  PHE A CZ  1 
ATOM   372  N N   . ARG A 1 49  ? 4.911   16.284  16.117  1.00 34.31 ? 101  ARG A N   1 
ATOM   373  C CA  . ARG A 1 49  ? 5.755   15.659  17.132  1.00 34.55 ? 101  ARG A CA  1 
ATOM   374  C C   . ARG A 1 49  ? 4.910   15.100  18.270  1.00 34.69 ? 101  ARG A C   1 
ATOM   375  O O   . ARG A 1 49  ? 5.144   13.986  18.738  1.00 34.82 ? 101  ARG A O   1 
ATOM   376  C CB  . ARG A 1 49  ? 6.766   16.662  17.694  1.00 35.02 ? 101  ARG A CB  1 
ATOM   377  C CG  . ARG A 1 49  ? 8.098   16.683  16.971  1.00 36.77 ? 101  ARG A CG  1 
ATOM   378  C CD  . ARG A 1 49  ? 9.256   16.893  17.937  1.00 37.13 ? 101  ARG A CD  1 
ATOM   379  N NE  . ARG A 1 49  ? 9.072   18.076  18.775  1.00 38.19 ? 101  ARG A NE  1 
ATOM   380  C CZ  . ARG A 1 49  ? 9.013   19.323  18.315  1.00 38.09 ? 101  ARG A CZ  1 
ATOM   381  N NH1 . ARG A 1 49  ? 9.109   19.563  17.014  1.00 36.54 ? 101  ARG A NH1 1 
ATOM   382  N NH2 . ARG A 1 49  ? 8.848   20.332  19.159  1.00 37.62 ? 101  ARG A NH2 1 
ATOM   383  N N   . GLU A 1 50  ? 3.954   15.894  18.739  1.00 34.21 ? 102  GLU A N   1 
ATOM   384  C CA  . GLU A 1 50  ? 3.054   15.445  19.789  1.00 34.81 ? 102  GLU A CA  1 
ATOM   385  C C   . GLU A 1 50  ? 2.230   14.257  19.306  1.00 34.31 ? 102  GLU A C   1 
ATOM   386  O O   . GLU A 1 50  ? 2.019   13.297  20.043  1.00 33.52 ? 102  GLU A O   1 
ATOM   387  C CB  . GLU A 1 50  ? 2.143   16.588  20.242  1.00 34.85 ? 102  GLU A CB  1 
ATOM   388  C CG  . GLU A 1 50  ? 2.857   17.652  21.063  1.00 37.65 ? 102  GLU A CG  1 
ATOM   389  C CD  . GLU A 1 50  ? 2.687   17.444  22.554  1.00 42.94 ? 102  GLU A CD  1 
ATOM   390  O OE1 . GLU A 1 50  ? 2.350   16.310  22.958  1.00 46.04 ? 102  GLU A OE1 1 
ATOM   391  O OE2 . GLU A 1 50  ? 2.859   18.418  23.322  1.00 45.71 ? 102  GLU A OE2 1 
ATOM   392  N N   . ILE A 1 51  ? 1.801   14.316  18.049  1.00 34.35 ? 103  ILE A N   1 
ATOM   393  C CA  . ILE A 1 51  ? 1.051   13.227  17.436  1.00 34.35 ? 103  ILE A CA  1 
ATOM   394  C C   . ILE A 1 51  ? 1.873   11.945  17.438  1.00 34.35 ? 103  ILE A C   1 
ATOM   395  O O   . ILE A 1 51  ? 1.373   10.866  17.763  1.00 34.00 ? 103  ILE A O   1 
ATOM   396  C CB  . ILE A 1 51  ? 0.691   13.555  15.973  1.00 34.72 ? 103  ILE A CB  1 
ATOM   397  C CG1 . ILE A 1 51  ? -0.276  14.740  15.905  1.00 35.78 ? 103  ILE A CG1 1 
ATOM   398  C CG2 . ILE A 1 51  ? 0.109   12.338  15.284  1.00 33.61 ? 103  ILE A CG2 1 
ATOM   399  C CD1 . ILE A 1 51  ? -1.678  14.395  16.317  1.00 36.95 ? 103  ILE A CD1 1 
ATOM   400  N N   . LEU A 1 52  ? 3.129   12.065  17.026  1.00 34.50 ? 104  LEU A N   1 
ATOM   401  C CA  . LEU A 1 52  ? 3.976   10.896  16.830  1.00 34.70 ? 104  LEU A CA  1 
ATOM   402  C C   . LEU A 1 52  ? 4.407   10.283  18.156  1.00 34.85 ? 104  LEU A C   1 
ATOM   403  O O   . LEU A 1 52  ? 4.547   9.067   18.262  1.00 35.53 ? 104  LEU A O   1 
ATOM   404  C CB  . LEU A 1 52  ? 5.192   11.247  15.977  1.00 33.75 ? 104  LEU A CB  1 
ATOM   405  C CG  . LEU A 1 52  ? 4.847   11.654  14.543  1.00 32.49 ? 104  LEU A CG  1 
ATOM   406  C CD1 . LEU A 1 52  ? 6.097   12.091  13.798  1.00 30.34 ? 104  LEU A CD1 1 
ATOM   407  C CD2 . LEU A 1 52  ? 4.146   10.505  13.815  1.00 30.87 ? 104  LEU A CD2 1 
ATOM   408  N N   . LYS A 1 53  ? 4.583   11.118  19.174  1.00 34.92 ? 105  LYS A N   1 
ATOM   409  C CA  . LYS A 1 53  ? 4.844   10.611  20.522  1.00 35.60 ? 105  LYS A CA  1 
ATOM   410  C C   . LYS A 1 53  ? 3.667   9.789   21.039  1.00 35.25 ? 105  LYS A C   1 
ATOM   411  O O   . LYS A 1 53  ? 3.850   8.775   21.715  1.00 35.67 ? 105  LYS A O   1 
ATOM   412  C CB  . LYS A 1 53  ? 5.166   11.757  21.486  1.00 35.42 ? 105  LYS A CB  1 
ATOM   413  C CG  . LYS A 1 53  ? 6.419   12.527  21.110  1.00 37.97 ? 105  LYS A CG  1 
ATOM   414  C CD  . LYS A 1 53  ? 6.738   13.640  22.101  1.00 41.26 ? 105  LYS A CD  1 
ATOM   415  C CE  . LYS A 1 53  ? 7.913   14.471  21.605  1.00 42.18 ? 105  LYS A CE  1 
ATOM   416  N NZ  . LYS A 1 53  ? 8.405   15.437  22.624  1.00 43.86 ? 105  LYS A NZ  1 
ATOM   417  N N   . GLN A 1 54  ? 2.456   10.220  20.710  1.00 34.84 ? 106  GLN A N   1 
ATOM   418  C CA  . GLN A 1 54  ? 1.269   9.470   21.097  1.00 34.69 ? 106  GLN A CA  1 
ATOM   419  C C   . GLN A 1 54  ? 1.160   8.167   20.303  1.00 33.79 ? 106  GLN A C   1 
ATOM   420  O O   . GLN A 1 54  ? 0.757   7.137   20.839  1.00 33.80 ? 106  GLN A O   1 
ATOM   421  C CB  . GLN A 1 54  ? 0.008   10.318  20.921  1.00 34.53 ? 106  GLN A CB  1 
ATOM   422  C CG  . GLN A 1 54  ? -1.278  9.570   21.227  1.00 37.32 ? 106  GLN A CG  1 
ATOM   423  C CD  . GLN A 1 54  ? -1.417  9.231   22.697  1.00 41.86 ? 106  GLN A CD  1 
ATOM   424  O OE1 . GLN A 1 54  ? -1.443  10.118  23.550  1.00 42.09 ? 106  GLN A OE1 1 
ATOM   425  N NE2 . GLN A 1 54  ? -1.504  7.937   23.004  1.00 43.14 ? 106  GLN A NE2 1 
ATOM   426  N N   . VAL A 1 55  ? 1.545   8.206   19.033  1.00 32.93 ? 107  VAL A N   1 
ATOM   427  C CA  . VAL A 1 55  ? 1.528   7.003   18.204  1.00 32.36 ? 107  VAL A CA  1 
ATOM   428  C C   . VAL A 1 55  ? 2.519   5.966   18.722  1.00 32.45 ? 107  VAL A C   1 
ATOM   429  O O   . VAL A 1 55  ? 2.200   4.777   18.819  1.00 32.38 ? 107  VAL A O   1 
ATOM   430  C CB  . VAL A 1 55  ? 1.847   7.315   16.729  1.00 32.26 ? 107  VAL A CB  1 
ATOM   431  C CG1 . VAL A 1 55  ? 2.029   6.018   15.938  1.00 31.19 ? 107  VAL A CG1 1 
ATOM   432  C CG2 . VAL A 1 55  ? 0.742   8.167   16.119  1.00 30.40 ? 107  VAL A CG2 1 
ATOM   433  N N   . ARG A 1 56  ? 3.721   6.422   19.056  1.00 32.32 ? 108  ARG A N   1 
ATOM   434  C CA  . ARG A 1 56  ? 4.763   5.532   19.555  1.00 32.93 ? 108  ARG A CA  1 
ATOM   435  C C   . ARG A 1 56  ? 4.396   4.950   20.919  1.00 32.30 ? 108  ARG A C   1 
ATOM   436  O O   . ARG A 1 56  ? 4.654   3.781   21.194  1.00 31.85 ? 108  ARG A O   1 
ATOM   437  C CB  . ARG A 1 56  ? 6.101   6.270   19.647  1.00 32.93 ? 108  ARG A CB  1 
ATOM   438  C CG  . ARG A 1 56  ? 7.216   5.445   20.271  1.00 35.35 ? 108  ARG A CG  1 
ATOM   439  C CD  . ARG A 1 56  ? 8.548   6.160   20.157  1.00 41.52 ? 108  ARG A CD  1 
ATOM   440  N NE  . ARG A 1 56  ? 9.482   5.761   21.205  1.00 47.25 ? 108  ARG A NE  1 
ATOM   441  C CZ  . ARG A 1 56  ? 9.300   6.002   22.500  1.00 49.35 ? 108  ARG A CZ  1 
ATOM   442  N NH1 . ARG A 1 56  ? 8.198   6.609   22.917  1.00 49.15 ? 108  ARG A NH1 1 
ATOM   443  N NH2 . ARG A 1 56  ? 10.219  5.623   23.381  1.00 50.67 ? 108  ARG A NH2 1 
ATOM   444  N N   . THR A 1 57  ? 3.848   5.792   21.784  1.00 31.61 ? 109  THR A N   1 
ATOM   445  C CA  . THR A 1 57  ? 3.360   5.352   23.087  1.00 31.50 ? 109  THR A CA  1 
ATOM   446  C C   . THR A 1 57  ? 2.311   4.259   22.929  1.00 30.61 ? 109  THR A C   1 
ATOM   447  O O   . THR A 1 57  ? 2.355   3.242   23.615  1.00 29.73 ? 109  THR A O   1 
ATOM   448  C CB  . THR A 1 57  ? 2.736   6.521   23.863  1.00 31.45 ? 109  THR A CB  1 
ATOM   449  O OG1 . THR A 1 57  ? 3.676   7.601   23.926  1.00 34.59 ? 109  THR A OG1 1 
ATOM   450  C CG2 . THR A 1 57  ? 2.362   6.093   25.281  1.00 32.66 ? 109  THR A CG2 1 
ATOM   451  N N   . ASP A 1 58  ? 1.351   4.496   22.041  1.00 29.97 ? 110  ASP A N   1 
ATOM   452  C CA  . ASP A 1 58  ? 0.276   3.545   21.793  1.00 29.67 ? 110  ASP A CA  1 
ATOM   453  C C   . ASP A 1 58  ? 0.823   2.209   21.313  1.00 29.05 ? 110  ASP A C   1 
ATOM   454  O O   . ASP A 1 58  ? 0.418   1.157   21.806  1.00 27.95 ? 110  ASP A O   1 
ATOM   455  C CB  . ASP A 1 58  ? -0.714  4.107   20.768  1.00 30.26 ? 110  ASP A CB  1 
ATOM   456  C CG  . ASP A 1 58  ? -1.610  5.188   21.355  1.00 31.40 ? 110  ASP A CG  1 
ATOM   457  O OD1 . ASP A 1 58  ? -1.555  5.400   22.585  1.00 31.36 ? 110  ASP A OD1 1 
ATOM   458  O OD2 . ASP A 1 58  ? -2.375  5.815   20.590  1.00 31.08 ? 110  ASP A OD2 1 
ATOM   459  N N   . VAL A 1 59  ? 1.739   2.256   20.347  1.00 27.59 ? 111  VAL A N   1 
ATOM   460  C CA  . VAL A 1 59  ? 2.314   1.036   19.778  1.00 27.46 ? 111  VAL A CA  1 
ATOM   461  C C   . VAL A 1 59  ? 3.184   0.284   20.788  1.00 26.96 ? 111  VAL A C   1 
ATOM   462  O O   . VAL A 1 59  ? 3.152   -0.948  20.865  1.00 25.73 ? 111  VAL A O   1 
ATOM   463  C CB  . VAL A 1 59  ? 3.148   1.331   18.519  1.00 27.37 ? 111  VAL A CB  1 
ATOM   464  C CG1 . VAL A 1 59  ? 3.751   0.048   17.981  1.00 27.22 ? 111  VAL A CG1 1 
ATOM   465  C CG2 . VAL A 1 59  ? 2.280   2.012   17.455  1.00 28.56 ? 111  VAL A CG2 1 
ATOM   466  N N   . GLU A 1 60  ? 3.989   1.022   21.538  1.00 25.35 ? 112  GLU A N   1 
ATOM   467  C CA  . GLU A 1 60  ? 4.800   0.408   22.578  1.00 26.51 ? 112  GLU A CA  1 
ATOM   468  C C   . GLU A 1 60  ? 3.926   -0.327  23.603  1.00 25.85 ? 112  GLU A C   1 
ATOM   469  O O   . GLU A 1 60  ? 4.357   -1.305  24.204  1.00 24.85 ? 112  GLU A O   1 
ATOM   470  C CB  . GLU A 1 60  ? 5.675   1.455   23.271  1.00 25.74 ? 112  GLU A CB  1 
ATOM   471  C CG  . GLU A 1 60  ? 6.752   0.856   24.166  1.00 29.96 ? 112  GLU A CG  1 
ATOM   472  C CD  . GLU A 1 60  ? 7.701   1.906   24.713  1.00 34.58 ? 112  GLU A CD  1 
ATOM   473  O OE1 . GLU A 1 60  ? 8.649   2.296   23.996  1.00 38.11 ? 112  GLU A OE1 1 
ATOM   474  O OE2 . GLU A 1 60  ? 7.493   2.348   25.858  1.00 36.48 ? 112  GLU A OE2 1 
ATOM   475  N N   . GLY A 1 61  ? 2.696   0.146   23.785  1.00 26.48 ? 113  GLY A N   1 
ATOM   476  C CA  . GLY A 1 61  ? 1.756   -0.474  24.721  1.00 26.73 ? 113  GLY A CA  1 
ATOM   477  C C   . GLY A 1 61  ? 1.073   -1.713  24.161  1.00 27.22 ? 113  GLY A C   1 
ATOM   478  O O   . GLY A 1 61  ? 0.388   -2.435  24.887  1.00 27.25 ? 113  GLY A O   1 
ATOM   479  N N   . GLY A 1 62  ? 1.260   -1.967  22.870  1.00 26.60 ? 114  GLY A N   1 
ATOM   480  C CA  . GLY A 1 62  ? 0.718   -3.176  22.255  1.00 27.15 ? 114  GLY A CA  1 
ATOM   481  C C   . GLY A 1 62  ? -0.434  -2.951  21.291  1.00 27.67 ? 114  GLY A C   1 
ATOM   482  O O   . GLY A 1 62  ? -0.985  -3.906  20.737  1.00 27.12 ? 114  GLY A O   1 
ATOM   483  N N   . MET A 1 63  ? -0.811  -1.691  21.092  1.00 28.02 ? 115  MET A N   1 
ATOM   484  C CA  . MET A 1 63  ? -1.831  -1.347  20.104  1.00 28.72 ? 115  MET A CA  1 
ATOM   485  C C   . MET A 1 63  ? -1.247  -1.444  18.699  1.00 29.03 ? 115  MET A C   1 
ATOM   486  O O   . MET A 1 63  ? -0.037  -1.280  18.505  1.00 28.59 ? 115  MET A O   1 
ATOM   487  C CB  . MET A 1 63  ? -2.372  0.066   20.359  1.00 29.34 ? 115  MET A CB  1 
ATOM   488  C CG  . MET A 1 63  ? -3.294  0.594   19.269  1.00 31.85 ? 115  MET A CG  1 
ATOM   489  S SD  . MET A 1 63  ? -3.884  2.268   19.610  1.00 38.31 ? 115  MET A SD  1 
ATOM   490  C CE  . MET A 1 63  ? -4.285  2.129   21.358  1.00 32.99 ? 115  MET A CE  1 
ATOM   491  N N   . ALA A 1 64  ? -2.100  -1.742  17.725  1.00 27.87 ? 116  ALA A N   1 
ATOM   492  C CA  . ALA A 1 64  ? -1.658  -1.871  16.344  1.00 27.77 ? 116  ALA A CA  1 
ATOM   493  C C   . ALA A 1 64  ? -1.241  -0.517  15.779  1.00 27.65 ? 116  ALA A C   1 
ATOM   494  O O   . ALA A 1 64  ? -1.780  0.522   16.170  1.00 27.93 ? 116  ALA A O   1 
ATOM   495  C CB  . ALA A 1 64  ? -2.756  -2.497  15.492  1.00 27.04 ? 116  ALA A CB  1 
ATOM   496  N N   . PHE A 1 65  ? -0.262  -0.535  14.878  1.00 27.10 ? 117  PHE A N   1 
ATOM   497  C CA  . PHE A 1 65  ? 0.263   0.691   14.277  1.00 27.03 ? 117  PHE A CA  1 
ATOM   498  C C   . PHE A 1 65  ? -0.840  1.437   13.528  1.00 26.81 ? 117  PHE A C   1 
ATOM   499  O O   . PHE A 1 65  ? -1.007  2.650   13.690  1.00 26.88 ? 117  PHE A O   1 
ATOM   500  C CB  . PHE A 1 65  ? 1.431   0.362   13.334  1.00 25.84 ? 117  PHE A CB  1 
ATOM   501  C CG  . PHE A 1 65  ? 2.108   1.572   12.749  1.00 26.27 ? 117  PHE A CG  1 
ATOM   502  C CD1 . PHE A 1 65  ? 2.252   2.735   13.490  1.00 25.59 ? 117  PHE A CD1 1 
ATOM   503  C CD2 . PHE A 1 65  ? 2.648   1.525   11.472  1.00 26.34 ? 117  PHE A CD2 1 
ATOM   504  C CE1 . PHE A 1 65  ? 2.899   3.842   12.956  1.00 26.71 ? 117  PHE A CE1 1 
ATOM   505  C CE2 . PHE A 1 65  ? 3.293   2.624   10.930  1.00 26.37 ? 117  PHE A CE2 1 
ATOM   506  C CZ  . PHE A 1 65  ? 3.417   3.787   11.670  1.00 25.34 ? 117  PHE A CZ  1 
ATOM   507  N N   . SER A 1 66  ? -1.611  0.699   12.735  1.00 26.31 ? 118  SER A N   1 
ATOM   508  C CA  . SER A 1 66  ? -2.701  1.285   11.963  1.00 26.91 ? 118  SER A CA  1 
ATOM   509  C C   . SER A 1 66  ? -3.765  1.937   12.841  1.00 27.09 ? 118  SER A C   1 
ATOM   510  O O   . SER A 1 66  ? -4.290  2.994   12.495  1.00 27.97 ? 118  SER A O   1 
ATOM   511  C CB  . SER A 1 66  ? -3.340  0.241   11.051  1.00 26.78 ? 118  SER A CB  1 
ATOM   512  O OG  . SER A 1 66  ? -3.788  -0.864  11.805  1.00 27.49 ? 118  SER A OG  1 
ATOM   513  N N   . GLU A 1 67  ? -4.082  1.319   13.976  1.00 27.49 ? 119  GLU A N   1 
ATOM   514  C CA  . GLU A 1 67  ? -5.052  1.913   14.895  1.00 27.50 ? 119  GLU A CA  1 
ATOM   515  C C   . GLU A 1 67  ? -4.484  3.152   15.587  1.00 27.88 ? 119  GLU A C   1 
ATOM   516  O O   . GLU A 1 67  ? -5.196  4.132   15.797  1.00 27.11 ? 119  GLU A O   1 
ATOM   517  C CB  . GLU A 1 67  ? -5.555  0.905   15.936  1.00 27.87 ? 119  GLU A CB  1 
ATOM   518  C CG  . GLU A 1 67  ? -6.442  1.554   17.004  1.00 29.22 ? 119  GLU A CG  1 
ATOM   519  C CD  . GLU A 1 67  ? -7.173  0.550   17.881  1.00 31.41 ? 119  GLU A CD  1 
ATOM   520  O OE1 . GLU A 1 67  ? -6.678  -0.584  18.038  1.00 31.31 ? 119  GLU A OE1 1 
ATOM   521  O OE2 . GLU A 1 67  ? -8.235  0.909   18.438  1.00 33.37 ? 119  GLU A OE2 1 
ATOM   522  N N   . ALA A 1 68  ? -3.201  3.114   15.931  1.00 28.03 ? 120  ALA A N   1 
ATOM   523  C CA  . ALA A 1 68  ? -2.545  4.294   16.488  1.00 28.80 ? 120  ALA A CA  1 
ATOM   524  C C   . ALA A 1 68  ? -2.613  5.475   15.517  1.00 29.01 ? 120  ALA A C   1 
ATOM   525  O O   . ALA A 1 68  ? -2.926  6.598   15.915  1.00 29.15 ? 120  ALA A O   1 
ATOM   526  C CB  . ALA A 1 68  ? -1.104  3.985   16.865  1.00 28.77 ? 120  ALA A CB  1 
ATOM   527  N N   . LEU A 1 69  ? -2.364  5.209   14.238  1.00 29.64 ? 121  LEU A N   1 
ATOM   528  C CA  . LEU A 1 69  ? -2.491  6.229   13.197  1.00 30.01 ? 121  LEU A CA  1 
ATOM   529  C C   . LEU A 1 69  ? -3.926  6.727   13.061  1.00 30.54 ? 121  LEU A C   1 
ATOM   530  O O   . LEU A 1 69  ? -4.164  7.919   12.846  1.00 30.37 ? 121  LEU A O   1 
ATOM   531  C CB  . LEU A 1 69  ? -2.015  5.691   11.848  1.00 30.41 ? 121  LEU A CB  1 
ATOM   532  C CG  . LEU A 1 69  ? -0.605  5.098   11.773  1.00 30.45 ? 121  LEU A CG  1 
ATOM   533  C CD1 . LEU A 1 69  ? -0.312  4.600   10.366  1.00 30.03 ? 121  LEU A CD1 1 
ATOM   534  C CD2 . LEU A 1 69  ? 0.435   6.112   12.217  1.00 29.10 ? 121  LEU A CD2 1 
ATOM   535  N N   . SER A 1 70  ? -4.880  5.802   13.124  1.00 30.72 ? 122  SER A N   1 
ATOM   536  C CA  . SER A 1 70  ? -6.264  6.123   12.795  1.00 30.76 ? 122  SER A CA  1 
ATOM   537  C C   . SER A 1 70  ? -6.841  7.130   13.781  1.00 31.06 ? 122  SER A C   1 
ATOM   538  O O   . SER A 1 70  ? -7.916  7.685   13.554  1.00 30.66 ? 122  SER A O   1 
ATOM   539  C CB  . SER A 1 70  ? -7.124  4.859   12.765  1.00 30.63 ? 122  SER A CB  1 
ATOM   540  O OG  . SER A 1 70  ? -7.351  4.376   14.075  1.00 30.99 ? 122  SER A OG  1 
ATOM   541  N N   . LYS A 1 71  ? -6.104  7.385   14.858  1.00 30.99 ? 123  LYS A N   1 
ATOM   542  C CA  . LYS A 1 71  ? -6.524  8.350   15.866  1.00 31.37 ? 123  LYS A CA  1 
ATOM   543  C C   . LYS A 1 71  ? -6.300  9.787   15.410  1.00 31.74 ? 123  LYS A C   1 
ATOM   544  O O   . LYS A 1 71  ? -6.738  10.726  16.073  1.00 31.92 ? 123  LYS A O   1 
ATOM   545  C CB  . LYS A 1 71  ? -5.772  8.116   17.175  1.00 31.57 ? 123  LYS A CB  1 
ATOM   546  C CG  . LYS A 1 71  ? -6.303  6.966   18.005  1.00 31.49 ? 123  LYS A CG  1 
ATOM   547  C CD  . LYS A 1 71  ? -5.448  6.759   19.243  1.00 33.70 ? 123  LYS A CD  1 
ATOM   548  C CE  . LYS A 1 71  ? -6.138  5.854   20.248  1.00 35.39 ? 123  LYS A CE  1 
ATOM   549  N NZ  . LYS A 1 71  ? -5.386  5.795   21.531  1.00 36.85 ? 123  LYS A NZ  1 
ATOM   550  N N   . HIS A 1 72  ? -5.594  9.961   14.299  1.00 31.91 ? 124  HIS A N   1 
ATOM   551  C CA  . HIS A 1 72  ? -5.103  11.280  13.916  1.00 31.98 ? 124  HIS A CA  1 
ATOM   552  C C   . HIS A 1 72  ? -5.451  11.640  12.473  1.00 31.91 ? 124  HIS A C   1 
ATOM   553  O O   . HIS A 1 72  ? -5.162  10.883  11.544  1.00 31.15 ? 124  HIS A O   1 
ATOM   554  C CB  . HIS A 1 72  ? -3.595  11.375  14.154  1.00 31.55 ? 124  HIS A CB  1 
ATOM   555  C CG  . HIS A 1 72  ? -3.187  11.036  15.556  1.00 31.82 ? 124  HIS A CG  1 
ATOM   556  N ND1 . HIS A 1 72  ? -3.251  11.946  16.589  1.00 30.11 ? 124  HIS A ND1 1 
ATOM   557  C CD2 . HIS A 1 72  ? -2.719  9.885   16.096  1.00 30.81 ? 124  HIS A CD2 1 
ATOM   558  C CE1 . HIS A 1 72  ? -2.841  11.370  17.706  1.00 31.64 ? 124  HIS A CE1 1 
ATOM   559  N NE2 . HIS A 1 72  ? -2.517  10.119  17.435  1.00 32.92 ? 124  HIS A NE2 1 
ATOM   560  N N   . LYS A 1 73  ? -6.034  12.822  12.296  1.00 31.70 ? 125  LYS A N   1 
ATOM   561  C CA  . LYS A 1 73  ? -6.646  13.208  11.029  1.00 32.09 ? 125  LYS A CA  1 
ATOM   562  C C   . LYS A 1 73  ? -5.642  13.232  9.882   1.00 32.04 ? 125  LYS A C   1 
ATOM   563  O O   . LYS A 1 73  ? -5.999  12.983  8.730   1.00 31.67 ? 125  LYS A O   1 
ATOM   564  C CB  . LYS A 1 73  ? -7.322  14.578  11.156  1.00 32.13 ? 125  LYS A CB  1 
ATOM   565  C CG  . LYS A 1 73  ? -8.514  14.601  12.103  1.00 34.51 ? 125  LYS A CG  1 
ATOM   566  C CD  . LYS A 1 73  ? -8.620  15.930  12.856  1.00 36.90 ? 125  LYS A CD  1 
ATOM   567  C CE  . LYS A 1 73  ? -8.267  17.118  11.966  1.00 37.30 ? 125  LYS A CE  1 
ATOM   568  N NZ  . LYS A 1 73  ? -9.356  17.448  11.009  1.00 38.20 ? 125  LYS A NZ  1 
ATOM   569  N N   . ILE A 1 74  ? -4.394  13.557  10.191  1.00 31.89 ? 126  ILE A N   1 
ATOM   570  C CA  . ILE A 1 74  ? -3.373  13.707  9.155   1.00 32.34 ? 126  ILE A CA  1 
ATOM   571  C C   . ILE A 1 74  ? -3.182  12.433  8.318   1.00 32.55 ? 126  ILE A C   1 
ATOM   572  O O   . ILE A 1 74  ? -2.711  12.490  7.182   1.00 32.85 ? 126  ILE A O   1 
ATOM   573  C CB  . ILE A 1 74  ? -2.023  14.156  9.753   1.00 32.24 ? 126  ILE A CB  1 
ATOM   574  C CG1 . ILE A 1 74  ? -0.976  14.328  8.651   1.00 32.62 ? 126  ILE A CG1 1 
ATOM   575  C CG2 . ILE A 1 74  ? -1.548  13.165  10.811  1.00 33.08 ? 126  ILE A CG2 1 
ATOM   576  C CD1 . ILE A 1 74  ? -1.327  15.399  7.631   1.00 32.99 ? 126  ILE A CD1 1 
ATOM   577  N N   . PHE A 1 75  ? -3.567  11.288  8.871   1.00 32.80 ? 127  PHE A N   1 
ATOM   578  C CA  . PHE A 1 75  ? -3.456  10.026  8.141   1.00 33.26 ? 127  PHE A CA  1 
ATOM   579  C C   . PHE A 1 75  ? -4.791  9.645   7.497   1.00 33.47 ? 127  PHE A C   1 
ATOM   580  O O   . PHE A 1 75  ? -5.778  9.413   8.192   1.00 33.92 ? 127  PHE A O   1 
ATOM   581  C CB  . PHE A 1 75  ? -2.955  8.910   9.071   1.00 33.78 ? 127  PHE A CB  1 
ATOM   582  C CG  . PHE A 1 75  ? -1.644  9.227   9.746   1.00 33.66 ? 127  PHE A CG  1 
ATOM   583  C CD1 . PHE A 1 75  ? -1.609  9.627   11.075  1.00 33.64 ? 127  PHE A CD1 1 
ATOM   584  C CD2 . PHE A 1 75  ? -0.452  9.181   9.035   1.00 31.17 ? 127  PHE A CD2 1 
ATOM   585  C CE1 . PHE A 1 75  ? -0.407  9.961   11.690  1.00 31.31 ? 127  PHE A CE1 1 
ATOM   586  C CE2 . PHE A 1 75  ? 0.750   9.502   9.650   1.00 32.28 ? 127  PHE A CE2 1 
ATOM   587  C CZ  . PHE A 1 75  ? 0.769   9.907   10.975  1.00 29.29 ? 127  PHE A CZ  1 
ATOM   588  N N   . SER A 1 76  ? -4.826  9.628   6.167   1.00 33.37 ? 128  SER A N   1 
ATOM   589  C CA  . SER A 1 76  ? -6.057  9.346   5.428   1.00 33.15 ? 128  SER A CA  1 
ATOM   590  C C   . SER A 1 76  ? -6.489  7.884   5.564   1.00 33.42 ? 128  SER A C   1 
ATOM   591  O O   . SER A 1 76  ? -5.695  7.023   5.945   1.00 33.22 ? 128  SER A O   1 
ATOM   592  C CB  . SER A 1 76  ? -5.878  9.692   3.951   1.00 32.75 ? 128  SER A CB  1 
ATOM   593  O OG  . SER A 1 76  ? -5.046  8.740   3.309   1.00 31.89 ? 128  SER A OG  1 
ATOM   594  N N   . ARG A 1 77  ? -7.738  7.604   5.207   1.00 33.39 ? 129  ARG A N   1 
ATOM   595  C CA  . ARG A 1 77  ? -8.264  6.243   5.278   1.00 34.08 ? 129  ARG A CA  1 
ATOM   596  C C   . ARG A 1 77  ? -7.400  5.281   4.477   1.00 33.94 ? 129  ARG A C   1 
ATOM   597  O O   . ARG A 1 77  ? -7.098  4.176   4.928   1.00 34.04 ? 129  ARG A O   1 
ATOM   598  C CB  . ARG A 1 77  ? -9.704  6.189   4.766   1.00 34.13 ? 129  ARG A CB  1 
ATOM   599  C CG  . ARG A 1 77  ? -10.750 6.544   5.804   1.00 37.24 ? 129  ARG A CG  1 
ATOM   600  C CD  . ARG A 1 77  ? -12.155 6.393   5.234   1.00 39.92 ? 129  ARG A CD  1 
ATOM   601  N NE  . ARG A 1 77  ? -13.069 7.389   5.782   1.00 44.01 ? 129  ARG A NE  1 
ATOM   602  C CZ  . ARG A 1 77  ? -13.007 8.687   5.507   1.00 45.67 ? 129  ARG A CZ  1 
ATOM   603  N NH1 . ARG A 1 77  ? -12.068 9.150   4.693   1.00 47.47 ? 129  ARG A NH1 1 
ATOM   604  N NH2 . ARG A 1 77  ? -13.881 9.526   6.049   1.00 46.88 ? 129  ARG A NH2 1 
ATOM   605  N N   . LEU A 1 78  ? -7.005  5.701   3.282   1.00 33.75 ? 130  LEU A N   1 
ATOM   606  C CA  . LEU A 1 78  ? -6.181  4.864   2.428   1.00 33.82 ? 130  LEU A CA  1 
ATOM   607  C C   . LEU A 1 78  ? -4.813  4.614   3.060   1.00 33.82 ? 130  LEU A C   1 
ATOM   608  O O   . LEU A 1 78  ? -4.293  3.497   3.024   1.00 33.54 ? 130  LEU A O   1 
ATOM   609  C CB  . LEU A 1 78  ? -6.022  5.499   1.046   1.00 33.88 ? 130  LEU A CB  1 
ATOM   610  C CG  . LEU A 1 78  ? -5.269  4.649   0.024   1.00 34.78 ? 130  LEU A CG  1 
ATOM   611  C CD1 . LEU A 1 78  ? -5.896  3.263   -0.087  1.00 33.79 ? 130  LEU A CD1 1 
ATOM   612  C CD2 . LEU A 1 78  ? -5.236  5.342   -1.330  1.00 33.33 ? 130  LEU A CD2 1 
ATOM   613  N N   . TYR A 1 79  ? -4.236  5.660   3.642   1.00 33.23 ? 131  TYR A N   1 
ATOM   614  C CA  . TYR A 1 79  ? -2.954  5.540   4.325   1.00 33.21 ? 131  TYR A CA  1 
ATOM   615  C C   . TYR A 1 79  ? -3.052  4.476   5.410   1.00 33.32 ? 131  TYR A C   1 
ATOM   616  O O   . TYR A 1 79  ? -2.254  3.536   5.444   1.00 34.10 ? 131  TYR A O   1 
ATOM   617  C CB  . TYR A 1 79  ? -2.554  6.889   4.935   1.00 32.98 ? 131  TYR A CB  1 
ATOM   618  C CG  . TYR A 1 79  ? -1.090  7.018   5.308   1.00 31.50 ? 131  TYR A CG  1 
ATOM   619  C CD1 . TYR A 1 79  ? -0.248  7.865   4.602   1.00 31.19 ? 131  TYR A CD1 1 
ATOM   620  C CD2 . TYR A 1 79  ? -0.571  6.353   6.412   1.00 31.34 ? 131  TYR A CD2 1 
ATOM   621  C CE1 . TYR A 1 79  ? 1.076   8.027   4.967   1.00 31.59 ? 131  TYR A CE1 1 
ATOM   622  C CE2 . TYR A 1 79  ? 0.758   6.499   6.779   1.00 31.36 ? 131  TYR A CE2 1 
ATOM   623  C CZ  . TYR A 1 79  ? 1.577   7.330   6.049   1.00 32.70 ? 131  TYR A CZ  1 
ATOM   624  O OH  . TYR A 1 79  ? 2.895   7.484   6.406   1.00 30.39 ? 131  TYR A OH  1 
ATOM   625  N N   . VAL A 1 80  ? -4.047  4.622   6.283   1.00 33.32 ? 132  VAL A N   1 
ATOM   626  C CA  . VAL A 1 80  ? -4.251  3.691   7.392   1.00 33.04 ? 132  VAL A CA  1 
ATOM   627  C C   . VAL A 1 80  ? -4.537  2.280   6.875   1.00 33.56 ? 132  VAL A C   1 
ATOM   628  O O   . VAL A 1 80  ? -3.973  1.301   7.363   1.00 33.43 ? 132  VAL A O   1 
ATOM   629  C CB  . VAL A 1 80  ? -5.409  4.154   8.314   1.00 33.24 ? 132  VAL A CB  1 
ATOM   630  C CG1 . VAL A 1 80  ? -5.798  3.056   9.294   1.00 30.97 ? 132  VAL A CG1 1 
ATOM   631  C CG2 . VAL A 1 80  ? -5.029  5.432   9.060   1.00 33.65 ? 132  VAL A CG2 1 
ATOM   632  N N   . ASN A 1 81  ? -5.409  2.183   5.878   1.00 33.69 ? 133  ASN A N   1 
ATOM   633  C CA  . ASN A 1 81  ? -5.755  0.886   5.304   1.00 33.01 ? 133  ASN A CA  1 
ATOM   634  C C   . ASN A 1 81  ? -4.544  0.197   4.678   1.00 32.54 ? 133  ASN A C   1 
ATOM   635  O O   . ASN A 1 81  ? -4.377  -1.013  4.800   1.00 31.74 ? 133  ASN A O   1 
ATOM   636  C CB  . ASN A 1 81  ? -6.882  1.034   4.279   1.00 33.32 ? 133  ASN A CB  1 
ATOM   637  C CG  . ASN A 1 81  ? -8.251  1.101   4.927   1.00 34.08 ? 133  ASN A CG  1 
ATOM   638  O OD1 . ASN A 1 81  ? -8.441  0.632   6.048   1.00 34.81 ? 133  ASN A OD1 1 
ATOM   639  N ND2 . ASN A 1 81  ? -9.220  1.663   4.213   1.00 33.71 ? 133  ASN A ND2 1 
ATOM   640  N N   . LEU A 1 82  ? -3.689  0.980   4.030   1.00 32.16 ? 134  LEU A N   1 
ATOM   641  C CA  . LEU A 1 82  ? -2.472  0.449   3.433   1.00 32.36 ? 134  LEU A CA  1 
ATOM   642  C C   . LEU A 1 82  ? -1.478  -0.004  4.501   1.00 32.22 ? 134  LEU A C   1 
ATOM   643  O O   . LEU A 1 82  ? -0.936  -1.107  4.431   1.00 31.56 ? 134  LEU A O   1 
ATOM   644  C CB  . LEU A 1 82  ? -1.830  1.491   2.514   1.00 32.62 ? 134  LEU A CB  1 
ATOM   645  C CG  . LEU A 1 82  ? -2.423  1.544   1.107   1.00 34.10 ? 134  LEU A CG  1 
ATOM   646  C CD1 . LEU A 1 82  ? -1.842  2.715   0.323   1.00 35.50 ? 134  LEU A CD1 1 
ATOM   647  C CD2 . LEU A 1 82  ? -2.178  0.218   0.382   1.00 33.16 ? 134  LEU A CD2 1 
ATOM   648  N N   . VAL A 1 83  ? -1.260  0.848   5.499   1.00 31.87 ? 135  VAL A N   1 
ATOM   649  C CA  . VAL A 1 83  ? -0.467  0.476   6.669   1.00 31.83 ? 135  VAL A CA  1 
ATOM   650  C C   . VAL A 1 83  ? -1.014  -0.777  7.337   1.00 32.72 ? 135  VAL A C   1 
ATOM   651  O O   . VAL A 1 83  ? -0.250  -1.648  7.758   1.00 32.94 ? 135  VAL A O   1 
ATOM   652  C CB  . VAL A 1 83  ? -0.387  1.628   7.699   1.00 31.97 ? 135  VAL A CB  1 
ATOM   653  C CG1 . VAL A 1 83  ? 0.134   1.117   9.044   1.00 30.93 ? 135  VAL A CG1 1 
ATOM   654  C CG2 . VAL A 1 83  ? 0.502   2.743   7.168   1.00 29.55 ? 135  VAL A CG2 1 
ATOM   655  N N   . ARG A 1 84  ? -2.338  -0.888  7.405   1.00 32.95 ? 136  ARG A N   1 
ATOM   656  C CA  . ARG A 1 84  ? -2.968  -2.065  8.003   1.00 32.70 ? 136  ARG A CA  1 
ATOM   657  C C   . ARG A 1 84  ? -2.648  -3.342  7.226   1.00 32.50 ? 136  ARG A C   1 
ATOM   658  O O   . ARG A 1 84  ? -2.440  -4.403  7.816   1.00 32.11 ? 136  ARG A O   1 
ATOM   659  C CB  . ARG A 1 84  ? -4.485  -1.881  8.105   1.00 33.30 ? 136  ARG A CB  1 
ATOM   660  C CG  . ARG A 1 84  ? -5.230  -3.153  8.479   1.00 32.85 ? 136  ARG A CG  1 
ATOM   661  C CD  . ARG A 1 84  ? -4.844  -3.606  9.875   1.00 33.59 ? 136  ARG A CD  1 
ATOM   662  N NE  . ARG A 1 84  ? -5.330  -4.950  10.170  1.00 35.10 ? 136  ARG A NE  1 
ATOM   663  C CZ  . ARG A 1 84  ? -5.053  -5.613  11.287  1.00 34.71 ? 136  ARG A CZ  1 
ATOM   664  N NH1 . ARG A 1 84  ? -4.290  -5.056  12.220  1.00 32.33 ? 136  ARG A NH1 1 
ATOM   665  N NH2 . ARG A 1 84  ? -5.536  -6.834  11.468  1.00 32.86 ? 136  ARG A NH2 1 
ATOM   666  N N   . ALA A 1 85  ? -2.623  -3.243  5.902   1.00 32.72 ? 137  ALA A N   1 
ATOM   667  C CA  . ALA A 1 85  ? -2.232  -4.380  5.070   1.00 32.76 ? 137  ALA A CA  1 
ATOM   668  C C   . ALA A 1 85  ? -0.763  -4.734  5.306   1.00 32.88 ? 137  ALA A C   1 
ATOM   669  O O   . ALA A 1 85  ? -0.394  -5.905  5.344   1.00 32.49 ? 137  ALA A O   1 
ATOM   670  C CB  . ALA A 1 85  ? -2.481  -4.081  3.598   1.00 32.63 ? 137  ALA A CB  1 
ATOM   671  N N   . GLY A 1 86  ? 0.061   -3.711  5.510   1.00 33.47 ? 138  GLY A N   1 
ATOM   672  C CA  . GLY A 1 86  ? 1.489   -3.907  5.762   1.00 34.59 ? 138  GLY A CA  1 
ATOM   673  C C   . GLY A 1 86  ? 1.790   -4.627  7.063   1.00 35.08 ? 138  GLY A C   1 
ATOM   674  O O   . GLY A 1 86  ? 2.703   -5.451  7.126   1.00 35.77 ? 138  GLY A O   1 
ATOM   675  N N   . GLU A 1 87  ? 1.033   -4.311  8.109   1.00 36.09 ? 139  GLU A N   1 
ATOM   676  C CA  . GLU A 1 87  ? 1.205   -4.967  9.406   1.00 37.08 ? 139  GLU A CA  1 
ATOM   677  C C   . GLU A 1 87  ? 1.073   -6.476  9.284   1.00 36.85 ? 139  GLU A C   1 
ATOM   678  O O   . GLU A 1 87  ? 1.759   -7.224  9.980   1.00 37.16 ? 139  GLU A O   1 
ATOM   679  C CB  . GLU A 1 87  ? 0.174   -4.461  10.415  1.00 36.95 ? 139  GLU A CB  1 
ATOM   680  C CG  . GLU A 1 87  ? 0.185   -2.968  10.633  1.00 38.67 ? 139  GLU A CG  1 
ATOM   681  C CD  . GLU A 1 87  ? -0.976  -2.510  11.489  1.00 37.91 ? 139  GLU A CD  1 
ATOM   682  O OE1 . GLU A 1 87  ? -1.970  -3.258  11.595  1.00 37.47 ? 139  GLU A OE1 1 
ATOM   683  O OE2 . GLU A 1 87  ? -0.884  -1.410  12.069  1.00 37.59 ? 139  GLU A OE2 1 
ATOM   684  N N   . THR A 1 88  ? 0.145   -6.916  8.438   1.00 37.07 ? 140  THR A N   1 
ATOM   685  C CA  . THR A 1 88  ? -0.214  -8.331  8.358   1.00 36.93 ? 140  THR A CA  1 
ATOM   686  C C   . THR A 1 88  ? 0.613   -9.081  7.319   1.00 36.44 ? 140  THR A C   1 
ATOM   687  O O   . THR A 1 88  ? 0.522   -10.302 7.214   1.00 37.17 ? 140  THR A O   1 
ATOM   688  C CB  . THR A 1 88  ? -1.709  -8.520  8.026   1.00 37.34 ? 140  THR A CB  1 
ATOM   689  O OG1 . THR A 1 88  ? -2.512  -7.855  9.011   1.00 38.54 ? 140  THR A OG1 1 
ATOM   690  C CG2 . THR A 1 88  ? -2.068  -9.999  8.004   1.00 37.84 ? 140  THR A CG2 1 
ATOM   691  N N   . SER A 1 89  ? 1.409   -8.351  6.544   1.00 36.00 ? 141  SER A N   1 
ATOM   692  C CA  . SER A 1 89  ? 2.108   -8.937  5.402   1.00 34.79 ? 141  SER A CA  1 
ATOM   693  C C   . SER A 1 89  ? 3.616   -8.946  5.606   1.00 34.66 ? 141  SER A C   1 
ATOM   694  O O   . SER A 1 89  ? 4.357   -9.517  4.803   1.00 34.20 ? 141  SER A O   1 
ATOM   695  C CB  . SER A 1 89  ? 1.779   -8.162  4.125   1.00 34.79 ? 141  SER A CB  1 
ATOM   696  O OG  . SER A 1 89  ? 2.577   -6.992  4.027   1.00 33.81 ? 141  SER A OG  1 
ATOM   697  N N   . GLY A 1 90  ? 4.068   -8.250  6.645   1.00 34.41 ? 142  GLY A N   1 
ATOM   698  C CA  . GLY A 1 90  ? 5.491   -8.007  6.842   1.00 34.37 ? 142  GLY A CA  1 
ATOM   699  C C   . GLY A 1 90  ? 6.122   -7.245  5.691   1.00 33.88 ? 142  GLY A C   1 
ATOM   700  O O   . GLY A 1 90  ? 7.273   -7.488  5.331   1.00 34.18 ? 142  GLY A O   1 
ATOM   701  N N   . GLY A 1 91  ? 5.365   -6.318  5.110   1.00 33.41 ? 143  GLY A N   1 
ATOM   702  C CA  . GLY A 1 91  ? 5.887   -5.473  4.041   1.00 31.70 ? 143  GLY A CA  1 
ATOM   703  C C   . GLY A 1 91  ? 5.661   -3.993  4.299   1.00 31.68 ? 143  GLY A C   1 
ATOM   704  O O   . GLY A 1 91  ? 5.430   -3.221  3.365   1.00 30.47 ? 143  GLY A O   1 
ATOM   705  N N   . LEU A 1 92  ? 5.714   -3.595  5.568   1.00 30.51 ? 144  LEU A N   1 
ATOM   706  C CA  . LEU A 1 92  ? 5.587   -2.185  5.919   1.00 31.01 ? 144  LEU A CA  1 
ATOM   707  C C   . LEU A 1 92  ? 6.623   -1.330  5.190   1.00 30.50 ? 144  LEU A C   1 
ATOM   708  O O   . LEU A 1 92  ? 6.310   -0.240  4.722   1.00 30.89 ? 144  LEU A O   1 
ATOM   709  C CB  . LEU A 1 92  ? 5.696   -1.976  7.435   1.00 31.08 ? 144  LEU A CB  1 
ATOM   710  C CG  . LEU A 1 92  ? 4.390   -1.710  8.186   1.00 31.64 ? 144  LEU A CG  1 
ATOM   711  C CD1 . LEU A 1 92  ? 4.654   -1.297  9.626   1.00 33.11 ? 144  LEU A CD1 1 
ATOM   712  C CD2 . LEU A 1 92  ? 3.562   -0.654  7.473   1.00 33.15 ? 144  LEU A CD2 1 
ATOM   713  N N   . ASP A 1 93  ? 7.852   -1.824  5.092   1.00 29.89 ? 145  ASP A N   1 
ATOM   714  C CA  . ASP A 1 93  ? 8.885   -1.090  4.376   1.00 30.65 ? 145  ASP A CA  1 
ATOM   715  C C   . ASP A 1 93  ? 8.450   -0.706  2.962   1.00 30.08 ? 145  ASP A C   1 
ATOM   716  O O   . ASP A 1 93  ? 8.603   0.446   2.555   1.00 30.83 ? 145  ASP A O   1 
ATOM   717  C CB  . ASP A 1 93  ? 10.216  -1.851  4.365   1.00 31.18 ? 145  ASP A CB  1 
ATOM   718  C CG  . ASP A 1 93  ? 10.118  -3.213  3.694   1.00 35.36 ? 145  ASP A CG  1 
ATOM   719  O OD1 . ASP A 1 93  ? 9.106   -3.921  3.893   1.00 36.74 ? 145  ASP A OD1 1 
ATOM   720  O OD2 . ASP A 1 93  ? 11.102  -3.604  3.025   1.00 39.06 ? 145  ASP A OD2 1 
ATOM   721  N N   . LEU A 1 94  ? 7.899   -1.670  2.230   1.00 28.58 ? 146  LEU A N   1 
ATOM   722  C CA  . LEU A 1 94  ? 7.463   -1.456  0.851   1.00 28.65 ? 146  LEU A CA  1 
ATOM   723  C C   . LEU A 1 94  ? 6.273   -0.508  0.793   1.00 28.09 ? 146  LEU A C   1 
ATOM   724  O O   . LEU A 1 94  ? 6.228   0.390   -0.042  1.00 28.66 ? 146  LEU A O   1 
ATOM   725  C CB  . LEU A 1 94  ? 7.080   -2.788  0.190   1.00 27.83 ? 146  LEU A CB  1 
ATOM   726  C CG  . LEU A 1 94  ? 8.146   -3.884  0.114   1.00 29.64 ? 146  LEU A CG  1 
ATOM   727  C CD1 . LEU A 1 94  ? 7.521   -5.211  -0.323  1.00 27.45 ? 146  LEU A CD1 1 
ATOM   728  C CD2 . LEU A 1 94  ? 9.269   -3.469  -0.834  1.00 31.38 ? 146  LEU A CD2 1 
ATOM   729  N N   . ILE A 1 95  ? 5.291   -0.748  1.655   1.00 27.57 ? 147  ILE A N   1 
ATOM   730  C CA  . ILE A 1 95  ? 4.137   0.130   1.778   1.00 28.34 ? 147  ILE A CA  1 
ATOM   731  C C   . ILE A 1 95  ? 4.527   1.583   2.051   1.00 28.70 ? 147  ILE A C   1 
ATOM   732  O O   . ILE A 1 95  ? 3.977   2.501   1.443   1.00 28.54 ? 147  ILE A O   1 
ATOM   733  C CB  . ILE A 1 95  ? 3.169   -0.365  2.872   1.00 28.67 ? 147  ILE A CB  1 
ATOM   734  C CG1 . ILE A 1 95  ? 2.453   -1.635  2.405   1.00 29.96 ? 147  ILE A CG1 1 
ATOM   735  C CG2 . ILE A 1 95  ? 2.160   0.719   3.221   1.00 29.54 ? 147  ILE A CG2 1 
ATOM   736  C CD1 . ILE A 1 95  ? 2.059   -2.581  3.531   1.00 32.16 ? 147  ILE A CD1 1 
ATOM   737  N N   . LEU A 1 96  ? 5.465   1.797   2.967   1.00 28.37 ? 148  LEU A N   1 
ATOM   738  C CA  . LEU A 1 96  ? 5.818   3.159   3.363   1.00 28.83 ? 148  LEU A CA  1 
ATOM   739  C C   . LEU A 1 96  ? 6.627   3.857   2.273   1.00 29.28 ? 148  LEU A C   1 
ATOM   740  O O   . LEU A 1 96  ? 6.463   5.051   2.037   1.00 29.73 ? 148  LEU A O   1 
ATOM   741  C CB  . LEU A 1 96  ? 6.604   3.164   4.679   1.00 28.63 ? 148  LEU A CB  1 
ATOM   742  C CG  . LEU A 1 96  ? 5.861   3.528   5.965   1.00 28.75 ? 148  LEU A CG  1 
ATOM   743  C CD1 . LEU A 1 96  ? 5.389   4.986   5.938   1.00 30.55 ? 148  LEU A CD1 1 
ATOM   744  C CD2 . LEU A 1 96  ? 4.700   2.581   6.216   1.00 27.50 ? 148  LEU A CD2 1 
ATOM   745  N N   . ASP A 1 97  ? 7.472   3.097   1.585   1.00 29.95 ? 149  ASP A N   1 
ATOM   746  C CA  . ASP A 1 97  ? 8.234   3.632   0.462   1.00 30.72 ? 149  ASP A CA  1 
ATOM   747  C C   . ASP A 1 97  ? 7.310   4.152   -0.641  1.00 31.20 ? 149  ASP A C   1 
ATOM   748  O O   . ASP A 1 97  ? 7.528   5.232   -1.191  1.00 31.36 ? 149  ASP A O   1 
ATOM   749  C CB  . ASP A 1 97  ? 9.178   2.565   -0.090  1.00 31.40 ? 149  ASP A CB  1 
ATOM   750  C CG  . ASP A 1 97  ? 9.989   3.058   -1.265  1.00 33.07 ? 149  ASP A CG  1 
ATOM   751  O OD1 . ASP A 1 97  ? 10.399  4.235   -1.267  1.00 33.84 ? 149  ASP A OD1 1 
ATOM   752  O OD2 . ASP A 1 97  ? 10.224  2.259   -2.190  1.00 39.15 ? 149  ASP A OD2 1 
ATOM   753  N N   . ARG A 1 98  ? 6.241   3.412   -0.915  1.00 30.88 ? 150  ARG A N   1 
ATOM   754  C CA  . ARG A 1 98  ? 5.314   3.780   -1.985  1.00 30.27 ? 150  ARG A CA  1 
ATOM   755  C C   . ARG A 1 98  ? 4.410   4.938   -1.570  1.00 29.93 ? 150  ARG A C   1 
ATOM   756  O O   . ARG A 1 98  ? 4.134   5.826   -2.364  1.00 28.02 ? 150  ARG A O   1 
ATOM   757  C CB  . ARG A 1 98  ? 4.472   2.573   -2.411  1.00 29.67 ? 150  ARG A CB  1 
ATOM   758  C CG  . ARG A 1 98  ? 5.225   1.557   -3.272  1.00 29.81 ? 150  ARG A CG  1 
ATOM   759  C CD  . ARG A 1 98  ? 5.472   2.086   -4.685  1.00 27.84 ? 150  ARG A CD  1 
ATOM   760  N NE  . ARG A 1 98  ? 4.261   2.099   -5.509  1.00 27.05 ? 150  ARG A NE  1 
ATOM   761  C CZ  . ARG A 1 98  ? 3.763   1.033   -6.136  1.00 30.06 ? 150  ARG A CZ  1 
ATOM   762  N NH1 . ARG A 1 98  ? 4.347   -0.154  -6.012  1.00 29.08 ? 150  ARG A NH1 1 
ATOM   763  N NH2 . ARG A 1 98  ? 2.676   1.152   -6.893  1.00 26.37 ? 150  ARG A NH2 1 
ATOM   764  N N   . LEU A 1 99  ? 3.950   4.920   -0.322  1.00 30.59 ? 151  LEU A N   1 
ATOM   765  C CA  . LEU A 1 99  ? 3.212   6.052   0.231   1.00 31.56 ? 151  LEU A CA  1 
ATOM   766  C C   . LEU A 1 99  ? 4.057   7.325   0.216   1.00 31.93 ? 151  LEU A C   1 
ATOM   767  O O   . LEU A 1 99  ? 3.571   8.394   -0.139  1.00 32.69 ? 151  LEU A O   1 
ATOM   768  C CB  . LEU A 1 99  ? 2.741   5.746   1.658   1.00 31.70 ? 151  LEU A CB  1 
ATOM   769  C CG  . LEU A 1 99  ? 1.524   4.826   1.775   1.00 31.28 ? 151  LEU A CG  1 
ATOM   770  C CD1 . LEU A 1 99  ? 1.255   4.455   3.229   1.00 31.07 ? 151  LEU A CD1 1 
ATOM   771  C CD2 . LEU A 1 99  ? 0.301   5.486   1.150   1.00 30.39 ? 151  LEU A CD2 1 
ATOM   772  N N   . ALA A 1 100 ? 5.326   7.205   0.599   1.00 31.93 ? 152  ALA A N   1 
ATOM   773  C CA  . ALA A 1 100 ? 6.225   8.358   0.638   1.00 32.07 ? 152  ALA A CA  1 
ATOM   774  C C   . ALA A 1 100 ? 6.460   8.940   -0.755  1.00 32.22 ? 152  ALA A C   1 
ATOM   775  O O   . ALA A 1 100 ? 6.459   10.157  -0.939  1.00 32.12 ? 152  ALA A O   1 
ATOM   776  C CB  . ALA A 1 100 ? 7.551   7.980   1.288   1.00 31.14 ? 152  ALA A CB  1 
ATOM   777  N N   . SER A 1 101 ? 6.664   8.065   -1.734  1.00 32.37 ? 153  SER A N   1 
ATOM   778  C CA  . SER A 1 101 ? 6.889   8.499   -3.113  1.00 32.89 ? 153  SER A CA  1 
ATOM   779  C C   . SER A 1 101 ? 5.651   9.186   -3.677  1.00 32.96 ? 153  SER A C   1 
ATOM   780  O O   . SER A 1 101 ? 5.751   10.186  -4.387  1.00 31.90 ? 153  SER A O   1 
ATOM   781  C CB  . SER A 1 101 ? 7.253   7.305   -3.994  1.00 32.53 ? 153  SER A CB  1 
ATOM   782  O OG  . SER A 1 101 ? 8.468   6.716   -3.568  1.00 34.01 ? 153  SER A OG  1 
ATOM   783  N N   . PHE A 1 102 ? 4.494   8.588   -3.419  1.00 33.02 ? 154  PHE A N   1 
ATOM   784  C CA  . PHE A 1 102 ? 3.221   9.191   -3.767  1.00 33.07 ? 154  PHE A CA  1 
ATOM   785  C C   . PHE A 1 102 ? 3.109   10.605  -3.198  1.00 32.96 ? 154  PHE A C   1 
ATOM   786  O O   . PHE A 1 102 ? 2.701   11.538  -3.898  1.00 33.35 ? 154  PHE A O   1 
ATOM   787  C CB  . PHE A 1 102 ? 2.075   8.324   -3.245  1.00 33.22 ? 154  PHE A CB  1 
ATOM   788  C CG  . PHE A 1 102 ? 0.717   8.883   -3.536  1.00 35.12 ? 154  PHE A CG  1 
ATOM   789  C CD1 . PHE A 1 102 ? 0.109   8.655   -4.760  1.00 35.47 ? 154  PHE A CD1 1 
ATOM   790  C CD2 . PHE A 1 102 ? 0.058   9.658   -2.598  1.00 35.84 ? 154  PHE A CD2 1 
ATOM   791  C CE1 . PHE A 1 102 ? -1.138  9.184   -5.039  1.00 36.01 ? 154  PHE A CE1 1 
ATOM   792  C CE2 . PHE A 1 102 ? -1.192  10.186  -2.869  1.00 35.83 ? 154  PHE A CE2 1 
ATOM   793  C CZ  . PHE A 1 102 ? -1.787  9.955   -4.093  1.00 36.22 ? 154  PHE A CZ  1 
ATOM   794  N N   . LEU A 1 103 ? 3.477   10.763  -1.931  1.00 31.60 ? 155  LEU A N   1 
ATOM   795  C CA  . LEU A 1 103 ? 3.293   12.033  -1.235  1.00 30.81 ? 155  LEU A CA  1 
ATOM   796  C C   . LEU A 1 103 ? 4.303   13.073  -1.707  1.00 31.05 ? 155  LEU A C   1 
ATOM   797  O O   . LEU A 1 103 ? 3.956   14.241  -1.917  1.00 30.69 ? 155  LEU A O   1 
ATOM   798  C CB  . LEU A 1 103 ? 3.399   11.835  0.275   1.00 30.46 ? 155  LEU A CB  1 
ATOM   799  C CG  . LEU A 1 103 ? 2.208   11.125  0.920   1.00 30.50 ? 155  LEU A CG  1 
ATOM   800  C CD1 . LEU A 1 103 ? 2.533   10.668  2.340   1.00 30.42 ? 155  LEU A CD1 1 
ATOM   801  C CD2 . LEU A 1 103 ? 0.980   12.026  0.905   1.00 30.93 ? 155  LEU A CD2 1 
ATOM   802  N N   . GLU A 1 104 ? 5.537   12.631  -1.928  1.00 30.57 ? 156  GLU A N   1 
ATOM   803  C CA  . GLU A 1 104 ? 6.582   13.504  -2.445  1.00 31.82 ? 156  GLU A CA  1 
ATOM   804  C C   . GLU A 1 104 ? 6.188   14.099  -3.791  1.00 31.97 ? 156  GLU A C   1 
ATOM   805  O O   . GLU A 1 104 ? 6.482   15.253  -4.075  1.00 31.74 ? 156  GLU A O   1 
ATOM   806  C CB  . GLU A 1 104 ? 7.900   12.744  -2.582  1.00 31.44 ? 156  GLU A CB  1 
ATOM   807  C CG  . GLU A 1 104 ? 8.730   12.719  -1.318  1.00 32.08 ? 156  GLU A CG  1 
ATOM   808  C CD  . GLU A 1 104 ? 9.620   11.499  -1.244  1.00 35.05 ? 156  GLU A CD  1 
ATOM   809  O OE1 . GLU A 1 104 ? 9.627   10.710  -2.217  1.00 36.04 ? 156  GLU A OE1 1 
ATOM   810  O OE2 . GLU A 1 104 ? 10.330  11.341  -0.228  1.00 34.67 ? 156  GLU A OE2 1 
ATOM   811  N N   . LYS A 1 105 ? 5.531   13.299  -4.622  1.00 32.96 ? 157  LYS A N   1 
ATOM   812  C CA  . LYS A 1 105 ? 5.128   13.755  -5.947  1.00 34.18 ? 157  LYS A CA  1 
ATOM   813  C C   . LYS A 1 105 ? 3.898   14.655  -5.887  1.00 34.03 ? 157  LYS A C   1 
ATOM   814  O O   . LYS A 1 105 ? 3.817   15.655  -6.597  1.00 34.47 ? 157  LYS A O   1 
ATOM   815  C CB  . LYS A 1 105 ? 4.897   12.564  -6.879  1.00 34.90 ? 157  LYS A CB  1 
ATOM   816  C CG  . LYS A 1 105 ? 6.185   11.949  -7.413  1.00 37.22 ? 157  LYS A CG  1 
ATOM   817  C CD  . LYS A 1 105 ? 5.906   10.763  -8.330  1.00 42.07 ? 157  LYS A CD  1 
ATOM   818  C CE  . LYS A 1 105 ? 5.832   9.461   -7.543  1.00 42.54 ? 157  LYS A CE  1 
ATOM   819  N NZ  . LYS A 1 105 ? 5.182   8.378   -8.337  1.00 45.54 ? 157  LYS A NZ  1 
ATOM   820  N N   . GLU A 1 106 ? 2.951   14.312  -5.019  1.00 34.42 ? 158  GLU A N   1 
ATOM   821  C CA  . GLU A 1 106 ? 1.833   15.198  -4.713  1.00 34.82 ? 158  GLU A CA  1 
ATOM   822  C C   . GLU A 1 106 ? 2.367   16.549  -4.250  1.00 34.82 ? 158  GLU A C   1 
ATOM   823  O O   . GLU A 1 106 ? 1.916   17.598  -4.705  1.00 35.31 ? 158  GLU A O   1 
ATOM   824  C CB  . GLU A 1 106 ? 0.943   14.583  -3.627  1.00 35.39 ? 158  GLU A CB  1 
ATOM   825  C CG  . GLU A 1 106 ? -0.535  14.951  -3.742  1.00 38.28 ? 158  GLU A CG  1 
ATOM   826  C CD  . GLU A 1 106 ? -1.271  14.881  -2.411  1.00 40.74 ? 158  GLU A CD  1 
ATOM   827  O OE1 . GLU A 1 106 ? -1.134  13.864  -1.700  1.00 41.15 ? 158  GLU A OE1 1 
ATOM   828  O OE2 . GLU A 1 106 ? -2.000  15.843  -2.085  1.00 41.81 ? 158  GLU A OE2 1 
ATOM   829  N N   . LEU A 1 107 ? 3.364   16.512  -3.372  1.00 35.01 ? 159  LEU A N   1 
ATOM   830  C CA  . LEU A 1 107 ? 3.972   17.726  -2.842  1.00 35.22 ? 159  LEU A CA  1 
ATOM   831  C C   . LEU A 1 107 ? 4.534   18.621  -3.944  1.00 35.76 ? 159  LEU A C   1 
ATOM   832  O O   . LEU A 1 107 ? 4.268   19.823  -3.972  1.00 34.85 ? 159  LEU A O   1 
ATOM   833  C CB  . LEU A 1 107 ? 5.075   17.373  -1.843  1.00 34.93 ? 159  LEU A CB  1 
ATOM   834  C CG  . LEU A 1 107 ? 5.750   18.544  -1.128  1.00 35.58 ? 159  LEU A CG  1 
ATOM   835  C CD1 . LEU A 1 107 ? 4.725   19.373  -0.367  1.00 34.05 ? 159  LEU A CD1 1 
ATOM   836  C CD2 . LEU A 1 107 ? 6.841   18.037  -0.192  1.00 34.69 ? 159  LEU A CD2 1 
ATOM   837  N N   . GLU A 1 108 ? 5.338   18.045  -4.832  1.00 35.93 ? 160  GLU A N   1 
ATOM   838  C CA  . GLU A 1 108 ? 6.041   18.849  -5.827  1.00 36.93 ? 160  GLU A CA  1 
ATOM   839  C C   . GLU A 1 108 ? 5.115   19.360  -6.927  1.00 37.07 ? 160  GLU A C   1 
ATOM   840  O O   . GLU A 1 108 ? 5.370   20.405  -7.525  1.00 36.84 ? 160  GLU A O   1 
ATOM   841  C CB  . GLU A 1 108 ? 7.227   18.088  -6.419  1.00 36.86 ? 160  GLU A CB  1 
ATOM   842  C CG  . GLU A 1 108 ? 6.851   16.856  -7.220  1.00 39.12 ? 160  GLU A CG  1 
ATOM   843  C CD  . GLU A 1 108 ? 7.799   16.614  -8.377  1.00 41.21 ? 160  GLU A CD  1 
ATOM   844  O OE1 . GLU A 1 108 ? 8.284   17.606  -8.960  1.00 41.45 ? 160  GLU A OE1 1 
ATOM   845  O OE2 . GLU A 1 108 ? 8.069   15.437  -8.696  1.00 43.54 ? 160  GLU A OE2 1 
ATOM   846  N N   . LEU A 1 109 ? 4.033   18.630  -7.182  1.00 37.39 ? 161  LEU A N   1 
ATOM   847  C CA  . LEU A 1 109 ? 2.914   19.175  -7.946  1.00 37.92 ? 161  LEU A CA  1 
ATOM   848  C C   . LEU A 1 109 ? 2.394   20.444  -7.279  1.00 38.02 ? 161  LEU A C   1 
ATOM   849  O O   . LEU A 1 109 ? 2.545   21.545  -7.810  1.00 38.36 ? 161  LEU A O   1 
ATOM   850  C CB  . LEU A 1 109 ? 1.784   18.149  -8.056  1.00 37.94 ? 161  LEU A CB  1 
ATOM   851  C CG  . LEU A 1 109 ? 1.792   17.208  -9.263  1.00 38.44 ? 161  LEU A CG  1 
ATOM   852  C CD1 . LEU A 1 109 ? 3.201   16.716  -9.563  1.00 39.73 ? 161  LEU A CD1 1 
ATOM   853  C CD2 . LEU A 1 109 ? 0.848   16.035  -9.030  1.00 37.45 ? 161  LEU A CD2 1 
ATOM   854  N N   . ARG A 1 110 ? 1.784   20.281  -6.109  1.00 38.12 ? 162  ARG A N   1 
ATOM   855  C CA  . ARG A 1 110 ? 1.281   21.411  -5.334  1.00 38.24 ? 162  ARG A CA  1 
ATOM   856  C C   . ARG A 1 110 ? 2.418   22.338  -4.919  1.00 38.21 ? 162  ARG A C   1 
ATOM   857  O O   . ARG A 1 110 ? 2.944   23.090  -5.738  1.00 38.54 ? 162  ARG A O   1 
ATOM   858  C CB  . ARG A 1 110 ? 0.520   20.919  -4.111  1.00 38.26 ? 162  ARG A CB  1 
ATOM   859  N N   . ARG B 1 8   ? 2.888   -2.259  -27.910 1.00 51.13 ? 60   ARG B N   1 
ATOM   860  C CA  . ARG B 1 8   ? 2.478   -1.447  -26.726 1.00 50.75 ? 60   ARG B CA  1 
ATOM   861  C C   . ARG B 1 8   ? 2.172   -2.331  -25.518 1.00 49.96 ? 60   ARG B C   1 
ATOM   862  O O   . ARG B 1 8   ? 1.053   -2.822  -25.370 1.00 50.61 ? 60   ARG B O   1 
ATOM   863  C CB  . ARG B 1 8   ? 1.273   -0.585  -27.070 1.00 51.02 ? 60   ARG B CB  1 
ATOM   864  N N   . GLY B 1 9   ? 3.165   -2.516  -24.651 1.00 48.55 ? 61   GLY B N   1 
ATOM   865  C CA  . GLY B 1 9   ? 2.976   -3.251  -23.395 1.00 46.65 ? 61   GLY B CA  1 
ATOM   866  C C   . GLY B 1 9   ? 2.104   -2.514  -22.391 1.00 45.16 ? 61   GLY B C   1 
ATOM   867  O O   . GLY B 1 9   ? 1.894   -1.307  -22.514 1.00 45.97 ? 61   GLY B O   1 
ATOM   868  N N   . PRO B 1 10  ? 1.588   -3.239  -21.383 1.00 43.20 ? 62   PRO B N   1 
ATOM   869  C CA  . PRO B 1 10  ? 0.658   -2.663  -20.413 1.00 41.83 ? 62   PRO B CA  1 
ATOM   870  C C   . PRO B 1 10  ? 1.324   -1.638  -19.501 1.00 40.55 ? 62   PRO B C   1 
ATOM   871  O O   . PRO B 1 10  ? 2.487   -1.800  -19.136 1.00 40.07 ? 62   PRO B O   1 
ATOM   872  C CB  . PRO B 1 10  ? 0.217   -3.879  -19.593 1.00 41.82 ? 62   PRO B CB  1 
ATOM   873  C CG  . PRO B 1 10  ? 1.356   -4.830  -19.704 1.00 42.04 ? 62   PRO B CG  1 
ATOM   874  C CD  . PRO B 1 10  ? 1.884   -4.652  -21.094 1.00 42.37 ? 62   PRO B CD  1 
ATOM   875  N N   . GLY B 1 11  ? 0.576   -0.609  -19.112 1.00 39.37 ? 63   GLY B N   1 
ATOM   876  C CA  . GLY B 1 11  ? 1.077   0.401   -18.186 1.00 38.05 ? 63   GLY B CA  1 
ATOM   877  C C   . GLY B 1 11  ? 0.254   0.496   -16.912 1.00 37.36 ? 63   GLY B C   1 
ATOM   878  O O   . GLY B 1 11  ? -0.546  -0.393  -16.611 1.00 36.58 ? 63   GLY B O   1 
ATOM   879  N N   . LEU B 1 12  ? 0.449   1.582   -16.168 1.00 36.30 ? 64   LEU B N   1 
ATOM   880  C CA  . LEU B 1 12  ? -0.197  1.762   -14.870 1.00 35.53 ? 64   LEU B CA  1 
ATOM   881  C C   . LEU B 1 12  ? -1.722  1.709   -14.964 1.00 34.91 ? 64   LEU B C   1 
ATOM   882  O O   . LEU B 1 12  ? -2.382  1.105   -14.118 1.00 34.49 ? 64   LEU B O   1 
ATOM   883  C CB  . LEU B 1 12  ? 0.239   3.081   -14.230 1.00 35.40 ? 64   LEU B CB  1 
ATOM   884  C CG  . LEU B 1 12  ? -0.471  3.449   -12.925 1.00 35.80 ? 64   LEU B CG  1 
ATOM   885  C CD1 . LEU B 1 12  ? -0.239  2.380   -11.869 1.00 36.60 ? 64   LEU B CD1 1 
ATOM   886  C CD2 . LEU B 1 12  ? -0.006  4.804   -12.421 1.00 36.42 ? 64   LEU B CD2 1 
ATOM   887  N N   . LYS B 1 13  ? -2.276  2.361   -15.982 1.00 33.73 ? 65   LYS B N   1 
ATOM   888  C CA  . LYS B 1 13  ? -3.720  2.360   -16.193 1.00 33.13 ? 65   LYS B CA  1 
ATOM   889  C C   . LYS B 1 13  ? -4.252  0.940   -16.384 1.00 32.25 ? 65   LYS B C   1 
ATOM   890  O O   . LYS B 1 13  ? -5.264  0.561   -15.793 1.00 32.02 ? 65   LYS B O   1 
ATOM   891  C CB  . LYS B 1 13  ? -4.090  3.233   -17.394 1.00 32.94 ? 65   LYS B CB  1 
ATOM   892  C CG  . LYS B 1 13  ? -5.584  3.492   -17.556 1.00 34.93 ? 65   LYS B CG  1 
ATOM   893  C CD  . LYS B 1 13  ? -5.850  4.416   -18.739 1.00 36.76 ? 65   LYS B CD  1 
ATOM   894  C CE  . LYS B 1 13  ? -7.154  5.179   -18.572 1.00 38.74 ? 65   LYS B CE  1 
ATOM   895  N NZ  . LYS B 1 13  ? -8.342  4.303   -18.755 1.00 40.99 ? 65   LYS B NZ  1 
ATOM   896  N N   . ASP B 1 14  ? -3.561  0.152   -17.202 1.00 31.76 ? 66   ASP B N   1 
ATOM   897  C CA  . ASP B 1 14  ? -3.945  -1.242  -17.422 1.00 31.56 ? 66   ASP B CA  1 
ATOM   898  C C   . ASP B 1 14  ? -3.923  -2.045  -16.117 1.00 31.20 ? 66   ASP B C   1 
ATOM   899  O O   . ASP B 1 14  ? -4.817  -2.850  -15.859 1.00 31.14 ? 66   ASP B O   1 
ATOM   900  C CB  . ASP B 1 14  ? -3.036  -1.899  -18.466 1.00 31.32 ? 66   ASP B CB  1 
ATOM   901  C CG  . ASP B 1 14  ? -2.930  -1.086  -19.755 1.00 32.18 ? 66   ASP B CG  1 
ATOM   902  O OD1 . ASP B 1 14  ? -3.919  -1.027  -20.515 1.00 30.48 ? 66   ASP B OD1 1 
ATOM   903  O OD2 . ASP B 1 14  ? -1.840  -0.538  -20.025 1.00 32.59 ? 66   ASP B OD2 1 
ATOM   904  N N   . LEU B 1 15  ? -2.902  -1.815  -15.295 1.00 31.05 ? 67   LEU B N   1 
ATOM   905  C CA  . LEU B 1 15  ? -2.736  -2.551  -14.045 1.00 31.05 ? 67   LEU B CA  1 
ATOM   906  C C   . LEU B 1 15  ? -3.806  -2.162  -13.031 1.00 31.43 ? 67   LEU B C   1 
ATOM   907  O O   . LEU B 1 15  ? -4.343  -3.018  -12.324 1.00 31.17 ? 67   LEU B O   1 
ATOM   908  C CB  . LEU B 1 15  ? -1.339  -2.306  -13.456 1.00 31.47 ? 67   LEU B CB  1 
ATOM   909  C CG  . LEU B 1 15  ? -0.998  -2.990  -12.129 1.00 31.36 ? 67   LEU B CG  1 
ATOM   910  C CD1 . LEU B 1 15  ? -0.979  -4.508  -12.302 1.00 33.34 ? 67   LEU B CD1 1 
ATOM   911  C CD2 . LEU B 1 15  ? 0.338   -2.495  -11.575 1.00 32.24 ? 67   LEU B CD2 1 
ATOM   912  N N   . ALA B 1 16  ? -4.082  -0.862  -12.941 1.00 31.42 ? 68   ALA B N   1 
ATOM   913  C CA  . ALA B 1 16  ? -5.179  -0.352  -12.121 1.00 31.85 ? 68   ALA B CA  1 
ATOM   914  C C   . ALA B 1 16  ? -6.523  -0.987  -12.470 1.00 31.63 ? 68   ALA B C   1 
ATOM   915  O O   . ALA B 1 16  ? -7.262  -1.408  -11.586 1.00 32.07 ? 68   ALA B O   1 
ATOM   916  C CB  . ALA B 1 16  ? -5.266  1.169   -12.235 1.00 31.86 ? 68   ALA B CB  1 
ATOM   917  N N   . ILE B 1 17  ? -6.850  -1.033  -13.757 1.00 31.65 ? 69   ILE B N   1 
ATOM   918  C CA  . ILE B 1 17  ? -8.111  -1.627  -14.197 1.00 31.52 ? 69   ILE B CA  1 
ATOM   919  C C   . ILE B 1 17  ? -8.162  -3.115  -13.868 1.00 31.59 ? 69   ILE B C   1 
ATOM   920  O O   . ILE B 1 17  ? -9.138  -3.603  -13.296 1.00 31.96 ? 69   ILE B O   1 
ATOM   921  C CB  . ILE B 1 17  ? -8.347  -1.409  -15.710 1.00 31.37 ? 69   ILE B CB  1 
ATOM   922  C CG1 . ILE B 1 17  ? -8.465  0.088   -16.015 1.00 30.85 ? 69   ILE B CG1 1 
ATOM   923  C CG2 . ILE B 1 17  ? -9.602  -2.144  -16.167 1.00 31.55 ? 69   ILE B CG2 1 
ATOM   924  C CD1 . ILE B 1 17  ? -8.589  0.416   -17.498 1.00 31.29 ? 69   ILE B CD1 1 
ATOM   925  N N   . PHE B 1 18  ? -7.072  -3.818  -14.160 1.00 30.60 ? 70   PHE B N   1 
ATOM   926  C CA  . PHE B 1 18  ? -6.985  -5.241  -13.863 1.00 30.31 ? 70   PHE B CA  1 
ATOM   927  C C   . PHE B 1 18  ? -7.208  -5.528  -12.379 1.00 30.55 ? 70   PHE B C   1 
ATOM   928  O O   . PHE B 1 18  ? -7.949  -6.441  -12.021 1.00 29.99 ? 70   PHE B O   1 
ATOM   929  C CB  . PHE B 1 18  ? -5.630  -5.796  -14.309 1.00 29.59 ? 70   PHE B CB  1 
ATOM   930  C CG  . PHE B 1 18  ? -5.313  -7.149  -13.740 1.00 28.44 ? 70   PHE B CG  1 
ATOM   931  C CD1 . PHE B 1 18  ? -5.787  -8.302  -14.348 1.00 27.33 ? 70   PHE B CD1 1 
ATOM   932  C CD2 . PHE B 1 18  ? -4.551  -7.268  -12.589 1.00 27.38 ? 70   PHE B CD2 1 
ATOM   933  C CE1 . PHE B 1 18  ? -5.494  -9.550  -13.826 1.00 24.43 ? 70   PHE B CE1 1 
ATOM   934  C CE2 . PHE B 1 18  ? -4.271  -8.514  -12.049 1.00 25.54 ? 70   PHE B CE2 1 
ATOM   935  C CZ  . PHE B 1 18  ? -4.741  -9.656  -12.673 1.00 24.96 ? 70   PHE B CZ  1 
ATOM   936  N N   . SER B 1 19  ? -6.568  -4.742  -11.515 1.00 30.61 ? 71   SER B N   1 
ATOM   937  C CA  . SER B 1 19  ? -6.626  -4.989  -10.076 1.00 30.76 ? 71   SER B CA  1 
ATOM   938  C C   . SER B 1 19  ? -8.025  -4.724  -9.536  1.00 30.41 ? 71   SER B C   1 
ATOM   939  O O   . SER B 1 19  ? -8.509  -5.448  -8.660  1.00 30.01 ? 71   SER B O   1 
ATOM   940  C CB  . SER B 1 19  ? -5.607  -4.119  -9.330  1.00 30.61 ? 71   SER B CB  1 
ATOM   941  O OG  . SER B 1 19  ? -4.306  -4.273  -9.871  1.00 31.18 ? 71   SER B OG  1 
ATOM   942  N N   . ARG B 1 20  ? -8.650  -3.656  -10.026 1.00 29.88 ? 72   ARG B N   1 
ATOM   943  C CA  . ARG B 1 20  ? -10.013 -3.328  -9.631  1.00 30.19 ? 72   ARG B CA  1 
ATOM   944  C C   . ARG B 1 20  ? -10.970 -4.441  -10.049 1.00 30.75 ? 72   ARG B C   1 
ATOM   945  O O   . ARG B 1 20  ? -11.738 -4.954  -9.229  1.00 30.63 ? 72   ARG B O   1 
ATOM   946  C CB  . ARG B 1 20  ? -10.448 -1.989  -10.235 1.00 29.50 ? 72   ARG B CB  1 
ATOM   947  C CG  . ARG B 1 20  ? -11.891 -1.596  -9.912  1.00 29.30 ? 72   ARG B CG  1 
ATOM   948  C CD  . ARG B 1 20  ? -12.170 -1.662  -8.416  1.00 29.38 ? 72   ARG B CD  1 
ATOM   949  N NE  . ARG B 1 20  ? -11.476 -0.603  -7.685  1.00 28.84 ? 72   ARG B NE  1 
ATOM   950  C CZ  . ARG B 1 20  ? -11.217 -0.637  -6.380  1.00 27.89 ? 72   ARG B CZ  1 
ATOM   951  N NH1 . ARG B 1 20  ? -10.560 0.364   -5.802  1.00 26.64 ? 72   ARG B NH1 1 
ATOM   952  N NH2 . ARG B 1 20  ? -11.601 -1.675  -5.654  1.00 26.30 ? 72   ARG B NH2 1 
ATOM   953  N N   . GLN B 1 21  ? -10.894 -4.838  -11.315 1.00 30.61 ? 73   GLN B N   1 
ATOM   954  C CA  . GLN B 1 21  ? -11.741 -5.919  -11.819 1.00 31.66 ? 73   GLN B CA  1 
ATOM   955  C C   . GLN B 1 21  ? -11.579 -7.192  -10.991 1.00 30.60 ? 73   GLN B C   1 
ATOM   956  O O   . GLN B 1 21  ? -12.563 -7.776  -10.540 1.00 30.55 ? 73   GLN B O   1 
ATOM   957  C CB  . GLN B 1 21  ? -11.449 -6.195  -13.294 1.00 31.97 ? 73   GLN B CB  1 
ATOM   958  C CG  . GLN B 1 21  ? -11.890 -5.078  -14.228 1.00 36.29 ? 73   GLN B CG  1 
ATOM   959  C CD  . GLN B 1 21  ? -11.381 -5.277  -15.649 1.00 41.76 ? 73   GLN B CD  1 
ATOM   960  O OE1 . GLN B 1 21  ? -10.347 -5.908  -15.869 1.00 44.56 ? 73   GLN B OE1 1 
ATOM   961  N NE2 . GLN B 1 21  ? -12.102 -4.723  -16.618 1.00 43.60 ? 73   GLN B NE2 1 
ATOM   962  N N   . LEU B 1 22  ? -10.333 -7.593  -10.754 1.00 29.97 ? 74   LEU B N   1 
ATOM   963  C CA  . LEU B 1 22  ? -10.051 -8.778  -9.951  1.00 29.45 ? 74   LEU B CA  1 
ATOM   964  C C   . LEU B 1 22  ? -10.586 -8.648  -8.519  1.00 29.14 ? 74   LEU B C   1 
ATOM   965  O O   . LEU B 1 22  ? -11.205 -9.573  -7.994  1.00 28.28 ? 74   LEU B O   1 
ATOM   966  C CB  . LEU B 1 22  ? -8.546  -9.057  -9.929  1.00 30.09 ? 74   LEU B CB  1 
ATOM   967  C CG  . LEU B 1 22  ? -8.063  -10.255 -9.112  1.00 30.86 ? 74   LEU B CG  1 
ATOM   968  C CD1 . LEU B 1 22  ? -8.735  -11.537 -9.586  1.00 28.43 ? 74   LEU B CD1 1 
ATOM   969  C CD2 . LEU B 1 22  ? -6.540  -10.381 -9.193  1.00 30.24 ? 74   LEU B CD2 1 
ATOM   970  N N   . ALA B 1 23  ? -10.319 -7.511  -7.880  1.00 29.13 ? 75   ALA B N   1 
ATOM   971  C CA  . ALA B 1 23  ? -10.869 -7.237  -6.560  1.00 28.93 ? 75   ALA B CA  1 
ATOM   972  C C   . ALA B 1 23  ? -12.374 -7.449  -6.565  1.00 29.11 ? 75   ALA B C   1 
ATOM   973  O O   . ALA B 1 23  ? -12.923 -8.088  -5.674  1.00 29.72 ? 75   ALA B O   1 
ATOM   974  C CB  . ALA B 1 23  ? -10.536 -5.803  -6.120  1.00 29.47 ? 75   ALA B CB  1 
ATOM   975  N N   . THR B 1 24  ? -13.041 -6.876  -7.560  1.00 29.81 ? 76   THR B N   1 
ATOM   976  C CA  . THR B 1 24  ? -14.491 -6.920  -7.629  1.00 30.14 ? 76   THR B CA  1 
ATOM   977  C C   . THR B 1 24  ? -14.982 -8.356  -7.782  1.00 29.65 ? 76   THR B C   1 
ATOM   978  O O   . THR B 1 24  ? -15.920 -8.777  -7.103  1.00 29.23 ? 76   THR B O   1 
ATOM   979  C CB  . THR B 1 24  ? -15.020 -6.061  -8.788  1.00 30.53 ? 76   THR B CB  1 
ATOM   980  O OG1 . THR B 1 24  ? -14.780 -4.679  -8.499  1.00 32.06 ? 76   THR B OG1 1 
ATOM   981  C CG2 . THR B 1 24  ? -16.523 -6.281  -8.988  1.00 30.59 ? 76   THR B CG2 1 
ATOM   982  N N   . MET B 1 25  ? -14.327 -9.111  -8.656  1.00 29.37 ? 77   MET B N   1 
ATOM   983  C CA  . MET B 1 25  ? -14.729 -10.492 -8.918  1.00 29.71 ? 77   MET B CA  1 
ATOM   984  C C   . MET B 1 25  ? -14.538 -11.365 -7.682  1.00 29.42 ? 77   MET B C   1 
ATOM   985  O O   . MET B 1 25  ? -15.413 -12.154 -7.331  1.00 29.50 ? 77   MET B O   1 
ATOM   986  C CB  . MET B 1 25  ? -13.954 -11.063 -10.107 1.00 30.06 ? 77   MET B CB  1 
ATOM   987  C CG  . MET B 1 25  ? -14.331 -10.433 -11.440 1.00 34.19 ? 77   MET B CG  1 
ATOM   988  S SD  . MET B 1 25  ? -13.408 -11.083 -12.853 1.00 39.76 ? 77   MET B SD  1 
ATOM   989  C CE  . MET B 1 25  ? -14.681 -12.068 -13.635 1.00 42.17 ? 77   MET B CE  1 
ATOM   990  N N   . LEU B 1 26  ? -13.403 -11.203 -7.010  1.00 29.82 ? 78   LEU B N   1 
ATOM   991  C CA  . LEU B 1 26  ? -13.141 -11.923 -5.765  1.00 29.97 ? 78   LEU B CA  1 
ATOM   992  C C   . LEU B 1 26  ? -14.158 -11.550 -4.690  1.00 30.13 ? 78   LEU B C   1 
ATOM   993  O O   . LEU B 1 26  ? -14.733 -12.422 -4.046  1.00 29.74 ? 78   LEU B O   1 
ATOM   994  C CB  . LEU B 1 26  ? -11.718 -11.649 -5.264  1.00 30.66 ? 78   LEU B CB  1 
ATOM   995  C CG  . LEU B 1 26  ? -10.571 -12.178 -6.132  1.00 30.07 ? 78   LEU B CG  1 
ATOM   996  C CD1 . LEU B 1 26  ? -9.226  -11.778 -5.553  1.00 32.62 ? 78   LEU B CD1 1 
ATOM   997  C CD2 . LEU B 1 26  ? -10.660 -13.690 -6.283  1.00 32.09 ? 78   LEU B CD2 1 
ATOM   998  N N   . GLY B 1 27  ? -14.398 -10.251 -4.525  1.00 29.79 ? 79   GLY B N   1 
ATOM   999  C CA  . GLY B 1 27  ? -15.386 -9.776  -3.568  1.00 29.98 ? 79   GLY B CA  1 
ATOM   1000 C C   . GLY B 1 27  ? -16.791 -10.294 -3.826  1.00 30.19 ? 79   GLY B C   1 
ATOM   1001 O O   . GLY B 1 27  ? -17.573 -10.477 -2.890  1.00 29.81 ? 79   GLY B O   1 
ATOM   1002 N N   . ALA B 1 28  ? -17.134 -10.477 -5.099  1.00 30.12 ? 80   ALA B N   1 
ATOM   1003 C CA  . ALA B 1 28  ? -18.449 -10.989 -5.476  1.00 30.01 ? 80   ALA B CA  1 
ATOM   1004 C C   . ALA B 1 28  ? -18.592 -12.494 -5.244  1.00 30.16 ? 80   ALA B C   1 
ATOM   1005 O O   . ALA B 1 28  ? -19.708 -13.025 -5.208  1.00 30.40 ? 80   ALA B O   1 
ATOM   1006 C CB  . ALA B 1 28  ? -18.761 -10.644 -6.930  1.00 29.95 ? 80   ALA B CB  1 
ATOM   1007 N N   . GLY B 1 29  ? -17.463 -13.184 -5.138  1.00 30.71 ? 81   GLY B N   1 
ATOM   1008 C CA  . GLY B 1 29  ? -17.464 -14.605 -4.799  1.00 30.80 ? 81   GLY B CA  1 
ATOM   1009 C C   . GLY B 1 29  ? -16.942 -15.542 -5.873  1.00 30.66 ? 81   GLY B C   1 
ATOM   1010 O O   . GLY B 1 29  ? -17.052 -16.759 -5.740  1.00 31.48 ? 81   GLY B O   1 
ATOM   1011 N N   . LEU B 1 30  ? -16.372 -14.994 -6.941  1.00 30.64 ? 82   LEU B N   1 
ATOM   1012 C CA  . LEU B 1 30  ? -15.671 -15.824 -7.916  1.00 30.63 ? 82   LEU B CA  1 
ATOM   1013 C C   . LEU B 1 30  ? -14.307 -16.240 -7.367  1.00 30.52 ? 82   LEU B C   1 
ATOM   1014 O O   . LEU B 1 30  ? -13.644 -15.456 -6.691  1.00 29.93 ? 82   LEU B O   1 
ATOM   1015 C CB  . LEU B 1 30  ? -15.497 -15.076 -9.242  1.00 31.13 ? 82   LEU B CB  1 
ATOM   1016 C CG  . LEU B 1 30  ? -16.754 -14.869 -10.095 1.00 33.19 ? 82   LEU B CG  1 
ATOM   1017 C CD1 . LEU B 1 30  ? -17.840 -14.200 -9.276  1.00 35.94 ? 82   LEU B CD1 1 
ATOM   1018 C CD2 . LEU B 1 30  ? -16.435 -14.050 -11.335 1.00 32.88 ? 82   LEU B CD2 1 
ATOM   1019 N N   . THR B 1 31  ? -13.889 -17.467 -7.661  1.00 29.72 ? 83   THR B N   1 
ATOM   1020 C CA  . THR B 1 31  ? -12.583 -17.932 -7.225  1.00 30.33 ? 83   THR B CA  1 
ATOM   1021 C C   . THR B 1 31  ? -11.495 -17.250 -8.040  1.00 30.16 ? 83   THR B C   1 
ATOM   1022 O O   . THR B 1 31  ? -11.774 -16.650 -9.083  1.00 29.98 ? 83   THR B O   1 
ATOM   1023 C CB  . THR B 1 31  ? -12.427 -19.461 -7.377  1.00 30.61 ? 83   THR B CB  1 
ATOM   1024 O OG1 . THR B 1 31  ? -12.357 -19.802 -8.767  1.00 31.41 ? 83   THR B OG1 1 
ATOM   1025 C CG2 . THR B 1 31  ? -13.591 -20.189 -6.727  1.00 30.44 ? 83   THR B CG2 1 
ATOM   1026 N N   . LEU B 1 32  ? -10.263 -17.331 -7.550  1.00 30.08 ? 84   LEU B N   1 
ATOM   1027 C CA  . LEU B 1 32  ? -9.112  -16.777 -8.259  1.00 30.05 ? 84   LEU B CA  1 
ATOM   1028 C C   . LEU B 1 32  ? -9.027  -17.235 -9.714  1.00 29.71 ? 84   LEU B C   1 
ATOM   1029 O O   . LEU B 1 32  ? -8.855  -16.419 -10.614 1.00 31.60 ? 84   LEU B O   1 
ATOM   1030 C CB  . LEU B 1 32  ? -7.814  -17.122 -7.520  1.00 30.49 ? 84   LEU B CB  1 
ATOM   1031 C CG  . LEU B 1 32  ? -6.513  -16.619 -8.148  1.00 29.65 ? 84   LEU B CG  1 
ATOM   1032 C CD1 . LEU B 1 32  ? -6.559  -15.109 -8.324  1.00 29.79 ? 84   LEU B CD1 1 
ATOM   1033 C CD2 . LEU B 1 32  ? -5.309  -17.025 -7.300  1.00 29.39 ? 84   LEU B CD2 1 
ATOM   1034 N N   . LEU B 1 33  ? -9.068  -18.543 -9.948  1.00 29.46 ? 85   LEU B N   1 
ATOM   1035 C CA  . LEU B 1 33  ? -8.853  -19.054 -11.302 1.00 29.37 ? 85   LEU B CA  1 
ATOM   1036 C C   . LEU B 1 33  ? -10.020 -18.720 -12.233 1.00 29.53 ? 85   LEU B C   1 
ATOM   1037 O O   . LEU B 1 33  ? -9.820  -18.355 -13.395 1.00 29.16 ? 85   LEU B O   1 
ATOM   1038 C CB  . LEU B 1 33  ? -8.565  -20.560 -11.291 1.00 29.54 ? 85   LEU B CB  1 
ATOM   1039 C CG  . LEU B 1 33  ? -7.100  -20.945 -11.050 1.00 29.87 ? 85   LEU B CG  1 
ATOM   1040 C CD1 . LEU B 1 33  ? -6.947  -22.452 -10.913 1.00 31.52 ? 85   LEU B CD1 1 
ATOM   1041 C CD2 . LEU B 1 33  ? -6.212  -20.421 -12.176 1.00 29.21 ? 85   LEU B CD2 1 
ATOM   1042 N N   . GLN B 1 34  ? -11.235 -18.788 -11.700 1.00 29.93 ? 86   GLN B N   1 
ATOM   1043 C CA  . GLN B 1 34  ? -12.404 -18.281 -12.405 1.00 31.27 ? 86   GLN B CA  1 
ATOM   1044 C C   . GLN B 1 34  ? -12.164 -16.866 -12.900 1.00 30.74 ? 86   GLN B C   1 
ATOM   1045 O O   . GLN B 1 34  ? -12.409 -16.557 -14.067 1.00 31.28 ? 86   GLN B O   1 
ATOM   1046 C CB  . GLN B 1 34  ? -13.628 -18.296 -11.488 1.00 31.81 ? 86   GLN B CB  1 
ATOM   1047 C CG  . GLN B 1 34  ? -14.154 -19.692 -11.184 1.00 33.88 ? 86   GLN B CG  1 
ATOM   1048 C CD  . GLN B 1 34  ? -15.428 -19.661 -10.360 1.00 36.94 ? 86   GLN B CD  1 
ATOM   1049 O OE1 . GLN B 1 34  ? -15.606 -18.797 -9.499  1.00 36.93 ? 86   GLN B OE1 1 
ATOM   1050 N NE2 . GLN B 1 34  ? -16.335 -20.593 -10.636 1.00 37.50 ? 86   GLN B NE2 1 
ATOM   1051 N N   . ALA B 1 35  ? -11.683 -16.009 -12.004 1.00 29.98 ? 87   ALA B N   1 
ATOM   1052 C CA  . ALA B 1 35  ? -11.514 -14.593 -12.311 1.00 29.11 ? 87   ALA B CA  1 
ATOM   1053 C C   . ALA B 1 35  ? -10.378 -14.378 -13.309 1.00 29.27 ? 87   ALA B C   1 
ATOM   1054 O O   . ALA B 1 35  ? -10.491 -13.564 -14.226 1.00 28.49 ? 87   ALA B O   1 
ATOM   1055 C CB  . ALA B 1 35  ? -11.258 -13.797 -11.025 1.00 28.30 ? 87   ALA B CB  1 
ATOM   1056 N N   . LEU B 1 36  ? -9.278  -15.104 -13.127 1.00 29.25 ? 88   LEU B N   1 
ATOM   1057 C CA  . LEU B 1 36  ? -8.133  -14.972 -14.030 1.00 29.57 ? 88   LEU B CA  1 
ATOM   1058 C C   . LEU B 1 36  ? -8.472  -15.424 -15.455 1.00 29.73 ? 88   LEU B C   1 
ATOM   1059 O O   . LEU B 1 36  ? -7.999  -14.840 -16.426 1.00 30.90 ? 88   LEU B O   1 
ATOM   1060 C CB  . LEU B 1 36  ? -6.913  -15.735 -13.490 1.00 28.07 ? 88   LEU B CB  1 
ATOM   1061 C CG  . LEU B 1 36  ? -6.262  -15.180 -12.216 1.00 30.02 ? 88   LEU B CG  1 
ATOM   1062 C CD1 . LEU B 1 36  ? -5.042  -16.001 -11.797 1.00 28.92 ? 88   LEU B CD1 1 
ATOM   1063 C CD2 . LEU B 1 36  ? -5.890  -13.708 -12.382 1.00 32.47 ? 88   LEU B CD2 1 
ATOM   1064 N N   . ALA B 1 37  ? -9.277  -16.472 -15.578 1.00 30.44 ? 89   ALA B N   1 
ATOM   1065 C CA  . ALA B 1 37  ? -9.663  -16.967 -16.897 1.00 31.58 ? 89   ALA B CA  1 
ATOM   1066 C C   . ALA B 1 37  ? -10.466 -15.913 -17.655 1.00 32.06 ? 89   ALA B C   1 
ATOM   1067 O O   . ALA B 1 37  ? -10.308 -15.746 -18.864 1.00 32.44 ? 89   ALA B O   1 
ATOM   1068 C CB  . ALA B 1 37  ? -10.456 -18.264 -16.773 1.00 31.35 ? 89   ALA B CB  1 
ATOM   1069 N N   . ILE B 1 38  ? -11.303 -15.177 -16.931 1.00 32.22 ? 90   ILE B N   1 
ATOM   1070 C CA  . ILE B 1 38  ? -12.085 -14.109 -17.534 1.00 32.19 ? 90   ILE B CA  1 
ATOM   1071 C C   . ILE B 1 38  ? -11.176 -12.962 -17.962 1.00 32.53 ? 90   ILE B C   1 
ATOM   1072 O O   . ILE B 1 38  ? -11.267 -12.469 -19.088 1.00 31.88 ? 90   ILE B O   1 
ATOM   1073 C CB  . ILE B 1 38  ? -13.168 -13.587 -16.565 1.00 31.90 ? 90   ILE B CB  1 
ATOM   1074 C CG1 . ILE B 1 38  ? -14.298 -14.609 -16.431 1.00 30.78 ? 90   ILE B CG1 1 
ATOM   1075 C CG2 . ILE B 1 38  ? -13.704 -12.244 -17.037 1.00 32.55 ? 90   ILE B CG2 1 
ATOM   1076 C CD1 . ILE B 1 38  ? -15.156 -14.423 -15.195 1.00 29.78 ? 90   ILE B CD1 1 
ATOM   1077 N N   . LEU B 1 39  ? -10.272 -12.565 -17.072 1.00 32.79 ? 91   LEU B N   1 
ATOM   1078 C CA  . LEU B 1 39  ? -9.484  -11.364 -17.294 1.00 33.58 ? 91   LEU B CA  1 
ATOM   1079 C C   . LEU B 1 39  ? -8.430  -11.547 -18.382 1.00 33.16 ? 91   LEU B C   1 
ATOM   1080 O O   . LEU B 1 39  ? -8.062  -10.590 -19.061 1.00 31.73 ? 91   LEU B O   1 
ATOM   1081 C CB  . LEU B 1 39  ? -8.863  -10.870 -15.984 1.00 33.81 ? 91   LEU B CB  1 
ATOM   1082 C CG  . LEU B 1 39  ? -9.866  -10.181 -15.056 1.00 34.50 ? 91   LEU B CG  1 
ATOM   1083 C CD1 . LEU B 1 39  ? -9.326  -10.056 -13.642 1.00 35.57 ? 91   LEU B CD1 1 
ATOM   1084 C CD2 . LEU B 1 39  ? -10.272 -8.817  -15.607 1.00 35.12 ? 91   LEU B CD2 1 
ATOM   1085 N N   . GLU B 1 40  ? -7.991  -12.784 -18.593 1.00 33.65 ? 92   GLU B N   1 
ATOM   1086 C CA  . GLU B 1 40  ? -7.063  -13.058 -19.686 1.00 34.27 ? 92   GLU B CA  1 
ATOM   1087 C C   . GLU B 1 40  ? -7.730  -12.864 -21.049 1.00 34.67 ? 92   GLU B C   1 
ATOM   1088 O O   . GLU B 1 40  ? -7.053  -12.660 -22.059 1.00 35.16 ? 92   GLU B O   1 
ATOM   1089 C CB  . GLU B 1 40  ? -6.455  -14.461 -19.564 1.00 34.58 ? 92   GLU B CB  1 
ATOM   1090 C CG  . GLU B 1 40  ? -7.192  -15.543 -20.345 1.00 36.58 ? 92   GLU B CG  1 
ATOM   1091 C CD  . GLU B 1 40  ? -6.659  -16.940 -20.051 1.00 39.72 ? 92   GLU B CD  1 
ATOM   1092 O OE1 . GLU B 1 40  ? -5.923  -17.098 -19.059 1.00 41.47 ? 92   GLU B OE1 1 
ATOM   1093 O OE2 . GLU B 1 40  ? -6.993  -17.885 -20.797 1.00 39.49 ? 92   GLU B OE2 1 
ATOM   1094 N N   . ARG B 1 41  ? -9.060  -12.878 -21.068 1.00 34.98 ? 93   ARG B N   1 
ATOM   1095 C CA  . ARG B 1 41  ? -9.809  -12.713 -22.314 1.00 36.74 ? 93   ARG B CA  1 
ATOM   1096 C C   . ARG B 1 41  ? -10.322 -11.281 -22.470 1.00 37.04 ? 93   ARG B C   1 
ATOM   1097 O O   . ARG B 1 41  ? -10.328 -10.730 -23.569 1.00 36.85 ? 93   ARG B O   1 
ATOM   1098 C CB  . ARG B 1 41  ? -10.990 -13.685 -22.363 1.00 36.64 ? 93   ARG B CB  1 
ATOM   1099 C CG  . ARG B 1 41  ? -10.612 -15.126 -22.672 1.00 40.38 ? 93   ARG B CG  1 
ATOM   1100 C CD  . ARG B 1 41  ? -11.696 -16.083 -22.187 1.00 45.56 ? 93   ARG B CD  1 
ATOM   1101 N NE  . ARG B 1 41  ? -12.954 -15.384 -21.931 1.00 47.85 ? 93   ARG B NE  1 
ATOM   1102 C CZ  . ARG B 1 41  ? -13.793 -15.691 -20.946 1.00 48.62 ? 93   ARG B CZ  1 
ATOM   1103 N NH1 . ARG B 1 41  ? -13.515 -16.697 -20.127 1.00 48.77 ? 93   ARG B NH1 1 
ATOM   1104 N NH2 . ARG B 1 41  ? -14.909 -14.992 -20.780 1.00 47.24 ? 93   ARG B NH2 1 
ATOM   1105 N N   . GLN B 1 42  ? -10.749 -10.685 -21.361 1.00 37.19 ? 94   GLN B N   1 
ATOM   1106 C CA  . GLN B 1 42  ? -11.446 -9.406  -21.393 1.00 37.99 ? 94   GLN B CA  1 
ATOM   1107 C C   . GLN B 1 42  ? -10.486 -8.226  -21.345 1.00 37.72 ? 94   GLN B C   1 
ATOM   1108 O O   . GLN B 1 42  ? -10.814 -7.124  -21.780 1.00 37.69 ? 94   GLN B O   1 
ATOM   1109 C CB  . GLN B 1 42  ? -12.430 -9.318  -20.234 1.00 38.58 ? 94   GLN B CB  1 
ATOM   1110 C CG  . GLN B 1 42  ? -13.661 -10.177 -20.422 1.00 41.30 ? 94   GLN B CG  1 
ATOM   1111 C CD  . GLN B 1 42  ? -14.815 -9.701  -19.572 1.00 45.57 ? 94   GLN B CD  1 
ATOM   1112 O OE1 . GLN B 1 42  ? -14.640 -9.376  -18.396 1.00 51.04 ? 94   GLN B OE1 1 
ATOM   1113 N NE2 . GLN B 1 42  ? -15.998 -9.634  -20.166 1.00 43.92 ? 94   GLN B NE2 1 
ATOM   1114 N N   . THR B 1 43  ? -9.293  -8.465  -20.818 1.00 37.54 ? 95   THR B N   1 
ATOM   1115 C CA  . THR B 1 43  ? -8.298  -7.416  -20.693 1.00 37.02 ? 95   THR B CA  1 
ATOM   1116 C C   . THR B 1 43  ? -8.013  -6.751  -22.040 1.00 38.01 ? 95   THR B C   1 
ATOM   1117 O O   . THR B 1 43  ? -7.876  -7.423  -23.065 1.00 37.39 ? 95   THR B O   1 
ATOM   1118 C CB  . THR B 1 43  ? -7.011  -7.960  -20.062 1.00 36.91 ? 95   THR B CB  1 
ATOM   1119 O OG1 . THR B 1 43  ? -7.265  -8.274  -18.688 1.00 35.08 ? 95   THR B OG1 1 
ATOM   1120 C CG2 . THR B 1 43  ? -5.891  -6.947  -20.158 1.00 34.86 ? 95   THR B CG2 1 
ATOM   1121 N N   . GLU B 1 44  ? -7.980  -5.423  -22.036 1.00 38.23 ? 96   GLU B N   1 
ATOM   1122 C CA  . GLU B 1 44  ? -7.921  -4.656  -23.271 1.00 39.23 ? 96   GLU B CA  1 
ATOM   1123 C C   . GLU B 1 44  ? -6.575  -4.801  -23.974 1.00 38.91 ? 96   GLU B C   1 
ATOM   1124 O O   . GLU B 1 44  ? -6.519  -5.034  -25.180 1.00 39.18 ? 96   GLU B O   1 
ATOM   1125 C CB  . GLU B 1 44  ? -8.211  -3.181  -22.995 1.00 39.56 ? 96   GLU B CB  1 
ATOM   1126 C CG  . GLU B 1 44  ? -8.309  -2.330  -24.246 1.00 42.82 ? 96   GLU B CG  1 
ATOM   1127 C CD  . GLU B 1 44  ? -8.502  -0.858  -23.931 1.00 47.04 ? 96   GLU B CD  1 
ATOM   1128 O OE1 . GLU B 1 44  ? -7.553  -0.229  -23.415 1.00 48.68 ? 96   GLU B OE1 1 
ATOM   1129 O OE2 . GLU B 1 44  ? -9.602  -0.331  -24.206 1.00 48.62 ? 96   GLU B OE2 1 
ATOM   1130 N N   . ASN B 1 45  ? -5.494  -4.625  -23.223 1.00 38.61 ? 97   ASN B N   1 
ATOM   1131 C CA  . ASN B 1 45  ? -4.154  -4.636  -23.801 1.00 38.77 ? 97   ASN B CA  1 
ATOM   1132 C C   . ASN B 1 45  ? -3.724  -6.040  -24.209 1.00 38.98 ? 97   ASN B C   1 
ATOM   1133 O O   . ASN B 1 45  ? -3.753  -6.964  -23.400 1.00 38.40 ? 97   ASN B O   1 
ATOM   1134 C CB  . ASN B 1 45  ? -3.143  -4.047  -22.816 1.00 38.25 ? 97   ASN B CB  1 
ATOM   1135 C CG  . ASN B 1 45  ? -1.761  -3.900  -23.422 1.00 38.65 ? 97   ASN B CG  1 
ATOM   1136 O OD1 . ASN B 1 45  ? -1.479  -2.931  -24.128 1.00 38.90 ? 97   ASN B OD1 1 
ATOM   1137 N ND2 . ASN B 1 45  ? -0.891  -4.864  -23.148 1.00 37.94 ? 97   ASN B ND2 1 
ATOM   1138 N N   . ARG B 1 46  ? -3.287  -6.188  -25.456 1.00 39.52 ? 98   ARG B N   1 
ATOM   1139 C CA  . ARG B 1 46  ? -3.026  -7.510  -26.023 1.00 39.85 ? 98   ARG B CA  1 
ATOM   1140 C C   . ARG B 1 46  ? -1.837  -8.212  -25.366 1.00 39.63 ? 98   ARG B C   1 
ATOM   1141 O O   . ARG B 1 46  ? -1.874  -9.423  -25.133 1.00 39.70 ? 98   ARG B O   1 
ATOM   1142 C CB  . ARG B 1 46  ? -2.814  -7.421  -27.534 1.00 40.35 ? 98   ARG B CB  1 
ATOM   1143 C CG  . ARG B 1 46  ? -2.698  -8.771  -28.224 1.00 41.92 ? 98   ARG B CG  1 
ATOM   1144 C CD  . ARG B 1 46  ? -1.644  -8.729  -29.317 1.00 46.24 ? 98   ARG B CD  1 
ATOM   1145 N NE  . ARG B 1 46  ? -2.055  -9.464  -30.508 1.00 49.42 ? 98   ARG B NE  1 
ATOM   1146 C CZ  . ARG B 1 46  ? -2.810  -8.954  -31.476 1.00 51.31 ? 98   ARG B CZ  1 
ATOM   1147 N NH1 . ARG B 1 46  ? -3.255  -7.707  -31.385 1.00 52.05 ? 98   ARG B NH1 1 
ATOM   1148 N NH2 . ARG B 1 46  ? -3.128  -9.691  -32.533 1.00 51.58 ? 98   ARG B NH2 1 
ATOM   1149 N N   . LYS B 1 47  ? -0.779  -7.458  -25.084 1.00 38.84 ? 99   LYS B N   1 
ATOM   1150 C CA  . LYS B 1 47  ? 0.385   -8.021  -24.404 1.00 38.07 ? 99   LYS B CA  1 
ATOM   1151 C C   . LYS B 1 47  ? 0.048   -8.386  -22.957 1.00 37.50 ? 99   LYS B C   1 
ATOM   1152 O O   . LYS B 1 47  ? 0.583   -9.350  -22.406 1.00 36.90 ? 99   LYS B O   1 
ATOM   1153 C CB  . LYS B 1 47  ? 1.564   -7.049  -24.448 1.00 38.23 ? 99   LYS B CB  1 
ATOM   1154 C CG  . LYS B 1 47  ? 2.105   -6.798  -25.846 1.00 38.82 ? 99   LYS B CG  1 
ATOM   1155 C CD  . LYS B 1 47  ? 3.326   -5.895  -25.805 1.00 40.87 ? 99   LYS B CD  1 
ATOM   1156 C CE  . LYS B 1 47  ? 3.694   -5.398  -27.193 1.00 41.20 ? 99   LYS B CE  1 
ATOM   1157 N NZ  . LYS B 1 47  ? 3.914   -6.529  -28.137 1.00 41.43 ? 99   LYS B NZ  1 
ATOM   1158 N N   . PHE B 1 48  ? -0.871  -7.633  -22.360 1.00 36.82 ? 100  PHE B N   1 
ATOM   1159 C CA  . PHE B 1 48  ? -1.329  -7.924  -21.004 1.00 36.16 ? 100  PHE B CA  1 
ATOM   1160 C C   . PHE B 1 48  ? -2.182  -9.199  -20.967 1.00 35.71 ? 100  PHE B C   1 
ATOM   1161 O O   . PHE B 1 48  ? -2.079  -9.988  -20.029 1.00 36.11 ? 100  PHE B O   1 
ATOM   1162 C CB  . PHE B 1 48  ? -2.098  -6.727  -20.429 1.00 35.81 ? 100  PHE B CB  1 
ATOM   1163 C CG  . PHE B 1 48  ? -2.127  -6.680  -18.924 1.00 33.94 ? 100  PHE B CG  1 
ATOM   1164 C CD1 . PHE B 1 48  ? -1.265  -7.461  -18.173 1.00 33.76 ? 100  PHE B CD1 1 
ATOM   1165 C CD2 . PHE B 1 48  ? -2.992  -5.821  -18.264 1.00 32.29 ? 100  PHE B CD2 1 
ATOM   1166 C CE1 . PHE B 1 48  ? -1.287  -7.411  -16.787 1.00 30.99 ? 100  PHE B CE1 1 
ATOM   1167 C CE2 . PHE B 1 48  ? -3.016  -5.761  -16.881 1.00 30.76 ? 100  PHE B CE2 1 
ATOM   1168 C CZ  . PHE B 1 48  ? -2.173  -6.568  -16.142 1.00 31.98 ? 100  PHE B CZ  1 
ATOM   1169 N N   . ARG B 1 49  ? -3.000  -9.406  -21.995 1.00 34.45 ? 101  ARG B N   1 
ATOM   1170 C CA  . ARG B 1 49  ? -3.702  -10.677 -22.164 1.00 34.16 ? 101  ARG B CA  1 
ATOM   1171 C C   . ARG B 1 49  ? -2.713  -11.841 -22.232 1.00 33.55 ? 101  ARG B C   1 
ATOM   1172 O O   . ARG B 1 49  ? -2.941  -12.891 -21.638 1.00 33.53 ? 101  ARG B O   1 
ATOM   1173 C CB  . ARG B 1 49  ? -4.587  -10.665 -23.418 1.00 33.61 ? 101  ARG B CB  1 
ATOM   1174 C CG  . ARG B 1 49  ? -5.804  -9.750  -23.325 1.00 34.49 ? 101  ARG B CG  1 
ATOM   1175 C CD  . ARG B 1 49  ? -6.894  -10.142 -24.319 1.00 36.55 ? 101  ARG B CD  1 
ATOM   1176 N NE  . ARG B 1 49  ? -6.448  -10.043 -25.708 1.00 36.45 ? 101  ARG B NE  1 
ATOM   1177 C CZ  . ARG B 1 49  ? -6.302  -8.900  -26.372 1.00 37.49 ? 101  ARG B CZ  1 
ATOM   1178 N NH1 . ARG B 1 49  ? -6.551  -7.742  -25.775 1.00 39.09 ? 101  ARG B NH1 1 
ATOM   1179 N NH2 . ARG B 1 49  ? -5.885  -8.913  -27.631 1.00 37.60 ? 101  ARG B NH2 1 
ATOM   1180 N N   . GLU B 1 50  ? -1.614  -11.643 -22.954 1.00 33.35 ? 102  GLU B N   1 
ATOM   1181 C CA  . GLU B 1 50  ? -0.548  -12.635 -23.020 1.00 33.60 ? 102  GLU B CA  1 
ATOM   1182 C C   . GLU B 1 50  ? 0.091   -12.889 -21.658 1.00 33.72 ? 102  GLU B C   1 
ATOM   1183 O O   . GLU B 1 50  ? 0.344   -14.033 -21.285 1.00 33.86 ? 102  GLU B O   1 
ATOM   1184 C CB  . GLU B 1 50  ? 0.512   -12.213 -24.038 1.00 33.36 ? 102  GLU B CB  1 
ATOM   1185 N N   . ILE B 1 51  ? 0.382   -11.817 -20.929 1.00 33.80 ? 103  ILE B N   1 
ATOM   1186 C CA  . ILE B 1 51  ? 0.906   -11.954 -19.577 1.00 33.82 ? 103  ILE B CA  1 
ATOM   1187 C C   . ILE B 1 51  ? -0.065  -12.741 -18.697 1.00 33.66 ? 103  ILE B C   1 
ATOM   1188 O O   . ILE B 1 51  ? 0.337   -13.656 -17.979 1.00 34.77 ? 103  ILE B O   1 
ATOM   1189 C CB  . ILE B 1 51  ? 1.181   -10.578 -18.932 1.00 33.42 ? 103  ILE B CB  1 
ATOM   1190 C CG1 . ILE B 1 51  ? 2.307   -9.860  -19.673 1.00 34.50 ? 103  ILE B CG1 1 
ATOM   1191 C CG2 . ILE B 1 51  ? 1.506   -10.736 -17.451 1.00 31.39 ? 103  ILE B CG2 1 
ATOM   1192 C CD1 . ILE B 1 51  ? 3.360   -10.793 -20.204 1.00 39.30 ? 103  ILE B CD1 1 
ATOM   1193 N N   . LEU B 1 52  ? -1.343  -12.379 -18.750 1.00 33.09 ? 104  LEU B N   1 
ATOM   1194 C CA  . LEU B 1 52  ? -2.342  -12.966 -17.850 1.00 32.55 ? 104  LEU B CA  1 
ATOM   1195 C C   . LEU B 1 52  ? -2.628  -14.437 -18.159 1.00 32.65 ? 104  LEU B C   1 
ATOM   1196 O O   . LEU B 1 52  ? -2.938  -15.215 -17.258 1.00 32.84 ? 104  LEU B O   1 
ATOM   1197 C CB  . LEU B 1 52  ? -3.642  -12.155 -17.887 1.00 31.74 ? 104  LEU B CB  1 
ATOM   1198 C CG  . LEU B 1 52  ? -3.545  -10.748 -17.291 1.00 31.37 ? 104  LEU B CG  1 
ATOM   1199 C CD1 . LEU B 1 52  ? -4.882  -10.030 -17.391 1.00 31.05 ? 104  LEU B CD1 1 
ATOM   1200 C CD2 . LEU B 1 52  ? -3.069  -10.811 -15.849 1.00 30.74 ? 104  LEU B CD2 1 
ATOM   1201 N N   . LYS B 1 53  ? -2.562  -14.804 -19.434 1.00 32.99 ? 105  LYS B N   1 
ATOM   1202 C CA  . LYS B 1 53  ? -2.721  -16.204 -19.839 1.00 34.08 ? 105  LYS B CA  1 
ATOM   1203 C C   . LYS B 1 53  ? -1.620  -17.082 -19.241 1.00 33.63 ? 105  LYS B C   1 
ATOM   1204 O O   . LYS B 1 53  ? -1.870  -18.206 -18.795 1.00 33.87 ? 105  LYS B O   1 
ATOM   1205 C CB  . LYS B 1 53  ? -2.713  -16.320 -21.362 1.00 33.97 ? 105  LYS B CB  1 
ATOM   1206 C CG  . LYS B 1 53  ? -2.978  -17.722 -21.881 1.00 37.23 ? 105  LYS B CG  1 
ATOM   1207 C CD  . LYS B 1 53  ? -3.315  -17.697 -23.359 1.00 40.03 ? 105  LYS B CD  1 
ATOM   1208 C CE  . LYS B 1 53  ? -4.243  -18.842 -23.729 1.00 42.34 ? 105  LYS B CE  1 
ATOM   1209 N NZ  . LYS B 1 53  ? -3.607  -20.164 -23.481 1.00 44.98 ? 105  LYS B NZ  1 
ATOM   1210 N N   . GLN B 1 54  ? -0.401  -16.556 -19.222 1.00 33.72 ? 106  GLN B N   1 
ATOM   1211 C CA  . GLN B 1 54  ? 0.711   -17.244 -18.589 1.00 33.48 ? 106  GLN B CA  1 
ATOM   1212 C C   . GLN B 1 54  ? 0.508   -17.357 -17.083 1.00 33.06 ? 106  GLN B C   1 
ATOM   1213 O O   . GLN B 1 54  ? 0.760   -18.408 -16.500 1.00 32.37 ? 106  GLN B O   1 
ATOM   1214 C CB  . GLN B 1 54  ? 2.023   -16.521 -18.877 1.00 34.39 ? 106  GLN B CB  1 
ATOM   1215 C CG  . GLN B 1 54  ? 3.229   -17.210 -18.274 1.00 37.60 ? 106  GLN B CG  1 
ATOM   1216 C CD  . GLN B 1 54  ? 3.452   -18.590 -18.858 1.00 42.04 ? 106  GLN B CD  1 
ATOM   1217 O OE1 . GLN B 1 54  ? 3.476   -18.762 -20.076 1.00 44.50 ? 106  GLN B OE1 1 
ATOM   1218 N NE2 . GLN B 1 54  ? 3.615   -19.584 -17.990 1.00 43.49 ? 106  GLN B NE2 1 
ATOM   1219 N N   . VAL B 1 55  ? 0.064   -16.269 -16.457 1.00 33.08 ? 107  VAL B N   1 
ATOM   1220 C CA  . VAL B 1 55  ? -0.202  -16.276 -15.020 1.00 32.53 ? 107  VAL B CA  1 
ATOM   1221 C C   . VAL B 1 55  ? -1.268  -17.303 -14.647 1.00 32.94 ? 107  VAL B C   1 
ATOM   1222 O O   . VAL B 1 55  ? -1.110  -18.041 -13.674 1.00 32.53 ? 107  VAL B O   1 
ATOM   1223 C CB  . VAL B 1 55  ? -0.662  -14.899 -14.502 1.00 32.37 ? 107  VAL B CB  1 
ATOM   1224 C CG1 . VAL B 1 55  ? -1.167  -15.026 -13.064 1.00 30.35 ? 107  VAL B CG1 1 
ATOM   1225 C CG2 . VAL B 1 55  ? 0.474   -13.881 -14.599 1.00 32.31 ? 107  VAL B CG2 1 
ATOM   1226 N N   . ARG B 1 56  ? -2.388  -17.288 -15.365 1.00 33.04 ? 108  ARG B N   1 
ATOM   1227 C CA  . ARG B 1 56  ? -3.455  -18.253 -15.117 1.00 32.89 ? 108  ARG B CA  1 
ATOM   1228 C C   . ARG B 1 56  ? -2.971  -19.689 -15.298 1.00 32.36 ? 108  ARG B C   1 
ATOM   1229 O O   . ARG B 1 56  ? -3.283  -20.562 -14.488 1.00 31.93 ? 108  ARG B O   1 
ATOM   1230 C CB  . ARG B 1 56  ? -4.656  -18.004 -16.031 1.00 33.42 ? 108  ARG B CB  1 
ATOM   1231 C CG  . ARG B 1 56  ? -5.762  -19.042 -15.842 1.00 35.86 ? 108  ARG B CG  1 
ATOM   1232 C CD  . ARG B 1 56  ? -6.634  -19.187 -17.070 1.00 41.78 ? 108  ARG B CD  1 
ATOM   1233 N NE  . ARG B 1 56  ? -5.860  -19.432 -18.283 1.00 43.77 ? 108  ARG B NE  1 
ATOM   1234 C CZ  . ARG B 1 56  ? -5.719  -20.624 -18.852 1.00 45.95 ? 108  ARG B CZ  1 
ATOM   1235 N NH1 . ARG B 1 56  ? -6.262  -21.697 -18.295 1.00 46.57 ? 108  ARG B NH1 1 
ATOM   1236 N NH2 . ARG B 1 56  ? -5.024  -20.744 -19.974 1.00 47.56 ? 108  ARG B NH2 1 
ATOM   1237 N N   . THR B 1 57  ? -2.244  -19.940 -16.383 1.00 32.00 ? 109  THR B N   1 
ATOM   1238 C CA  . THR B 1 57  ? -1.725  -21.280 -16.661 1.00 32.59 ? 109  THR B CA  1 
ATOM   1239 C C   . THR B 1 57  ? -0.778  -21.771 -15.558 1.00 32.34 ? 109  THR B C   1 
ATOM   1240 O O   . THR B 1 57  ? -0.862  -22.918 -15.112 1.00 32.24 ? 109  THR B O   1 
ATOM   1241 C CB  . THR B 1 57  ? -1.008  -21.338 -18.029 1.00 32.51 ? 109  THR B CB  1 
ATOM   1242 O OG1 . THR B 1 57  ? -1.952  -21.089 -19.078 1.00 34.04 ? 109  THR B OG1 1 
ATOM   1243 C CG2 . THR B 1 57  ? -0.373  -22.702 -18.249 1.00 32.91 ? 109  THR B CG2 1 
ATOM   1244 N N   . ASP B 1 58  ? 0.132   -20.904 -15.127 1.00 31.80 ? 110  ASP B N   1 
ATOM   1245 C CA  . ASP B 1 58  ? 1.051   -21.246 -14.046 1.00 31.93 ? 110  ASP B CA  1 
ATOM   1246 C C   . ASP B 1 58  ? 0.289   -21.622 -12.780 1.00 31.81 ? 110  ASP B C   1 
ATOM   1247 O O   . ASP B 1 58  ? 0.564   -22.653 -12.165 1.00 30.65 ? 110  ASP B O   1 
ATOM   1248 C CB  . ASP B 1 58  ? 1.995   -20.079 -13.752 1.00 32.34 ? 110  ASP B CB  1 
ATOM   1249 C CG  . ASP B 1 58  ? 3.043   -19.889 -14.830 1.00 34.49 ? 110  ASP B CG  1 
ATOM   1250 O OD1 . ASP B 1 58  ? 3.220   -20.805 -15.665 1.00 37.43 ? 110  ASP B OD1 1 
ATOM   1251 O OD2 . ASP B 1 58  ? 3.697   -18.826 -14.841 1.00 35.75 ? 110  ASP B OD2 1 
ATOM   1252 N N   . VAL B 1 59  ? -0.654  -20.768 -12.383 1.00 31.32 ? 111  VAL B N   1 
ATOM   1253 C CA  . VAL B 1 59  ? -1.461  -21.027 -11.194 1.00 32.13 ? 111  VAL B CA  1 
ATOM   1254 C C   . VAL B 1 59  ? -2.283  -22.309 -11.348 1.00 32.28 ? 111  VAL B C   1 
ATOM   1255 O O   . VAL B 1 59  ? -2.363  -23.128 -10.429 1.00 32.85 ? 111  VAL B O   1 
ATOM   1256 C CB  . VAL B 1 59  ? -2.404  -19.851 -10.869 1.00 32.06 ? 111  VAL B CB  1 
ATOM   1257 C CG1 . VAL B 1 59  ? -3.363  -20.250 -9.760  1.00 31.84 ? 111  VAL B CG1 1 
ATOM   1258 C CG2 . VAL B 1 59  ? -1.595  -18.611 -10.458 1.00 32.46 ? 111  VAL B CG2 1 
ATOM   1259 N N   . GLU B 1 60  ? -2.900  -22.474 -12.508 1.00 32.33 ? 112  GLU B N   1 
ATOM   1260 C CA  . GLU B 1 60  ? -3.718  -23.651 -12.765 1.00 31.89 ? 112  GLU B CA  1 
ATOM   1261 C C   . GLU B 1 60  ? -2.855  -24.900 -12.670 1.00 30.94 ? 112  GLU B C   1 
ATOM   1262 O O   . GLU B 1 60  ? -3.334  -25.975 -12.299 1.00 30.39 ? 112  GLU B O   1 
ATOM   1263 C CB  . GLU B 1 60  ? -4.361  -23.552 -14.146 1.00 31.92 ? 112  GLU B CB  1 
ATOM   1264 C CG  . GLU B 1 60  ? -5.090  -24.809 -14.588 1.00 35.03 ? 112  GLU B CG  1 
ATOM   1265 C CD  . GLU B 1 60  ? -5.453  -24.762 -16.053 1.00 40.52 ? 112  GLU B CD  1 
ATOM   1266 O OE1 . GLU B 1 60  ? -6.247  -23.875 -16.435 1.00 42.42 ? 112  GLU B OE1 1 
ATOM   1267 O OE2 . GLU B 1 60  ? -4.915  -25.583 -16.830 1.00 41.66 ? 112  GLU B OE2 1 
ATOM   1268 N N   . GLY B 1 61  ? -1.567  -24.730 -12.951 1.00 30.29 ? 113  GLY B N   1 
ATOM   1269 C CA  . GLY B 1 61  ? -0.602  -25.821 -12.847 1.00 29.99 ? 113  GLY B CA  1 
ATOM   1270 C C   . GLY B 1 61  ? -0.116  -26.041 -11.428 1.00 30.35 ? 113  GLY B C   1 
ATOM   1271 O O   . GLY B 1 61  ? 0.536   -27.044 -11.134 1.00 29.69 ? 113  GLY B O   1 
ATOM   1272 N N   . GLY B 1 62  ? -0.389  -25.083 -10.550 1.00 30.07 ? 114  GLY B N   1 
ATOM   1273 C CA  . GLY B 1 62  ? -0.169  -25.282 -9.123  1.00 30.71 ? 114  GLY B CA  1 
ATOM   1274 C C   . GLY B 1 62  ? 0.999   -24.498 -8.556  1.00 30.62 ? 114  GLY B C   1 
ATOM   1275 O O   . GLY B 1 62  ? 1.421   -24.738 -7.430  1.00 30.63 ? 114  GLY B O   1 
ATOM   1276 N N   . MET B 1 63  ? 1.549   -23.592 -9.356  1.00 31.09 ? 115  MET B N   1 
ATOM   1277 C CA  . MET B 1 63  ? 2.459   -22.573 -8.845  1.00 31.00 ? 115  MET B CA  1 
ATOM   1278 C C   . MET B 1 63  ? 1.662   -21.581 -8.006  1.00 30.29 ? 115  MET B C   1 
ATOM   1279 O O   . MET B 1 63  ? 0.468   -21.381 -8.246  1.00 29.14 ? 115  MET B O   1 
ATOM   1280 C CB  . MET B 1 63  ? 3.123   -21.828 -10.004 1.00 31.67 ? 115  MET B CB  1 
ATOM   1281 C CG  . MET B 1 63  ? 4.189   -22.616 -10.743 1.00 35.64 ? 115  MET B CG  1 
ATOM   1282 S SD  . MET B 1 63  ? 5.075   -21.558 -11.912 1.00 46.48 ? 115  MET B SD  1 
ATOM   1283 C CE  . MET B 1 63  ? 4.733   -19.940 -11.207 1.00 31.53 ? 115  MET B CE  1 
ATOM   1284 N N   . ALA B 1 64  ? 2.326   -20.930 -7.056  1.00 28.12 ? 116  ALA B N   1 
ATOM   1285 C CA  . ALA B 1 64  ? 1.672   -19.892 -6.271  1.00 28.12 ? 116  ALA B CA  1 
ATOM   1286 C C   . ALA B 1 64  ? 1.311   -18.688 -7.139  1.00 27.77 ? 116  ALA B C   1 
ATOM   1287 O O   . ALA B 1 64  ? 2.016   -18.365 -8.099  1.00 27.97 ? 116  ALA B O   1 
ATOM   1288 C CB  . ALA B 1 64  ? 2.548   -19.469 -5.094  1.00 27.43 ? 116  ALA B CB  1 
ATOM   1289 N N   . PHE B 1 65  ? 0.210   -18.028 -6.796  1.00 27.85 ? 117  PHE B N   1 
ATOM   1290 C CA  . PHE B 1 65  ? -0.230  -16.826 -7.512  1.00 28.32 ? 117  PHE B CA  1 
ATOM   1291 C C   . PHE B 1 65  ? 0.847   -15.735 -7.465  1.00 28.70 ? 117  PHE B C   1 
ATOM   1292 O O   . PHE B 1 65  ? 1.180   -15.140 -8.489  1.00 29.23 ? 117  PHE B O   1 
ATOM   1293 C CB  . PHE B 1 65  ? -1.556  -16.318 -6.935  1.00 28.20 ? 117  PHE B CB  1 
ATOM   1294 C CG  . PHE B 1 65  ? -2.129  -15.119 -7.657  1.00 29.22 ? 117  PHE B CG  1 
ATOM   1295 C CD1 . PHE B 1 65  ? -1.970  -14.967 -9.026  1.00 29.48 ? 117  PHE B CD1 1 
ATOM   1296 C CD2 . PHE B 1 65  ? -2.869  -14.171 -6.967  1.00 27.71 ? 117  PHE B CD2 1 
ATOM   1297 C CE1 . PHE B 1 65  ? -2.517  -13.882 -9.687  1.00 27.91 ? 117  PHE B CE1 1 
ATOM   1298 C CE2 . PHE B 1 65  ? -3.429  -13.083 -7.624  1.00 27.71 ? 117  PHE B CE2 1 
ATOM   1299 C CZ  . PHE B 1 65  ? -3.240  -12.929 -8.982  1.00 28.08 ? 117  PHE B CZ  1 
ATOM   1300 N N   . SER B 1 66  ? 1.460   -15.552 -6.298  1.00 29.03 ? 118  SER B N   1 
ATOM   1301 C CA  . SER B 1 66  ? 2.496   -14.535 -6.133  1.00 29.78 ? 118  SER B CA  1 
ATOM   1302 C C   . SER B 1 66  ? 3.713   -14.874 -6.975  1.00 30.30 ? 118  SER B C   1 
ATOM   1303 O O   . SER B 1 66  ? 4.302   -14.006 -7.620  1.00 30.86 ? 118  SER B O   1 
ATOM   1304 C CB  . SER B 1 66  ? 2.911   -14.417 -4.664  1.00 29.46 ? 118  SER B CB  1 
ATOM   1305 O OG  . SER B 1 66  ? 3.459   -15.636 -4.198  1.00 28.51 ? 118  SER B OG  1 
ATOM   1306 N N   . GLU B 1 67  ? 4.090   -16.146 -6.954  1.00 30.95 ? 119  GLU B N   1 
ATOM   1307 C CA  . GLU B 1 67  ? 5.195   -16.634 -7.756  1.00 31.34 ? 119  GLU B CA  1 
ATOM   1308 C C   . GLU B 1 67  ? 4.937   -16.416 -9.246  1.00 31.22 ? 119  GLU B C   1 
ATOM   1309 O O   . GLU B 1 67  ? 5.833   -16.008 -9.981  1.00 31.17 ? 119  GLU B O   1 
ATOM   1310 C CB  . GLU B 1 67  ? 5.432   -18.114 -7.462  1.00 31.61 ? 119  GLU B CB  1 
ATOM   1311 C CG  . GLU B 1 67  ? 6.512   -18.747 -8.291  1.00 34.67 ? 119  GLU B CG  1 
ATOM   1312 C CD  . GLU B 1 67  ? 6.808   -20.165 -7.853  1.00 38.83 ? 119  GLU B CD  1 
ATOM   1313 O OE1 . GLU B 1 67  ? 5.965   -20.760 -7.138  1.00 40.99 ? 119  GLU B OE1 1 
ATOM   1314 O OE2 . GLU B 1 67  ? 7.878   -20.685 -8.225  1.00 39.59 ? 119  GLU B OE2 1 
ATOM   1315 N N   . ALA B 1 68  ? 3.706   -16.677 -9.684  1.00 30.95 ? 120  ALA B N   1 
ATOM   1316 C CA  . ALA B 1 68  ? 3.307   -16.442 -11.074 1.00 31.15 ? 120  ALA B CA  1 
ATOM   1317 C C   . ALA B 1 68  ? 3.411   -14.970 -11.476 1.00 31.58 ? 120  ALA B C   1 
ATOM   1318 O O   . ALA B 1 68  ? 3.910   -14.644 -12.555 1.00 30.77 ? 120  ALA B O   1 
ATOM   1319 C CB  . ALA B 1 68  ? 1.887   -16.949 -11.312 1.00 31.32 ? 120  ALA B CB  1 
ATOM   1320 N N   . LEU B 1 69  ? 2.896   -14.087 -10.624 1.00 31.26 ? 121  LEU B N   1 
ATOM   1321 C CA  . LEU B 1 69  ? 3.000   -12.653 -10.869 1.00 31.53 ? 121  LEU B CA  1 
ATOM   1322 C C   . LEU B 1 69  ? 4.456   -12.217 -10.987 1.00 31.30 ? 121  LEU B C   1 
ATOM   1323 O O   . LEU B 1 69  ? 4.801   -11.398 -11.836 1.00 31.48 ? 121  LEU B O   1 
ATOM   1324 C CB  . LEU B 1 69  ? 2.307   -11.862 -9.758  1.00 31.61 ? 121  LEU B CB  1 
ATOM   1325 C CG  . LEU B 1 69  ? 0.803   -12.082 -9.565  1.00 31.34 ? 121  LEU B CG  1 
ATOM   1326 C CD1 . LEU B 1 69  ? 0.290   -11.233 -8.408  1.00 30.71 ? 121  LEU B CD1 1 
ATOM   1327 C CD2 . LEU B 1 69  ? 0.044   -11.758 -10.846 1.00 30.44 ? 121  LEU B CD2 1 
ATOM   1328 N N   . SER B 1 70  ? 5.309   -12.768 -10.130 1.00 31.74 ? 122  SER B N   1 
ATOM   1329 C CA  . SER B 1 70  ? 6.667   -12.259 -9.986  1.00 31.38 ? 122  SER B CA  1 
ATOM   1330 C C   . SER B 1 70  ? 7.500   -12.492 -11.244 1.00 31.80 ? 122  SER B C   1 
ATOM   1331 O O   . SER B 1 70  ? 8.630   -12.012 -11.339 1.00 31.51 ? 122  SER B O   1 
ATOM   1332 C CB  . SER B 1 70  ? 7.355   -12.863 -8.757  1.00 31.37 ? 122  SER B CB  1 
ATOM   1333 O OG  . SER B 1 70  ? 7.739   -14.210 -8.984  1.00 30.54 ? 122  SER B OG  1 
ATOM   1334 N N   . LYS B 1 71  ? 6.932   -13.206 -12.213 1.00 32.04 ? 123  LYS B N   1 
ATOM   1335 C CA  . LYS B 1 71  ? 7.617   -13.474 -13.476 1.00 32.08 ? 123  LYS B CA  1 
ATOM   1336 C C   . LYS B 1 71  ? 7.505   -12.312 -14.459 1.00 32.34 ? 123  LYS B C   1 
ATOM   1337 O O   . LYS B 1 71  ? 8.142   -12.321 -15.512 1.00 32.40 ? 123  LYS B O   1 
ATOM   1338 C CB  . LYS B 1 71  ? 7.086   -14.754 -14.127 1.00 32.05 ? 123  LYS B CB  1 
ATOM   1339 C CG  . LYS B 1 71  ? 7.744   -16.029 -13.625 1.00 32.42 ? 123  LYS B CG  1 
ATOM   1340 C CD  . LYS B 1 71  ? 6.870   -17.241 -13.904 1.00 32.94 ? 123  LYS B CD  1 
ATOM   1341 C CE  . LYS B 1 71  ? 6.907   -17.619 -15.375 1.00 33.70 ? 123  LYS B CE  1 
ATOM   1342 N NZ  . LYS B 1 71  ? 6.240   -18.925 -15.636 1.00 30.42 ? 123  LYS B NZ  1 
ATOM   1343 N N   . HIS B 1 72  ? 6.685   -11.320 -14.122 1.00 32.36 ? 124  HIS B N   1 
ATOM   1344 C CA  . HIS B 1 72  ? 6.378   -10.234 -15.049 1.00 31.86 ? 124  HIS B CA  1 
ATOM   1345 C C   . HIS B 1 72  ? 6.623   -8.867  -14.419 1.00 31.71 ? 124  HIS B C   1 
ATOM   1346 O O   . HIS B 1 72  ? 6.196   -8.602  -13.296 1.00 30.79 ? 124  HIS B O   1 
ATOM   1347 C CB  . HIS B 1 72  ? 4.932   -10.343 -15.539 1.00 31.86 ? 124  HIS B CB  1 
ATOM   1348 C CG  . HIS B 1 72  ? 4.551   -11.722 -15.973 1.00 32.07 ? 124  HIS B CG  1 
ATOM   1349 N ND1 . HIS B 1 72  ? 4.731   -12.173 -17.262 1.00 31.08 ? 124  HIS B ND1 1 
ATOM   1350 C CD2 . HIS B 1 72  ? 4.077   -12.777 -15.268 1.00 30.78 ? 124  HIS B CD2 1 
ATOM   1351 C CE1 . HIS B 1 72  ? 4.349   -13.435 -17.342 1.00 32.34 ? 124  HIS B CE1 1 
ATOM   1352 N NE2 . HIS B 1 72  ? 3.941   -13.823 -16.147 1.00 31.89 ? 124  HIS B NE2 1 
ATOM   1353 N N   . LYS B 1 73  ? 7.307   -8.000  -15.152 1.00 31.64 ? 125  LYS B N   1 
ATOM   1354 C CA  . LYS B 1 73  ? 7.801   -6.749  -14.590 1.00 32.54 ? 125  LYS B CA  1 
ATOM   1355 C C   . LYS B 1 73  ? 6.668   -5.848  -14.110 1.00 32.29 ? 125  LYS B C   1 
ATOM   1356 O O   . LYS B 1 73  ? 6.838   -5.076  -13.169 1.00 33.07 ? 125  LYS B O   1 
ATOM   1357 C CB  . LYS B 1 73  ? 8.663   -6.002  -15.610 1.00 32.71 ? 125  LYS B CB  1 
ATOM   1358 C CG  . LYS B 1 73  ? 10.008  -6.651  -15.870 1.00 36.00 ? 125  LYS B CG  1 
ATOM   1359 C CD  . LYS B 1 73  ? 9.854   -8.141  -16.145 1.00 40.73 ? 125  LYS B CD  1 
ATOM   1360 C CE  . LYS B 1 73  ? 11.204  -8.845  -16.129 1.00 42.92 ? 125  LYS B CE  1 
ATOM   1361 N NZ  . LYS B 1 73  ? 11.051  -10.327 -16.093 1.00 45.87 ? 125  LYS B NZ  1 
ATOM   1362 N N   . ILE B 1 74  ? 5.520   -5.930  -14.769 1.00 31.67 ? 126  ILE B N   1 
ATOM   1363 C CA  . ILE B 1 74  ? 4.404   -5.045  -14.452 1.00 31.69 ? 126  ILE B CA  1 
ATOM   1364 C C   . ILE B 1 74  ? 3.912   -5.191  -13.007 1.00 31.52 ? 126  ILE B C   1 
ATOM   1365 O O   . ILE B 1 74  ? 3.246   -4.303  -12.482 1.00 31.58 ? 126  ILE B O   1 
ATOM   1366 C CB  . ILE B 1 74  ? 3.223   -5.243  -15.418 1.00 31.50 ? 126  ILE B CB  1 
ATOM   1367 C CG1 . ILE B 1 74  ? 2.153   -4.179  -15.166 1.00 32.52 ? 126  ILE B CG1 1 
ATOM   1368 C CG2 . ILE B 1 74  ? 2.637   -6.640  -15.264 1.00 31.18 ? 126  ILE B CG2 1 
ATOM   1369 C CD1 . ILE B 1 74  ? 1.349   -3.812  -16.393 1.00 35.26 ? 126  ILE B CD1 1 
ATOM   1370 N N   . PHE B 1 75  ? 4.211   -6.322  -12.378 1.00 31.18 ? 127  PHE B N   1 
ATOM   1371 C CA  . PHE B 1 75  ? 3.836   -6.519  -10.978 1.00 31.23 ? 127  PHE B CA  1 
ATOM   1372 C C   . PHE B 1 75  ? 5.008   -6.209  -10.042 1.00 31.80 ? 127  PHE B C   1 
ATOM   1373 O O   . PHE B 1 75  ? 6.030   -6.896  -10.055 1.00 31.57 ? 127  PHE B O   1 
ATOM   1374 C CB  . PHE B 1 75  ? 3.306   -7.934  -10.749 1.00 30.59 ? 127  PHE B CB  1 
ATOM   1375 C CG  . PHE B 1 75  ? 2.120   -8.285  -11.611 1.00 30.56 ? 127  PHE B CG  1 
ATOM   1376 C CD1 . PHE B 1 75  ? 2.252   -9.180  -12.668 1.00 26.21 ? 127  PHE B CD1 1 
ATOM   1377 C CD2 . PHE B 1 75  ? 0.873   -7.728  -11.360 1.00 28.68 ? 127  PHE B CD2 1 
ATOM   1378 C CE1 . PHE B 1 75  ? 1.164   -9.496  -13.471 1.00 26.42 ? 127  PHE B CE1 1 
ATOM   1379 C CE2 . PHE B 1 75  ? -0.221  -8.043  -12.153 1.00 29.77 ? 127  PHE B CE2 1 
ATOM   1380 C CZ  . PHE B 1 75  ? -0.074  -8.926  -13.217 1.00 27.31 ? 127  PHE B CZ  1 
ATOM   1381 N N   . SER B 1 76  ? 4.864   -5.147  -9.258  1.00 31.35 ? 128  SER B N   1 
ATOM   1382 C CA  . SER B 1 76  ? 5.965   -4.619  -8.457  1.00 32.13 ? 128  SER B CA  1 
ATOM   1383 C C   . SER B 1 76  ? 6.235   -5.490  -7.233  1.00 32.49 ? 128  SER B C   1 
ATOM   1384 O O   . SER B 1 76  ? 5.450   -6.381  -6.905  1.00 32.41 ? 128  SER B O   1 
ATOM   1385 C CB  . SER B 1 76  ? 5.648   -3.190  -8.009  1.00 31.84 ? 128  SER B CB  1 
ATOM   1386 O OG  . SER B 1 76  ? 4.487   -3.167  -7.191  1.00 31.12 ? 128  SER B OG  1 
ATOM   1387 N N   . ARG B 1 77  ? 7.332   -5.196  -6.539  1.00 32.72 ? 129  ARG B N   1 
ATOM   1388 C CA  . ARG B 1 77  ? 7.652   -5.876  -5.287  1.00 32.94 ? 129  ARG B CA  1 
ATOM   1389 C C   . ARG B 1 77  ? 6.532   -5.765  -4.252  1.00 32.14 ? 129  ARG B C   1 
ATOM   1390 O O   . ARG B 1 77  ? 6.223   -6.733  -3.566  1.00 31.24 ? 129  ARG B O   1 
ATOM   1391 C CB  . ARG B 1 77  ? 8.969   -5.351  -4.706  1.00 33.41 ? 129  ARG B CB  1 
ATOM   1392 C CG  . ARG B 1 77  ? 10.206  -6.038  -5.252  1.00 35.97 ? 129  ARG B CG  1 
ATOM   1393 C CD  . ARG B 1 77  ? 11.463  -5.553  -4.538  1.00 40.64 ? 129  ARG B CD  1 
ATOM   1394 N NE  . ARG B 1 77  ? 12.624  -5.537  -5.425  1.00 44.82 ? 129  ARG B NE  1 
ATOM   1395 C CZ  . ARG B 1 77  ? 13.289  -4.437  -5.771  1.00 47.44 ? 129  ARG B CZ  1 
ATOM   1396 N NH1 . ARG B 1 77  ? 12.922  -3.256  -5.289  1.00 49.45 ? 129  ARG B NH1 1 
ATOM   1397 N NH2 . ARG B 1 77  ? 14.330  -4.518  -6.588  1.00 48.47 ? 129  ARG B NH2 1 
ATOM   1398 N N   . LEU B 1 78  ? 5.931   -4.583  -4.129  1.00 32.25 ? 130  LEU B N   1 
ATOM   1399 C CA  . LEU B 1 78  ? 4.807   -4.403  -3.207  1.00 32.11 ? 130  LEU B CA  1 
ATOM   1400 C C   . LEU B 1 78  ? 3.637   -5.311  -3.584  1.00 31.99 ? 130  LEU B C   1 
ATOM   1401 O O   . LEU B 1 78  ? 3.040   -5.968  -2.730  1.00 32.96 ? 130  LEU B O   1 
ATOM   1402 C CB  . LEU B 1 78  ? 4.352   -2.939  -3.187  1.00 31.98 ? 130  LEU B CB  1 
ATOM   1403 C CG  . LEU B 1 78  ? 3.099   -2.586  -2.380  1.00 32.94 ? 130  LEU B CG  1 
ATOM   1404 C CD1 . LEU B 1 78  ? 3.115   -3.253  -1.016  1.00 33.80 ? 130  LEU B CD1 1 
ATOM   1405 C CD2 . LEU B 1 78  ? 2.970   -1.066  -2.228  1.00 33.89 ? 130  LEU B CD2 1 
ATOM   1406 N N   . TYR B 1 79  ? 3.312   -5.330  -4.871  1.00 31.82 ? 131  TYR B N   1 
ATOM   1407 C CA  . TYR B 1 79  ? 2.200   -6.122  -5.386  1.00 31.59 ? 131  TYR B CA  1 
ATOM   1408 C C   . TYR B 1 79  ? 2.371   -7.601  -5.046  1.00 31.72 ? 131  TYR B C   1 
ATOM   1409 O O   . TYR B 1 79  ? 1.477   -8.225  -4.465  1.00 31.35 ? 131  TYR B O   1 
ATOM   1410 C CB  . TYR B 1 79  ? 2.087   -5.927  -6.901  1.00 31.00 ? 131  TYR B CB  1 
ATOM   1411 C CG  . TYR B 1 79  ? 0.703   -6.157  -7.472  1.00 31.82 ? 131  TYR B CG  1 
ATOM   1412 C CD1 . TYR B 1 79  ? -0.066  -5.093  -7.930  1.00 30.66 ? 131  TYR B CD1 1 
ATOM   1413 C CD2 . TYR B 1 79  ? 0.201   -7.446  -7.630  1.00 30.82 ? 131  TYR B CD2 1 
ATOM   1414 C CE1 . TYR B 1 79  ? -1.321  -5.303  -8.476  1.00 32.66 ? 131  TYR B CE1 1 
ATOM   1415 C CE2 . TYR B 1 79  ? -1.048  -7.665  -8.186  1.00 31.23 ? 131  TYR B CE2 1 
ATOM   1416 C CZ  . TYR B 1 79  ? -1.801  -6.595  -8.611  1.00 31.96 ? 131  TYR B CZ  1 
ATOM   1417 O OH  . TYR B 1 79  ? -3.042  -6.813  -9.165  1.00 33.77 ? 131  TYR B OH  1 
ATOM   1418 N N   . VAL B 1 80  ? 3.547   -8.141  -5.352  1.00 31.88 ? 132  VAL B N   1 
ATOM   1419 C CA  . VAL B 1 80  ? 3.857   -9.547  -5.080  1.00 31.47 ? 132  VAL B CA  1 
ATOM   1420 C C   . VAL B 1 80  ? 3.878   -9.847  -3.577  1.00 32.31 ? 132  VAL B C   1 
ATOM   1421 O O   . VAL B 1 80  ? 3.326   -10.855 -3.125  1.00 31.24 ? 132  VAL B O   1 
ATOM   1422 C CB  . VAL B 1 80  ? 5.212   -9.946  -5.705  1.00 31.92 ? 132  VAL B CB  1 
ATOM   1423 C CG1 . VAL B 1 80  ? 5.637   -11.335 -5.242  1.00 31.27 ? 132  VAL B CG1 1 
ATOM   1424 C CG2 . VAL B 1 80  ? 5.136   -9.874  -7.223  1.00 31.15 ? 132  VAL B CG2 1 
ATOM   1425 N N   . ASN B 1 81  ? 4.473   -8.944  -2.801  1.00 31.60 ? 133  ASN B N   1 
ATOM   1426 C CA  . ASN B 1 81  ? 4.477   -9.077  -1.347  1.00 32.10 ? 133  ASN B CA  1 
ATOM   1427 C C   . ASN B 1 81  ? 3.077   -9.129  -0.739  1.00 31.38 ? 133  ASN B C   1 
ATOM   1428 O O   . ASN B 1 81  ? 2.818   -9.906  0.184   1.00 31.40 ? 133  ASN B O   1 
ATOM   1429 C CB  . ASN B 1 81  ? 5.279   -7.946  -0.699  1.00 31.94 ? 133  ASN B CB  1 
ATOM   1430 C CG  . ASN B 1 81  ? 5.127   -7.919  0.813   1.00 33.86 ? 133  ASN B CG  1 
ATOM   1431 O OD1 . ASN B 1 81  ? 4.130   -7.423  1.343   1.00 36.78 ? 133  ASN B OD1 1 
ATOM   1432 N ND2 . ASN B 1 81  ? 6.121   -8.445  1.514   1.00 34.05 ? 133  ASN B ND2 1 
ATOM   1433 N N   . LEU B 1 82  ? 2.193   -8.253  -1.203  1.00 30.52 ? 134  LEU B N   1 
ATOM   1434 C CA  . LEU B 1 82  ? 0.841   -8.210  -0.659  1.00 29.77 ? 134  LEU B CA  1 
ATOM   1435 C C   . LEU B 1 82  ? 0.030   -9.427  -1.116  1.00 29.49 ? 134  LEU B C   1 
ATOM   1436 O O   . LEU B 1 82  ? -0.758  -9.984  -0.350  1.00 28.63 ? 134  LEU B O   1 
ATOM   1437 C CB  . LEU B 1 82  ? 0.138   -6.903  -1.037  1.00 28.86 ? 134  LEU B CB  1 
ATOM   1438 C CG  . LEU B 1 82  ? 0.645   -5.643  -0.325  1.00 29.64 ? 134  LEU B CG  1 
ATOM   1439 C CD1 . LEU B 1 82  ? -0.257  -4.467  -0.611  1.00 28.96 ? 134  LEU B CD1 1 
ATOM   1440 C CD2 . LEU B 1 82  ? 0.764   -5.862  1.183   1.00 27.89 ? 134  LEU B CD2 1 
ATOM   1441 N N   . VAL B 1 83  ? 0.250   -9.854  -2.353  1.00 30.01 ? 135  VAL B N   1 
ATOM   1442 C CA  . VAL B 1 83  ? -0.411  -11.054 -2.874  1.00 30.40 ? 135  VAL B CA  1 
ATOM   1443 C C   . VAL B 1 83  ? 0.040   -12.311 -2.133  1.00 30.83 ? 135  VAL B C   1 
ATOM   1444 O O   . VAL B 1 83  ? -0.783  -13.130 -1.724  1.00 30.97 ? 135  VAL B O   1 
ATOM   1445 C CB  . VAL B 1 83  ? -0.193  -11.210 -4.388  1.00 30.44 ? 135  VAL B CB  1 
ATOM   1446 C CG1 . VAL B 1 83  ? -0.528  -12.637 -4.840  1.00 29.57 ? 135  VAL B CG1 1 
ATOM   1447 C CG2 . VAL B 1 83  ? -1.042  -10.195 -5.146  1.00 30.53 ? 135  VAL B CG2 1 
ATOM   1448 N N   . ARG B 1 84  ? 1.347   -12.436 -1.923  1.00 31.55 ? 136  ARG B N   1 
ATOM   1449 C CA  . ARG B 1 84  ? 1.900   -13.507 -1.095  1.00 32.00 ? 136  ARG B CA  1 
ATOM   1450 C C   . ARG B 1 84  ? 1.219   -13.628 0.271   1.00 32.00 ? 136  ARG B C   1 
ATOM   1451 O O   . ARG B 1 84  ? 0.991   -14.734 0.759   1.00 31.79 ? 136  ARG B O   1 
ATOM   1452 C CB  . ARG B 1 84  ? 3.404   -13.314 -0.903  1.00 32.58 ? 136  ARG B CB  1 
ATOM   1453 C CG  . ARG B 1 84  ? 4.046   -14.356 -0.005  1.00 33.84 ? 136  ARG B CG  1 
ATOM   1454 C CD  . ARG B 1 84  ? 3.877   -15.739 -0.605  1.00 36.49 ? 136  ARG B CD  1 
ATOM   1455 N NE  . ARG B 1 84  ? 4.241   -16.802 0.326   1.00 36.42 ? 136  ARG B NE  1 
ATOM   1456 C CZ  . ARG B 1 84  ? 3.940   -18.083 0.140   1.00 38.05 ? 136  ARG B CZ  1 
ATOM   1457 N NH1 . ARG B 1 84  ? 3.263   -18.452 -0.942  1.00 36.85 ? 136  ARG B NH1 1 
ATOM   1458 N NH2 . ARG B 1 84  ? 4.309   -18.994 1.032   1.00 35.17 ? 136  ARG B NH2 1 
ATOM   1459 N N   . ALA B 1 85  ? 0.946   -12.492 0.909   1.00 31.70 ? 137  ALA B N   1 
ATOM   1460 C CA  . ALA B 1 85  ? 0.263   -12.488 2.203   1.00 31.44 ? 137  ALA B CA  1 
ATOM   1461 C C   . ALA B 1 85  ? -1.170  -12.991 2.069   1.00 31.48 ? 137  ALA B C   1 
ATOM   1462 O O   . ALA B 1 85  ? -1.648  -13.773 2.895   1.00 30.93 ? 137  ALA B O   1 
ATOM   1463 C CB  . ALA B 1 85  ? 0.276   -11.088 2.811   1.00 31.05 ? 137  ALA B CB  1 
ATOM   1464 N N   . GLY B 1 86  ? -1.865  -12.509 1.044   1.00 31.23 ? 138  GLY B N   1 
ATOM   1465 C CA  . GLY B 1 86  ? -3.225  -12.954 0.773   1.00 32.68 ? 138  GLY B CA  1 
ATOM   1466 C C   . GLY B 1 86  ? -3.295  -14.448 0.519   1.00 32.80 ? 138  GLY B C   1 
ATOM   1467 O O   . GLY B 1 86  ? -4.201  -15.121 1.006   1.00 33.07 ? 138  GLY B O   1 
ATOM   1468 N N   . GLU B 1 87  ? -2.334  -14.968 -0.238  1.00 34.05 ? 139  GLU B N   1 
ATOM   1469 C CA  . GLU B 1 87  ? -2.281  -16.399 -0.543  1.00 35.50 ? 139  GLU B CA  1 
ATOM   1470 C C   . GLU B 1 87  ? -2.203  -17.223 0.732   1.00 36.37 ? 139  GLU B C   1 
ATOM   1471 O O   . GLU B 1 87  ? -2.546  -18.405 0.737   1.00 36.29 ? 139  GLU B O   1 
ATOM   1472 C CB  . GLU B 1 87  ? -1.065  -16.732 -1.412  1.00 35.21 ? 139  GLU B CB  1 
ATOM   1473 C CG  . GLU B 1 87  ? -1.024  -16.014 -2.735  1.00 36.46 ? 139  GLU B CG  1 
ATOM   1474 C CD  . GLU B 1 87  ? 0.241   -16.307 -3.517  1.00 37.27 ? 139  GLU B CD  1 
ATOM   1475 O OE1 . GLU B 1 87  ? 1.224   -16.809 -2.921  1.00 36.40 ? 139  GLU B OE1 1 
ATOM   1476 O OE2 . GLU B 1 87  ? 0.251   -16.023 -4.733  1.00 39.05 ? 139  GLU B OE2 1 
ATOM   1477 N N   . THR B 1 88  ? -1.695  -16.608 1.796   1.00 37.97 ? 140  THR B N   1 
ATOM   1478 C CA  . THR B 1 88  ? -1.307  -17.337 3.000   1.00 39.26 ? 140  THR B CA  1 
ATOM   1479 C C   . THR B 1 88  ? -2.377  -17.258 4.085   1.00 39.82 ? 140  THR B C   1 
ATOM   1480 O O   . THR B 1 88  ? -2.641  -18.236 4.782   1.00 39.66 ? 140  THR B O   1 
ATOM   1481 C CB  . THR B 1 88  ? 0.017   -16.798 3.573   1.00 39.48 ? 140  THR B CB  1 
ATOM   1482 O OG1 . THR B 1 88  ? 1.076   -17.023 2.634   1.00 40.88 ? 140  THR B OG1 1 
ATOM   1483 C CG2 . THR B 1 88  ? 0.352   -17.489 4.886   1.00 40.16 ? 140  THR B CG2 1 
ATOM   1484 N N   . SER B 1 89  ? -2.980  -16.084 4.231   1.00 41.12 ? 141  SER B N   1 
ATOM   1485 C CA  . SER B 1 89  ? -4.004  -15.868 5.246   1.00 42.26 ? 141  SER B CA  1 
ATOM   1486 C C   . SER B 1 89  ? -5.393  -16.107 4.672   1.00 42.79 ? 141  SER B C   1 
ATOM   1487 O O   . SER B 1 89  ? -6.259  -16.675 5.338   1.00 43.60 ? 141  SER B O   1 
ATOM   1488 C CB  . SER B 1 89  ? -3.914  -14.449 5.803   1.00 42.16 ? 141  SER B CB  1 
ATOM   1489 O OG  . SER B 1 89  ? -4.444  -13.514 4.881   1.00 44.06 ? 141  SER B OG  1 
ATOM   1490 N N   . GLY B 1 90  ? -5.609  -15.655 3.441   1.00 43.19 ? 142  GLY B N   1 
ATOM   1491 C CA  . GLY B 1 90  ? -6.830  -15.983 2.715   1.00 43.49 ? 142  GLY B CA  1 
ATOM   1492 C C   . GLY B 1 90  ? -7.550  -14.775 2.144   1.00 43.95 ? 142  GLY B C   1 
ATOM   1493 O O   . GLY B 1 90  ? -8.408  -14.914 1.269   1.00 44.32 ? 142  GLY B O   1 
ATOM   1494 N N   . GLY B 1 91  ? -7.198  -13.587 2.629   1.00 43.75 ? 143  GLY B N   1 
ATOM   1495 C CA  . GLY B 1 91  ? -7.932  -12.372 2.282   1.00 43.38 ? 143  GLY B CA  1 
ATOM   1496 C C   . GLY B 1 91  ? -7.423  -11.699 1.020   1.00 42.90 ? 143  GLY B C   1 
ATOM   1497 O O   . GLY B 1 91  ? -7.136  -10.500 1.016   1.00 42.79 ? 143  GLY B O   1 
ATOM   1498 N N   . LEU B 1 92  ? -7.312  -12.468 -0.059  1.00 42.14 ? 144  LEU B N   1 
ATOM   1499 C CA  . LEU B 1 92  ? -6.905  -11.916 -1.347  1.00 41.26 ? 144  LEU B CA  1 
ATOM   1500 C C   . LEU B 1 92  ? -7.859  -10.822 -1.809  1.00 40.40 ? 144  LEU B C   1 
ATOM   1501 O O   . LEU B 1 92  ? -7.461  -9.901  -2.519  1.00 40.72 ? 144  LEU B O   1 
ATOM   1502 C CB  . LEU B 1 92  ? -6.829  -13.011 -2.410  1.00 40.70 ? 144  LEU B CB  1 
ATOM   1503 C CG  . LEU B 1 92  ? -5.449  -13.602 -2.693  1.00 41.54 ? 144  LEU B CG  1 
ATOM   1504 C CD1 . LEU B 1 92  ? -5.573  -14.759 -3.668  1.00 41.36 ? 144  LEU B CD1 1 
ATOM   1505 C CD2 . LEU B 1 92  ? -4.495  -12.536 -3.227  1.00 39.92 ? 144  LEU B CD2 1 
ATOM   1506 N N   . ASP B 1 93  ? -9.129  -10.949 -1.446  1.00 40.15 ? 145  ASP B N   1 
ATOM   1507 C CA  . ASP B 1 93  ? -10.130 -9.974  -1.864  1.00 40.07 ? 145  ASP B CA  1 
ATOM   1508 C C   . ASP B 1 93  ? -9.879  -8.610  -1.229  1.00 39.32 ? 145  ASP B C   1 
ATOM   1509 O O   . ASP B 1 93  ? -9.922  -7.583  -1.907  1.00 37.69 ? 145  ASP B O   1 
ATOM   1510 C CB  . ASP B 1 93  ? -11.549 -10.467 -1.553  1.00 40.80 ? 145  ASP B CB  1 
ATOM   1511 C CG  . ASP B 1 93  ? -11.786 -10.677 -0.068  1.00 42.97 ? 145  ASP B CG  1 
ATOM   1512 O OD1 . ASP B 1 93  ? -10.824 -11.002 0.658   1.00 45.73 ? 145  ASP B OD1 1 
ATOM   1513 O OD2 . ASP B 1 93  ? -12.944 -10.527 0.375   1.00 48.60 ? 145  ASP B OD2 1 
ATOM   1514 N N   . LEU B 1 94  ? -9.610  -8.601  0.072   1.00 39.30 ? 146  LEU B N   1 
ATOM   1515 C CA  . LEU B 1 94  ? -9.285  -7.353  0.752   1.00 39.99 ? 146  LEU B CA  1 
ATOM   1516 C C   . LEU B 1 94  ? -7.973  -6.784  0.221   1.00 39.09 ? 146  LEU B C   1 
ATOM   1517 O O   . LEU B 1 94  ? -7.856  -5.582  -0.015  1.00 39.12 ? 146  LEU B O   1 
ATOM   1518 C CB  . LEU B 1 94  ? -9.206  -7.559  2.267   1.00 40.50 ? 146  LEU B CB  1 
ATOM   1519 C CG  . LEU B 1 94  ? -8.876  -6.311  3.091   1.00 42.82 ? 146  LEU B CG  1 
ATOM   1520 C CD1 . LEU B 1 94  ? -7.468  -5.818  2.771   1.00 44.80 ? 146  LEU B CD1 1 
ATOM   1521 C CD2 . LEU B 1 94  ? -9.899  -5.208  2.846   1.00 44.18 ? 146  LEU B CD2 1 
ATOM   1522 N N   . ILE B 1 95  ? -6.998  -7.660  0.010   1.00 38.73 ? 147  ILE B N   1 
ATOM   1523 C CA  . ILE B 1 95  ? -5.688  -7.227  -0.461  1.00 37.95 ? 147  ILE B CA  1 
ATOM   1524 C C   . ILE B 1 95  ? -5.823  -6.535  -1.811  1.00 37.49 ? 147  ILE B C   1 
ATOM   1525 O O   . ILE B 1 95  ? -5.363  -5.409  -1.993  1.00 37.56 ? 147  ILE B O   1 
ATOM   1526 C CB  . ILE B 1 95  ? -4.704  -8.410  -0.584  1.00 37.90 ? 147  ILE B CB  1 
ATOM   1527 C CG1 . ILE B 1 95  ? -4.340  -8.952  0.799   1.00 38.42 ? 147  ILE B CG1 1 
ATOM   1528 C CG2 . ILE B 1 95  ? -3.443  -7.984  -1.337  1.00 36.75 ? 147  ILE B CG2 1 
ATOM   1529 C CD1 . ILE B 1 95  ? -3.511  -8.004  1.623   1.00 39.35 ? 147  ILE B CD1 1 
ATOM   1530 N N   . LEU B 1 96  ? -6.492  -7.194  -2.751  1.00 37.67 ? 148  LEU B N   1 
ATOM   1531 C CA  . LEU B 1 96  ? -6.627  -6.638  -4.091  1.00 37.30 ? 148  LEU B CA  1 
ATOM   1532 C C   . LEU B 1 96  ? -7.435  -5.344  -4.097  1.00 36.71 ? 148  LEU B C   1 
ATOM   1533 O O   . LEU B 1 96  ? -7.144  -4.433  -4.863  1.00 36.07 ? 148  LEU B O   1 
ATOM   1534 C CB  . LEU B 1 96  ? -7.214  -7.667  -5.059  1.00 38.00 ? 148  LEU B CB  1 
ATOM   1535 C CG  . LEU B 1 96  ? -6.138  -8.481  -5.780  1.00 39.75 ? 148  LEU B CG  1 
ATOM   1536 C CD1 . LEU B 1 96  ? -6.641  -9.869  -6.123  1.00 42.20 ? 148  LEU B CD1 1 
ATOM   1537 C CD2 . LEU B 1 96  ? -5.667  -7.739  -7.030  1.00 38.42 ? 148  LEU B CD2 1 
ATOM   1538 N N   . ASP B 1 97  ? -8.396  -5.226  -3.188  1.00 36.11 ? 149  ASP B N   1 
ATOM   1539 C CA  . ASP B 1 97  ? -9.115  -3.965  -3.044  1.00 37.34 ? 149  ASP B CA  1 
ATOM   1540 C C   . ASP B 1 97  ? -8.201  -2.815  -2.613  1.00 37.40 ? 149  ASP B C   1 
ATOM   1541 O O   . ASP B 1 97  ? -8.293  -1.712  -3.147  1.00 37.19 ? 149  ASP B O   1 
ATOM   1542 C CB  . ASP B 1 97  ? -10.285 -4.096  -2.075  1.00 38.16 ? 149  ASP B CB  1 
ATOM   1543 C CG  . ASP B 1 97  ? -10.861 -2.747  -1.684  1.00 40.41 ? 149  ASP B CG  1 
ATOM   1544 O OD1 . ASP B 1 97  ? -10.409 -2.180  -0.663  1.00 40.50 ? 149  ASP B OD1 1 
ATOM   1545 O OD2 . ASP B 1 97  ? -11.705 -2.220  -2.440  1.00 40.49 ? 149  ASP B OD2 1 
ATOM   1546 N N   . ARG B 1 98  ? -7.311  -3.075  -1.660  1.00 38.41 ? 150  ARG B N   1 
ATOM   1547 C CA  . ARG B 1 98  ? -6.343  -2.066  -1.224  1.00 39.29 ? 150  ARG B CA  1 
ATOM   1548 C C   . ARG B 1 98  ? -5.404  -1.661  -2.359  1.00 38.84 ? 150  ARG B C   1 
ATOM   1549 O O   . ARG B 1 98  ? -5.173  -0.477  -2.593  1.00 39.17 ? 150  ARG B O   1 
ATOM   1550 C CB  . ARG B 1 98  ? -5.518  -2.582  -0.042  1.00 39.72 ? 150  ARG B CB  1 
ATOM   1551 C CG  . ARG B 1 98  ? -6.341  -3.103  1.125   1.00 42.52 ? 150  ARG B CG  1 
ATOM   1552 C CD  . ARG B 1 98  ? -7.308  -2.053  1.623   1.00 46.45 ? 150  ARG B CD  1 
ATOM   1553 N NE  . ARG B 1 98  ? -7.988  -2.469  2.847   1.00 49.17 ? 150  ARG B NE  1 
ATOM   1554 C CZ  . ARG B 1 98  ? -9.309  -2.474  3.000   1.00 51.35 ? 150  ARG B CZ  1 
ATOM   1555 N NH1 . ARG B 1 98  ? -10.094 -2.097  2.000   1.00 52.06 ? 150  ARG B NH1 1 
ATOM   1556 N NH2 . ARG B 1 98  ? -9.844  -2.849  4.154   1.00 51.35 ? 150  ARG B NH2 1 
ATOM   1557 N N   . LEU B 1 99  ? -4.829  -2.653  -3.029  1.00 39.05 ? 151  LEU B N   1 
ATOM   1558 C CA  . LEU B 1 99  ? -3.923  -2.395  -4.146  1.00 38.87 ? 151  LEU B CA  1 
ATOM   1559 C C   . LEU B 1 99  ? -4.610  -1.573  -5.230  1.00 39.03 ? 151  LEU B C   1 
ATOM   1560 O O   . LEU B 1 99  ? -4.064  -0.575  -5.702  1.00 40.17 ? 151  LEU B O   1 
ATOM   1561 C CB  . LEU B 1 99  ? -3.413  -3.710  -4.737  1.00 38.63 ? 151  LEU B CB  1 
ATOM   1562 C CG  . LEU B 1 99  ? -2.330  -4.430  -3.939  1.00 38.45 ? 151  LEU B CG  1 
ATOM   1563 C CD1 . LEU B 1 99  ? -2.206  -5.884  -4.383  1.00 37.71 ? 151  LEU B CD1 1 
ATOM   1564 C CD2 . LEU B 1 99  ? -1.006  -3.698  -4.086  1.00 39.42 ? 151  LEU B CD2 1 
ATOM   1565 N N   . ALA B 1 100 ? -5.808  -1.999  -5.625  1.00 38.78 ? 152  ALA B N   1 
ATOM   1566 C CA  . ALA B 1 100 ? -6.587  -1.291  -6.641  1.00 37.71 ? 152  ALA B CA  1 
ATOM   1567 C C   . ALA B 1 100 ? -6.803  0.181   -6.284  1.00 37.55 ? 152  ALA B C   1 
ATOM   1568 O O   . ALA B 1 100 ? -6.563  1.069   -7.105  1.00 37.74 ? 152  ALA B O   1 
ATOM   1569 C CB  . ALA B 1 100 ? -7.926  -1.988  -6.863  1.00 37.61 ? 152  ALA B CB  1 
ATOM   1570 N N   . SER B 1 101 ? -7.265  0.433   -5.064  1.00 36.86 ? 153  SER B N   1 
ATOM   1571 C CA  . SER B 1 101 ? -7.458  1.803   -4.583  1.00 37.31 ? 153  SER B CA  1 
ATOM   1572 C C   . SER B 1 101 ? -6.190  2.640   -4.747  1.00 37.64 ? 153  SER B C   1 
ATOM   1573 O O   . SER B 1 101 ? -6.236  3.763   -5.249  1.00 37.44 ? 153  SER B O   1 
ATOM   1574 C CB  . SER B 1 101 ? -7.871  1.803   -3.109  1.00 36.97 ? 153  SER B CB  1 
ATOM   1575 O OG  . SER B 1 101 ? -9.141  1.207   -2.930  1.00 37.32 ? 153  SER B OG  1 
ATOM   1576 N N   . PHE B 1 102 ? -5.065  2.100   -4.289  1.00 37.82 ? 154  PHE B N   1 
ATOM   1577 C CA  . PHE B 1 102 ? -3.799  2.825   -4.332  1.00 38.28 ? 154  PHE B CA  1 
ATOM   1578 C C   . PHE B 1 102 ? -3.330  3.060   -5.766  1.00 38.23 ? 154  PHE B C   1 
ATOM   1579 O O   . PHE B 1 102 ? -2.882  4.150   -6.113  1.00 38.13 ? 154  PHE B O   1 
ATOM   1580 C CB  . PHE B 1 102 ? -2.727  2.085   -3.526  1.00 38.16 ? 154  PHE B CB  1 
ATOM   1581 C CG  . PHE B 1 102 ? -1.430  2.828   -3.419  1.00 39.68 ? 154  PHE B CG  1 
ATOM   1582 C CD1 . PHE B 1 102 ? -1.369  4.054   -2.773  1.00 39.58 ? 154  PHE B CD1 1 
ATOM   1583 C CD2 . PHE B 1 102 ? -0.272  2.312   -3.979  1.00 39.75 ? 154  PHE B CD2 1 
ATOM   1584 C CE1 . PHE B 1 102 ? -0.180  4.755   -2.697  1.00 40.49 ? 154  PHE B CE1 1 
ATOM   1585 C CE2 . PHE B 1 102 ? 0.919   3.004   -3.904  1.00 40.16 ? 154  PHE B CE2 1 
ATOM   1586 C CZ  . PHE B 1 102 ? 0.967   4.230   -3.263  1.00 40.57 ? 154  PHE B CZ  1 
ATOM   1587 N N   . LEU B 1 103 ? -3.446  2.031   -6.600  1.00 38.46 ? 155  LEU B N   1 
ATOM   1588 C CA  . LEU B 1 103 ? -3.104  2.146   -8.012  1.00 38.71 ? 155  LEU B CA  1 
ATOM   1589 C C   . LEU B 1 103 ? -3.964  3.196   -8.710  1.00 39.13 ? 155  LEU B C   1 
ATOM   1590 O O   . LEU B 1 103 ? -3.495  3.907   -9.598  1.00 39.10 ? 155  LEU B O   1 
ATOM   1591 C CB  . LEU B 1 103 ? -3.262  0.791   -8.707  1.00 38.34 ? 155  LEU B CB  1 
ATOM   1592 C CG  . LEU B 1 103 ? -2.283  -0.297  -8.258  1.00 39.12 ? 155  LEU B CG  1 
ATOM   1593 C CD1 . LEU B 1 103 ? -2.652  -1.660  -8.830  1.00 39.19 ? 155  LEU B CD1 1 
ATOM   1594 C CD2 . LEU B 1 103 ? -0.861  0.079   -8.635  1.00 39.02 ? 155  LEU B CD2 1 
ATOM   1595 N N   . GLU B 1 104 ? -5.227  3.280   -8.313  1.00 39.49 ? 156  GLU B N   1 
ATOM   1596 C CA  . GLU B 1 104 ? -6.118  4.295   -8.854  1.00 41.62 ? 156  GLU B CA  1 
ATOM   1597 C C   . GLU B 1 104 ? -5.670  5.703   -8.447  1.00 42.21 ? 156  GLU B C   1 
ATOM   1598 O O   . GLU B 1 104 ? -5.668  6.623   -9.265  1.00 42.53 ? 156  GLU B O   1 
ATOM   1599 C CB  . GLU B 1 104 ? -7.568  4.020   -8.435  1.00 41.51 ? 156  GLU B CB  1 
ATOM   1600 C CG  . GLU B 1 104 ? -8.241  2.891   -9.232  1.00 42.10 ? 156  GLU B CG  1 
ATOM   1601 C CD  . GLU B 1 104 ? -9.418  2.255   -8.498  1.00 42.45 ? 156  GLU B CD  1 
ATOM   1602 O OE1 . GLU B 1 104 ? -9.621  2.568   -7.307  1.00 45.20 ? 156  GLU B OE1 1 
ATOM   1603 O OE2 . GLU B 1 104 ? -10.129 1.422   -9.101  1.00 42.83 ? 156  GLU B OE2 1 
ATOM   1604 N N   . LYS B 1 105 ? -5.220  5.851   -7.203  1.00 42.90 ? 157  LYS B N   1 
ATOM   1605 C CA  . LYS B 1 105 ? -4.697  7.135   -6.739  1.00 43.60 ? 157  LYS B CA  1 
ATOM   1606 C C   . LYS B 1 105 ? -3.412  7.494   -7.478  1.00 43.99 ? 157  LYS B C   1 
ATOM   1607 O O   . LYS B 1 105 ? -3.192  8.653   -7.837  1.00 43.07 ? 157  LYS B O   1 
ATOM   1608 C CB  . LYS B 1 105 ? -4.443  7.099   -5.233  1.00 43.98 ? 157  LYS B CB  1 
ATOM   1609 C CG  . LYS B 1 105 ? -5.693  6.853   -4.399  1.00 45.30 ? 157  LYS B CG  1 
ATOM   1610 C CD  . LYS B 1 105 ? -6.658  8.029   -4.481  1.00 48.57 ? 157  LYS B CD  1 
ATOM   1611 C CE  . LYS B 1 105 ? -6.242  9.157   -3.548  1.00 50.47 ? 157  LYS B CE  1 
ATOM   1612 N NZ  . LYS B 1 105 ? -7.122  10.353  -3.694  1.00 52.68 ? 157  LYS B NZ  1 
ATOM   1613 N N   . GLU B 1 106 ? -2.579  6.485   -7.723  1.00 43.84 ? 158  GLU B N   1 
ATOM   1614 C CA  . GLU B 1 106 ? -1.307  6.679   -8.408  1.00 44.97 ? 158  GLU B CA  1 
ATOM   1615 C C   . GLU B 1 106 ? -1.510  7.059   -9.874  1.00 44.96 ? 158  GLU B C   1 
ATOM   1616 O O   . GLU B 1 106 ? -0.702  7.785   -10.458 1.00 44.83 ? 158  GLU B O   1 
ATOM   1617 C CB  . GLU B 1 106 ? -0.456  5.412   -8.312  1.00 45.25 ? 158  GLU B CB  1 
ATOM   1618 C CG  . GLU B 1 106 ? 0.953   5.646   -7.801  1.00 47.80 ? 158  GLU B CG  1 
ATOM   1619 C CD  . GLU B 1 106 ? 1.617   4.370   -7.325  1.00 51.71 ? 158  GLU B CD  1 
ATOM   1620 O OE1 . GLU B 1 106 ? 0.934   3.322   -7.286  1.00 53.49 ? 158  GLU B OE1 1 
ATOM   1621 O OE2 . GLU B 1 106 ? 2.820   4.411   -6.991  1.00 51.97 ? 158  GLU B OE2 1 
ATOM   1622 N N   . LEU B 1 107 ? -2.570  6.535   -10.478 1.00 44.70 ? 159  LEU B N   1 
ATOM   1623 C CA  . LEU B 1 107 ? -2.874  6.839   -11.871 1.00 45.06 ? 159  LEU B CA  1 
ATOM   1624 C C   . LEU B 1 107 ? -3.147  8.333   -12.072 1.00 45.48 ? 159  LEU B C   1 
ATOM   1625 O O   . LEU B 1 107 ? -2.558  8.967   -12.950 1.00 45.33 ? 159  LEU B O   1 
ATOM   1626 C CB  . LEU B 1 107 ? -4.064  6.010   -12.355 1.00 44.88 ? 159  LEU B CB  1 
ATOM   1627 C CG  . LEU B 1 107 ? -4.419  6.148   -13.838 1.00 44.94 ? 159  LEU B CG  1 
ATOM   1628 C CD1 . LEU B 1 107 ? -3.218  5.816   -14.713 1.00 45.57 ? 159  LEU B CD1 1 
ATOM   1629 C CD2 . LEU B 1 107 ? -5.607  5.264   -14.188 1.00 44.69 ? 159  LEU B CD2 1 
ATOM   1630 N N   . GLU B 1 108 ? -4.045  8.886   -11.261 1.00 45.63 ? 160  GLU B N   1 
ATOM   1631 C CA  . GLU B 1 108 ? -4.337  10.318  -11.307 1.00 47.21 ? 160  GLU B CA  1 
ATOM   1632 C C   . GLU B 1 108 ? -3.068  11.152  -11.169 1.00 47.01 ? 160  GLU B C   1 
ATOM   1633 O O   . GLU B 1 108 ? -2.899  12.170  -11.848 1.00 47.13 ? 160  GLU B O   1 
ATOM   1634 C CB  . GLU B 1 108 ? -5.327  10.705  -10.208 1.00 47.32 ? 160  GLU B CB  1 
ATOM   1635 C CG  . GLU B 1 108 ? -6.239  9.574   -9.770  1.00 50.58 ? 160  GLU B CG  1 
ATOM   1636 C CD  . GLU B 1 108 ? -7.236  10.009  -8.713  1.00 53.55 ? 160  GLU B CD  1 
ATOM   1637 O OE1 . GLU B 1 108 ? -7.248  11.211  -8.371  1.00 56.50 ? 160  GLU B OE1 1 
ATOM   1638 O OE2 . GLU B 1 108 ? -8.004  9.154   -8.225  1.00 55.98 ? 160  GLU B OE2 1 
ATOM   1639 N N   . LEU B 1 109 ? -2.188  10.738  -10.264 1.00 46.34 ? 161  LEU B N   1 
ATOM   1640 C CA  . LEU B 1 109 ? -0.952  11.466  -10.031 1.00 46.01 ? 161  LEU B CA  1 
ATOM   1641 C C   . LEU B 1 109 ? -0.071  11.462  -11.272 1.00 45.42 ? 161  LEU B C   1 
ATOM   1642 O O   . LEU B 1 109 ? 0.430   12.506  -11.692 1.00 45.51 ? 161  LEU B O   1 
ATOM   1643 C CB  . LEU B 1 109 ? -0.195  10.889  -8.832  1.00 46.21 ? 161  LEU B CB  1 
ATOM   1644 C CG  . LEU B 1 109 ? -0.314  11.700  -7.539  1.00 46.89 ? 161  LEU B CG  1 
ATOM   1645 C CD1 . LEU B 1 109 ? -1.765  11.785  -7.074  1.00 48.12 ? 161  LEU B CD1 1 
ATOM   1646 C CD2 . LEU B 1 109 ? 0.578   11.121  -6.448  1.00 47.90 ? 161  LEU B CD2 1 
ATOM   1647 N N   . ARG B 1 110 ? 0.110   10.284  -11.858 1.00 44.57 ? 162  ARG B N   1 
ATOM   1648 C CA  . ARG B 1 110 ? 0.786   10.172  -13.139 1.00 44.30 ? 162  ARG B CA  1 
ATOM   1649 C C   . ARG B 1 110 ? -0.056  10.819  -14.227 1.00 44.03 ? 162  ARG B C   1 
ATOM   1650 O O   . ARG B 1 110 ? 0.386   11.761  -14.879 1.00 44.33 ? 162  ARG B O   1 
ATOM   1651 C CB  . ARG B 1 110 ? 1.062   8.716   -13.475 1.00 44.24 ? 162  ARG B CB  1 
HETATM 1652 O O   . HOH C 2 .   ? -3.043  29.153  11.047  1.00 71.42 ? 2001 HOH A O   1 
HETATM 1653 O O   . HOH C 2 .   ? 0.873   27.266  7.648   1.00 61.73 ? 2002 HOH A O   1 
HETATM 1654 O O   . HOH C 2 .   ? 2.555   21.565  3.306   1.00 28.38 ? 2003 HOH A O   1 
HETATM 1655 O O   . HOH C 2 .   ? -1.393  20.434  3.269   1.00 38.55 ? 2004 HOH A O   1 
HETATM 1656 O O   . HOH C 2 .   ? 7.667   15.472  9.382   1.00 33.30 ? 2005 HOH A O   1 
HETATM 1657 O O   . HOH C 2 .   ? 6.246   22.283  9.373   1.00 48.28 ? 2006 HOH A O   1 
HETATM 1658 O O   . HOH C 2 .   ? 6.840   17.883  10.777  1.00 32.26 ? 2007 HOH A O   1 
HETATM 1659 O O   . HOH C 2 .   ? 15.762  12.829  7.476   1.00 30.07 ? 2008 HOH A O   1 
HETATM 1660 O O   . HOH C 2 .   ? 8.925   13.457  10.649  1.00 30.00 ? 2009 HOH A O   1 
HETATM 1661 O O   . HOH C 2 .   ? 11.349  1.021   2.533   1.00 32.04 ? 2010 HOH A O   1 
HETATM 1662 O O   . HOH C 2 .   ? 16.577  2.256   3.344   1.00 38.31 ? 2011 HOH A O   1 
HETATM 1663 O O   . HOH C 2 .   ? 13.506  5.414   1.564   1.00 28.30 ? 2012 HOH A O   1 
HETATM 1664 O O   . HOH C 2 .   ? 2.521   23.094  6.364   1.00 50.15 ? 2013 HOH A O   1 
HETATM 1665 O O   . HOH C 2 .   ? 14.911  11.489  5.483   1.00 42.71 ? 2014 HOH A O   1 
HETATM 1666 O O   . HOH C 2 .   ? 12.471  -3.243  9.256   1.00 38.24 ? 2015 HOH A O   1 
HETATM 1667 O O   . HOH C 2 .   ? 11.063  -2.943  17.894  1.00 28.03 ? 2016 HOH A O   1 
HETATM 1668 O O   . HOH C 2 .   ? 8.506   -2.573  16.671  1.00 24.03 ? 2017 HOH A O   1 
HETATM 1669 O O   . HOH C 2 .   ? 16.123  -4.305  14.844  1.00 52.65 ? 2018 HOH A O   1 
HETATM 1670 O O   . HOH C 2 .   ? 15.699  3.766   18.319  1.00 26.73 ? 2019 HOH A O   1 
HETATM 1671 O O   . HOH C 2 .   ? 11.018  11.537  23.521  1.00 47.44 ? 2020 HOH A O   1 
HETATM 1672 O O   . HOH C 2 .   ? 15.730  12.278  23.029  1.00 36.87 ? 2021 HOH A O   1 
HETATM 1673 O O   . HOH C 2 .   ? 18.434  12.124  10.243  1.00 32.86 ? 2022 HOH A O   1 
HETATM 1674 O O   . HOH C 2 .   ? 10.236  17.305  9.838   1.00 23.10 ? 2023 HOH A O   1 
HETATM 1675 O O   . HOH C 2 .   ? -0.370  18.103  22.686  1.00 54.24 ? 2024 HOH A O   1 
HETATM 1676 O O   . HOH C 2 .   ? 7.744   18.124  21.633  1.00 46.71 ? 2025 HOH A O   1 
HETATM 1677 O O   . HOH C 2 .   ? -2.030  7.417   18.518  1.00 31.74 ? 2026 HOH A O   1 
HETATM 1678 O O   . HOH C 2 .   ? -0.846  1.019   23.980  1.00 32.71 ? 2027 HOH A O   1 
HETATM 1679 O O   . HOH C 2 .   ? 5.158   -3.402  21.711  1.00 41.87 ? 2028 HOH A O   1 
HETATM 1680 O O   . HOH C 2 .   ? 4.201   -2.965  19.428  1.00 37.04 ? 2029 HOH A O   1 
HETATM 1681 O O   . HOH C 2 .   ? 5.412   -1.971  26.563  1.00 36.14 ? 2030 HOH A O   1 
HETATM 1682 O O   . HOH C 2 .   ? -8.921  7.521   10.720  1.00 43.49 ? 2031 HOH A O   1 
HETATM 1683 O O   . HOH C 2 .   ? -4.086  15.049  17.623  1.00 60.93 ? 2032 HOH A O   1 
HETATM 1684 O O   . HOH C 2 .   ? -7.235  14.261  14.137  1.00 39.42 ? 2033 HOH A O   1 
HETATM 1685 O O   . HOH C 2 .   ? -3.805  15.170  12.507  1.00 24.40 ? 2034 HOH A O   1 
HETATM 1686 O O   . HOH C 2 .   ? -9.052  9.880   7.866   1.00 44.24 ? 2035 HOH A O   1 
HETATM 1687 O O   . HOH C 2 .   ? -2.784  10.641  4.776   1.00 33.21 ? 2036 HOH A O   1 
HETATM 1688 O O   . HOH C 2 .   ? -3.986  9.561   0.502   1.00 57.96 ? 2037 HOH A O   1 
HETATM 1689 O O   . HOH C 2 .   ? -9.655  9.925   4.472   1.00 34.10 ? 2038 HOH A O   1 
HETATM 1690 O O   . HOH C 2 .   ? -8.408  8.156   1.910   1.00 38.71 ? 2039 HOH A O   1 
HETATM 1691 O O   . HOH C 2 .   ? 5.627   -5.513  8.637   1.00 34.92 ? 2040 HOH A O   1 
HETATM 1692 O O   . HOH C 2 .   ? 3.343   -7.754  11.749  1.00 38.32 ? 2041 HOH A O   1 
HETATM 1693 O O   . HOH C 2 .   ? 3.502   -12.766 5.919   1.00 42.39 ? 2042 HOH A O   1 
HETATM 1694 O O   . HOH C 2 .   ? 9.146   -4.199  7.372   1.00 41.36 ? 2043 HOH A O   1 
HETATM 1695 O O   . HOH C 2 .   ? 11.983  -1.031  1.029   1.00 49.07 ? 2044 HOH A O   1 
HETATM 1696 O O   . HOH C 2 .   ? 12.044  -5.954  1.157   1.00 59.15 ? 2045 HOH A O   1 
HETATM 1697 O O   . HOH C 2 .   ? 9.185   -6.572  3.264   1.00 52.82 ? 2046 HOH A O   1 
HETATM 1698 O O   . HOH C 2 .   ? 7.950   -0.415  -2.255  1.00 41.78 ? 2047 HOH A O   1 
HETATM 1699 O O   . HOH C 2 .   ? 7.057   -1.583  -5.017  1.00 24.54 ? 2048 HOH A O   1 
HETATM 1700 O O   . HOH C 2 .   ? 8.570   4.282   -4.565  1.00 47.91 ? 2049 HOH A O   1 
HETATM 1701 O O   . HOH C 2 .   ? 10.303  13.072  1.725   1.00 31.05 ? 2050 HOH A O   1 
HETATM 1702 O O   . HOH C 2 .   ? 6.631   5.441   -7.129  1.00 55.18 ? 2051 HOH A O   1 
HETATM 1703 O O   . HOH C 2 .   ? 2.408   7.777   -9.520  1.00 39.90 ? 2052 HOH A O   1 
HETATM 1704 O O   . HOH C 2 .   ? 2.093   22.396  -2.386  1.00 39.98 ? 2053 HOH A O   1 
HETATM 1705 O O   . HOH D 2 .   ? -0.042  -4.803  -26.533 1.00 31.84 ? 2001 HOH B O   1 
HETATM 1706 O O   . HOH D 2 .   ? 5.962   -1.667  -23.674 1.00 64.14 ? 2002 HOH B O   1 
HETATM 1707 O O   . HOH D 2 .   ? 2.033   4.670   -17.048 1.00 45.01 ? 2003 HOH B O   1 
HETATM 1708 O O   . HOH D 2 .   ? 3.567   2.481   -17.059 1.00 48.74 ? 2004 HOH B O   1 
HETATM 1709 O O   . HOH D 2 .   ? -0.744  3.922   -18.065 1.00 43.03 ? 2005 HOH B O   1 
HETATM 1710 O O   . HOH D 2 .   ? -10.922 4.143   -19.863 1.00 57.95 ? 2006 HOH B O   1 
HETATM 1711 O O   . HOH D 2 .   ? -6.572  -3.824  -17.762 1.00 31.00 ? 2007 HOH B O   1 
HETATM 1712 O O   . HOH D 2 .   ? -8.106  -5.919  -16.895 1.00 28.67 ? 2008 HOH B O   1 
HETATM 1713 O O   . HOH D 2 .   ? -14.933 -3.428  -11.131 1.00 48.69 ? 2009 HOH B O   1 
HETATM 1714 O O   . HOH D 2 .   ? -18.704 -7.749  -3.615  1.00 53.38 ? 2010 HOH B O   1 
HETATM 1715 O O   . HOH D 2 .   ? -10.866 -21.942 -8.621  1.00 43.21 ? 2011 HOH B O   1 
HETATM 1716 O O   . HOH D 2 .   ? -9.065  -20.489 -7.882  1.00 34.04 ? 2012 HOH B O   1 
HETATM 1717 O O   . HOH D 2 .   ? -14.018 -17.977 -15.308 1.00 40.49 ? 2013 HOH B O   1 
HETATM 1718 O O   . HOH D 2 .   ? -17.262 -19.205 -7.400  1.00 51.24 ? 2014 HOH B O   1 
HETATM 1719 O O   . HOH D 2 .   ? -5.955  -14.328 -23.239 1.00 51.39 ? 2015 HOH B O   1 
HETATM 1720 O O   . HOH D 2 .   ? -8.736  -3.432  -19.911 1.00 27.56 ? 2016 HOH B O   1 
HETATM 1721 O O   . HOH D 2 .   ? -5.410  -3.518  -20.659 1.00 34.64 ? 2017 HOH B O   1 
HETATM 1722 O O   . HOH D 2 .   ? -1.028  -7.824  -27.243 1.00 52.99 ? 2018 HOH B O   1 
HETATM 1723 O O   . HOH D 2 .   ? -5.674  -6.378  -28.214 1.00 42.66 ? 2019 HOH B O   1 
HETATM 1724 O O   . HOH D 2 .   ? -9.424  -15.771 -3.027  1.00 36.70 ? 2020 HOH B O   1 
HETATM 1725 O O   . HOH D 2 .   ? -4.458  -24.528 -9.036  1.00 36.08 ? 2021 HOH B O   1 
HETATM 1726 O O   . HOH D 2 .   ? -3.747  -28.375 -13.255 1.00 26.42 ? 2022 HOH B O   1 
HETATM 1727 O O   . HOH D 2 .   ? 5.845   -16.223 -3.829  1.00 48.69 ? 2023 HOH B O   1 
HETATM 1728 O O   . HOH D 2 .   ? 8.858   -19.330 -9.520  1.00 56.67 ? 2024 HOH B O   1 
HETATM 1729 O O   . HOH D 2 .   ? 5.711   -20.802 -3.717  1.00 35.49 ? 2025 HOH B O   1 
HETATM 1730 O O   . HOH D 2 .   ? 3.351   -16.115 -14.882 1.00 33.83 ? 2026 HOH B O   1 
HETATM 1731 O O   . HOH D 2 .   ? 6.370   -10.077 -18.649 1.00 39.20 ? 2027 HOH B O   1 
HETATM 1732 O O   . HOH D 2 .   ? 5.416   -7.244  -17.438 1.00 29.33 ? 2028 HOH B O   1 
HETATM 1733 O O   . HOH D 2 .   ? 1.996   -1.864  -7.691  1.00 18.09 ? 2029 HOH B O   1 
HETATM 1734 O O   . HOH D 2 .   ? 12.874  -4.402  -2.191  1.00 52.38 ? 2030 HOH B O   1 
HETATM 1735 O O   . HOH D 2 .   ? 4.109   -11.069 2.295   1.00 28.25 ? 2031 HOH B O   1 
HETATM 1736 O O   . HOH D 2 .   ? -1.620  -15.228 5.967   1.00 45.13 ? 2032 HOH B O   1 
HETATM 1737 O O   . HOH D 2 .   ? -6.963  -15.991 -1.074  1.00 46.12 ? 2033 HOH B O   1 
HETATM 1738 O O   . HOH D 2 .   ? -13.753 -4.792  -3.639  1.00 50.04 ? 2034 HOH B O   1 
HETATM 1739 O O   . HOH D 2 .   ? -13.357 -2.321  2.242   1.00 47.86 ? 2035 HOH B O   1 
HETATM 1740 O O   . HOH D 2 .   ? -8.146  -2.418  6.726   1.00 46.25 ? 2036 HOH B O   1 
HETATM 1741 O O   . HOH D 2 .   ? -9.565  0.471   -0.626  1.00 40.49 ? 2037 HOH B O   1 
HETATM 1742 O O   . HOH D 2 .   ? -1.067  13.773  -13.976 1.00 37.48 ? 2038 HOH B O   1 
# 
